data_9IKC
#
_entry.id   9IKC
#
_cell.length_a   1.00
_cell.length_b   1.00
_cell.length_c   1.00
_cell.angle_alpha   90.00
_cell.angle_beta   90.00
_cell.angle_gamma   90.00
#
_symmetry.space_group_name_H-M   'P 1'
#
loop_
_entity.id
_entity.type
_entity.pdbx_description
1 polymer '62 kDa protein'
2 water water
#
_entity_poly.entity_id   1
_entity_poly.type   'polypeptide(L)'
_entity_poly.pdbx_seq_one_letter_code
;MSYYHHHHHHDYDIPTTENLYFQGAMNNSVVSLVGGDDAVRRASVFATDHRAPTVYMPQYITTQGVVDTTSDAVTVTFEI
RDKYISAMNNFVLSVDLPEIKGVGKMCYVPYIAYKLIRHVAVNSAADTIWETSGEELFDSCLDNERVMELSGFSRELNDL
STGSSPNDVIKEAACVHAYIKTPFDADKTFSTLKLSDSKVTVTVTLNPVACVMVYDETFDAAKLAKEFPYSMELSFIGYM
VKNLCPRPAFIEMPRRRVEQINHTTAVITDVHACTSLSVYMKPVLSDANNRFISYPGFQQSEGDFVMAFVERLLEDMVIV
SNCYPEGFPETAEIVEVPPSGVVSIQDTDVFVRIDDVPVGMRVFLHTNILVFATRKNSVVYNMSKKFSAITGAYSRATSR
IRFTTAIHSVNIGDASVPVGVWTCQRNVYNGDNRSPEARAKDLFVADPFLKGVDFKNKIDVIARMDVRFGNEVLYSENSA
VSRVFGEILGKTPGVRTLQFNFTPSTFFSPTALNSNVSRGKDKLAVRVTTAHMEAHNPLMYVPRQMVVVCNEVYRLSYDA
GIVAEKVTAQ
;
_entity_poly.pdbx_strand_id   A,B,C
#
# COMPACT_ATOMS: atom_id res chain seq x y z
N ARG A 42 30.93 28.35 -12.29
CA ARG A 42 30.03 27.21 -12.19
C ARG A 42 30.23 26.44 -10.89
N ALA A 43 29.13 26.13 -10.21
CA ALA A 43 29.19 25.35 -8.99
C ALA A 43 29.20 23.86 -9.32
N SER A 44 30.10 23.12 -8.68
CA SER A 44 30.24 21.70 -8.96
C SER A 44 29.07 20.92 -8.39
N VAL A 45 28.59 19.95 -9.17
CA VAL A 45 27.56 19.03 -8.72
C VAL A 45 28.06 17.59 -8.69
N PHE A 46 29.35 17.37 -8.93
CA PHE A 46 29.94 16.04 -8.90
C PHE A 46 30.97 15.86 -7.79
N ALA A 47 31.53 16.94 -7.25
CA ALA A 47 32.54 16.85 -6.21
C ALA A 47 32.28 17.92 -5.17
N THR A 48 32.47 17.56 -3.90
CA THR A 48 32.34 18.48 -2.79
C THR A 48 33.49 18.30 -1.82
N ASP A 49 33.83 19.37 -1.11
CA ASP A 49 34.83 19.32 -0.05
C ASP A 49 34.09 18.98 1.25
N HIS A 50 34.19 17.72 1.65
CA HIS A 50 33.45 17.26 2.83
C HIS A 50 33.96 17.94 4.10
N ARG A 51 33.04 18.17 5.02
CA ARG A 51 33.35 18.73 6.32
C ARG A 51 33.38 17.62 7.37
N ALA A 52 34.31 17.72 8.30
CA ALA A 52 34.35 16.78 9.41
C ALA A 52 33.28 17.16 10.43
N PRO A 53 32.35 16.27 10.76
CA PRO A 53 31.32 16.61 11.74
C PRO A 53 31.89 16.62 13.15
N THR A 54 31.13 17.22 14.06
CA THR A 54 31.49 17.18 15.47
C THR A 54 31.51 15.74 15.96
N VAL A 55 32.46 15.43 16.83
CA VAL A 55 32.63 14.06 17.32
C VAL A 55 31.48 13.72 18.25
N TYR A 56 30.77 12.64 17.94
CA TYR A 56 29.68 12.18 18.79
C TYR A 56 29.55 10.67 18.67
N MET A 57 28.89 10.08 19.67
CA MET A 57 28.57 8.66 19.64
C MET A 57 27.15 8.45 20.14
N PRO A 58 26.24 7.97 19.30
CA PRO A 58 24.89 7.67 19.76
C PRO A 58 24.85 6.38 20.56
N GLN A 59 23.82 6.26 21.39
CA GLN A 59 23.60 5.04 22.15
C GLN A 59 22.12 4.90 22.46
N TYR A 60 21.63 3.66 22.36
CA TYR A 60 20.25 3.37 22.74
C TYR A 60 20.16 3.26 24.26
N ILE A 61 19.20 3.97 24.85
CA ILE A 61 19.01 4.00 26.29
C ILE A 61 17.56 3.65 26.60
N THR A 62 17.36 2.71 27.51
CA THR A 62 16.03 2.26 27.92
C THR A 62 15.87 2.45 29.42
N THR A 63 14.77 3.05 29.83
CA THR A 63 14.50 3.31 31.24
C THR A 63 13.15 2.71 31.62
N GLN A 64 13.04 2.31 32.89
CA GLN A 64 11.83 1.70 33.42
C GLN A 64 10.87 2.78 33.91
N GLY A 65 9.58 2.50 33.77
CA GLY A 65 8.55 3.45 34.16
C GLY A 65 8.04 3.20 35.57
N VAL A 66 7.73 4.28 36.28
CA VAL A 66 7.13 4.23 37.60
C VAL A 66 5.64 4.56 37.44
N VAL A 67 4.79 3.61 37.83
CA VAL A 67 3.35 3.73 37.61
C VAL A 67 2.72 4.38 38.83
N ASP A 68 1.86 5.38 38.59
CA ASP A 68 1.07 6.01 39.62
C ASP A 68 -0.40 5.86 39.27
N THR A 69 -1.14 5.10 40.10
CA THR A 69 -2.55 4.85 39.88
C THR A 69 -3.45 5.57 40.86
N THR A 70 -2.90 6.48 41.68
CA THR A 70 -3.70 7.10 42.72
C THR A 70 -4.71 8.09 42.14
N SER A 71 -4.39 8.70 41.00
CA SER A 71 -5.27 9.70 40.40
C SER A 71 -6.30 9.04 39.50
N ASP A 72 -7.18 9.86 38.91
CA ASP A 72 -8.20 9.35 38.01
C ASP A 72 -7.58 8.72 36.77
N ALA A 73 -6.56 9.34 36.20
CA ALA A 73 -5.87 8.82 35.04
C ALA A 73 -4.52 8.25 35.45
N VAL A 74 -4.22 7.03 35.02
CA VAL A 74 -2.95 6.39 35.34
C VAL A 74 -1.82 7.15 34.66
N THR A 75 -0.74 7.40 35.40
CA THR A 75 0.43 8.06 34.86
C THR A 75 1.65 7.16 35.05
N VAL A 76 2.54 7.18 34.05
CA VAL A 76 3.82 6.50 34.11
C VAL A 76 4.92 7.54 33.89
N THR A 77 5.86 7.61 34.82
CA THR A 77 6.92 8.61 34.80
C THR A 77 8.26 7.94 34.54
N PHE A 78 9.03 8.53 33.63
CA PHE A 78 10.36 8.04 33.28
C PHE A 78 11.37 9.13 33.59
N GLU A 79 12.45 8.77 34.27
CA GLU A 79 13.53 9.70 34.61
C GLU A 79 14.71 9.44 33.68
N ILE A 80 15.19 10.51 33.04
CA ILE A 80 16.38 10.43 32.20
C ILE A 80 17.59 10.52 33.14
N ARG A 81 18.14 9.36 33.50
CA ARG A 81 19.14 9.25 34.56
C ARG A 81 20.57 9.26 34.04
N ASP A 82 20.78 9.55 32.75
CA ASP A 82 22.12 9.56 32.18
C ASP A 82 22.72 10.95 32.28
N LYS A 83 23.89 11.05 32.89
CA LYS A 83 24.61 12.30 33.00
C LYS A 83 25.77 12.42 32.03
N TYR A 84 26.13 11.34 31.34
CA TYR A 84 27.18 11.41 30.33
C TYR A 84 26.69 12.10 29.06
N ILE A 85 25.46 11.81 28.63
CA ILE A 85 25.00 12.25 27.33
C ILE A 85 24.70 13.74 27.33
N SER A 86 24.81 14.35 26.14
CA SER A 86 24.57 15.77 25.96
C SER A 86 23.36 16.08 25.11
N ALA A 87 22.76 15.10 24.45
CA ALA A 87 21.61 15.33 23.58
C ALA A 87 20.79 14.05 23.50
N MET A 88 19.54 14.20 23.04
CA MET A 88 18.62 13.08 22.97
C MET A 88 17.53 13.37 21.96
N ASN A 89 16.98 12.31 21.38
CA ASN A 89 15.79 12.36 20.53
C ASN A 89 15.31 10.93 20.31
N ASN A 90 14.31 10.77 19.43
CA ASN A 90 13.79 9.46 19.04
C ASN A 90 13.26 8.68 20.25
N PHE A 91 12.27 9.25 20.91
CA PHE A 91 11.63 8.62 22.05
C PHE A 91 10.68 7.51 21.58
N VAL A 92 10.76 6.35 22.24
CA VAL A 92 9.88 5.22 21.96
C VAL A 92 9.30 4.72 23.26
N LEU A 93 7.99 4.50 23.28
CA LEU A 93 7.31 3.90 24.42
C LEU A 93 6.97 2.45 24.11
N SER A 94 7.41 1.53 24.96
CA SER A 94 7.14 0.11 24.83
C SER A 94 6.15 -0.31 25.90
N VAL A 95 5.12 -1.04 25.51
CA VAL A 95 4.03 -1.44 26.40
C VAL A 95 3.92 -2.96 26.38
N ASP A 96 3.90 -3.57 27.56
CA ASP A 96 3.73 -5.01 27.68
C ASP A 96 2.25 -5.32 27.88
N LEU A 97 1.66 -6.05 26.94
CA LEU A 97 0.27 -6.46 27.04
C LEU A 97 0.20 -7.84 27.69
N PRO A 98 -0.47 -7.99 28.83
CA PRO A 98 -0.56 -9.31 29.46
C PRO A 98 -1.48 -10.24 28.68
N GLU A 99 -1.31 -11.54 28.92
CA GLU A 99 -2.21 -12.52 28.35
C GLU A 99 -3.62 -12.31 28.87
N ILE A 100 -4.59 -12.47 27.99
CA ILE A 100 -6.00 -12.27 28.32
C ILE A 100 -6.70 -13.63 28.30
N LYS A 101 -7.29 -14.00 29.43
CA LYS A 101 -7.98 -15.27 29.58
C LYS A 101 -9.38 -15.02 30.13
N GLY A 102 -10.28 -15.97 29.87
CA GLY A 102 -11.62 -15.93 30.36
C GLY A 102 -12.62 -16.20 29.26
N VAL A 103 -13.89 -15.94 29.55
CA VAL A 103 -14.98 -16.14 28.60
C VAL A 103 -15.32 -14.81 27.95
N GLY A 104 -15.90 -14.88 26.76
CA GLY A 104 -16.33 -13.71 26.03
C GLY A 104 -15.58 -13.54 24.73
N LYS A 105 -15.95 -12.48 24.02
CA LYS A 105 -15.35 -12.12 22.75
C LYS A 105 -14.64 -10.78 22.89
N MET A 106 -13.42 -10.69 22.36
CA MET A 106 -12.63 -9.48 22.54
C MET A 106 -11.59 -9.38 21.43
N CYS A 107 -11.32 -8.14 21.02
CA CYS A 107 -10.20 -7.82 20.14
C CYS A 107 -9.65 -6.47 20.54
N TYR A 108 -8.39 -6.23 20.15
CA TYR A 108 -7.80 -4.91 20.31
C TYR A 108 -8.15 -4.02 19.14
N VAL A 109 -8.22 -2.71 19.40
CA VAL A 109 -8.34 -1.73 18.33
C VAL A 109 -6.99 -1.66 17.63
N PRO A 110 -6.92 -1.25 16.37
CA PRO A 110 -5.62 -1.08 15.72
C PRO A 110 -4.80 -0.01 16.42
N TYR A 111 -3.48 -0.16 16.36
CA TYR A 111 -2.53 0.80 16.92
C TYR A 111 -2.72 0.95 18.43
N ILE A 112 -2.61 -0.19 19.12
CA ILE A 112 -2.89 -0.24 20.56
C ILE A 112 -2.01 0.75 21.31
N ALA A 113 -0.72 0.79 20.99
CA ALA A 113 0.23 1.57 21.78
C ALA A 113 -0.13 3.06 21.76
N TYR A 114 -0.51 3.58 20.60
CA TYR A 114 -0.88 4.99 20.52
C TYR A 114 -2.21 5.27 21.21
N LYS A 115 -3.19 4.37 21.03
CA LYS A 115 -4.51 4.58 21.65
C LYS A 115 -4.46 4.53 23.16
N LEU A 116 -3.43 3.91 23.75
CA LEU A 116 -3.27 3.90 25.19
C LEU A 116 -2.81 5.24 25.75
N ILE A 117 -2.29 6.12 24.89
CA ILE A 117 -1.68 7.37 25.34
C ILE A 117 -2.71 8.48 25.32
N ARG A 118 -2.94 9.10 26.48
CA ARG A 118 -3.77 10.29 26.55
C ARG A 118 -2.96 11.57 26.44
N HIS A 119 -1.77 11.59 27.04
CA HIS A 119 -0.96 12.80 27.09
C HIS A 119 0.49 12.41 27.38
N VAL A 120 1.42 13.10 26.72
CA VAL A 120 2.85 12.96 26.97
C VAL A 120 3.41 14.33 27.30
N ALA A 121 4.22 14.40 28.35
CA ALA A 121 4.86 15.65 28.74
C ALA A 121 6.33 15.39 29.02
N VAL A 122 7.20 16.23 28.43
CA VAL A 122 8.63 16.21 28.70
C VAL A 122 8.93 17.40 29.60
N ASN A 123 9.44 17.12 30.80
CA ASN A 123 9.65 18.14 31.82
C ASN A 123 11.13 18.23 32.19
N SER A 124 11.54 19.42 32.63
CA SER A 124 12.87 19.64 33.18
C SER A 124 12.70 20.40 34.50
N ALA A 125 12.81 19.68 35.61
CA ALA A 125 12.67 20.25 36.95
C ALA A 125 11.35 21.01 37.10
N ALA A 126 10.26 20.28 36.91
CA ALA A 126 8.90 20.77 37.08
C ALA A 126 8.54 21.88 36.09
N ASP A 127 9.25 21.95 34.96
CA ASP A 127 8.93 22.90 33.90
C ASP A 127 8.79 22.14 32.59
N THR A 128 7.70 22.39 31.87
CA THR A 128 7.40 21.65 30.66
C THR A 128 8.29 22.10 29.51
N ILE A 129 8.95 21.14 28.87
CA ILE A 129 9.73 21.42 27.67
C ILE A 129 8.88 21.25 26.43
N TRP A 130 8.13 20.16 26.36
CA TRP A 130 7.26 19.85 25.23
C TRP A 130 6.19 18.89 25.73
N GLU A 131 4.97 19.06 25.22
CA GLU A 131 3.87 18.17 25.58
C GLU A 131 2.89 18.09 24.43
N THR A 132 2.16 16.99 24.38
CA THR A 132 1.17 16.78 23.34
C THR A 132 0.08 15.87 23.87
N SER A 133 -1.11 15.97 23.26
CA SER A 133 -2.15 15.00 23.51
C SER A 133 -1.87 13.72 22.72
N GLY A 134 -2.49 12.63 23.15
CA GLY A 134 -2.34 11.37 22.44
C GLY A 134 -2.84 11.45 21.01
N GLU A 135 -3.96 12.14 20.80
CA GLU A 135 -4.55 12.21 19.46
C GLU A 135 -3.63 12.95 18.49
N GLU A 136 -3.02 14.05 18.94
CA GLU A 136 -2.12 14.80 18.07
C GLU A 136 -0.89 13.97 17.70
N LEU A 137 -0.33 13.25 18.68
CA LEU A 137 0.80 12.37 18.39
C LEU A 137 0.42 11.29 17.40
N PHE A 138 -0.73 10.66 17.61
CA PHE A 138 -1.21 9.62 16.70
C PHE A 138 -1.40 10.16 15.29
N ASP A 139 -1.98 11.36 15.18
CA ASP A 139 -2.15 11.97 13.87
C ASP A 139 -0.80 12.26 13.21
N SER A 140 0.17 12.73 14.01
CA SER A 140 1.49 13.04 13.46
C SER A 140 2.25 11.79 13.03
N CYS A 141 1.95 10.63 13.60
CA CYS A 141 2.64 9.40 13.24
C CYS A 141 1.91 8.56 12.20
N LEU A 142 0.69 8.92 11.83
CA LEU A 142 -0.16 8.04 11.03
C LEU A 142 0.40 7.77 9.64
N ASP A 143 1.28 8.63 9.12
CA ASP A 143 1.76 8.49 7.76
C ASP A 143 2.83 7.40 7.60
N ASN A 144 3.47 6.97 8.69
CA ASN A 144 4.57 6.02 8.62
C ASN A 144 4.01 4.63 8.90
N GLU A 145 3.87 3.82 7.85
CA GLU A 145 3.21 2.52 7.98
C GLU A 145 4.00 1.55 8.84
N ARG A 146 5.33 1.54 8.71
CA ARG A 146 6.16 0.67 9.54
C ARG A 146 6.02 1.03 11.02
N VAL A 147 6.09 2.33 11.32
CA VAL A 147 6.00 2.78 12.71
C VAL A 147 4.64 2.42 13.29
N MET A 148 3.56 2.66 12.53
CA MET A 148 2.23 2.31 13.01
C MET A 148 2.09 0.80 13.19
N GLU A 149 2.68 0.01 12.29
CA GLU A 149 2.65 -1.44 12.46
C GLU A 149 3.33 -1.85 13.76
N LEU A 150 4.37 -1.13 14.16
CA LEU A 150 5.01 -1.41 15.44
C LEU A 150 4.03 -1.32 16.61
N SER A 151 2.98 -0.50 16.47
CA SER A 151 2.09 -0.21 17.59
C SER A 151 0.99 -1.24 17.78
N GLY A 152 1.06 -2.40 17.13
CA GLY A 152 0.03 -3.41 17.32
C GLY A 152 -1.08 -3.45 16.30
N PHE A 153 -0.73 -3.58 15.01
CA PHE A 153 -1.70 -3.75 13.93
C PHE A 153 -1.45 -5.11 13.29
N SER A 154 -2.26 -6.10 13.68
CA SER A 154 -2.07 -7.46 13.18
C SER A 154 -3.37 -8.25 13.31
N ARG A 155 -3.43 -9.36 12.57
CA ARG A 155 -4.58 -10.24 12.65
C ARG A 155 -4.72 -10.87 14.03
N GLU A 156 -3.59 -11.24 14.65
CA GLU A 156 -3.64 -11.87 15.97
C GLU A 156 -4.20 -10.91 17.02
N LEU A 157 -3.87 -9.62 16.91
CA LEU A 157 -4.26 -8.65 17.94
C LEU A 157 -5.64 -8.07 17.68
N ASN A 158 -6.00 -7.84 16.43
CA ASN A 158 -7.15 -7.00 16.10
C ASN A 158 -8.40 -7.75 15.66
N ASP A 159 -8.29 -9.02 15.29
CA ASP A 159 -9.48 -9.78 14.95
C ASP A 159 -10.14 -10.32 16.22
N LEU A 160 -11.47 -10.42 16.17
CA LEU A 160 -12.22 -10.85 17.35
C LEU A 160 -11.85 -12.27 17.74
N SER A 161 -11.55 -12.46 19.01
CA SER A 161 -11.22 -13.76 19.57
C SER A 161 -12.23 -14.13 20.65
N THR A 162 -12.53 -15.41 20.76
CA THR A 162 -13.58 -15.90 21.64
C THR A 162 -12.98 -16.84 22.68
N GLY A 163 -13.34 -16.63 23.93
CA GLY A 163 -13.06 -17.56 25.01
C GLY A 163 -14.34 -18.21 25.48
N SER A 164 -14.31 -19.54 25.63
CA SER A 164 -15.48 -20.30 26.04
C SER A 164 -15.36 -20.92 27.42
N SER A 165 -14.18 -20.84 28.04
CA SER A 165 -13.95 -21.36 29.37
C SER A 165 -13.10 -20.36 30.13
N PRO A 166 -13.17 -20.36 31.47
CA PRO A 166 -12.35 -19.41 32.24
C PRO A 166 -10.86 -19.57 32.03
N ASN A 167 -10.41 -20.73 31.56
CA ASN A 167 -9.00 -20.96 31.27
C ASN A 167 -8.63 -20.71 29.83
N ASP A 168 -9.60 -20.43 28.96
CA ASP A 168 -9.32 -20.20 27.55
C ASP A 168 -8.54 -18.89 27.38
N VAL A 169 -7.55 -18.91 26.49
CA VAL A 169 -6.72 -17.75 26.22
C VAL A 169 -7.34 -16.98 25.06
N ILE A 170 -7.89 -15.80 25.37
CA ILE A 170 -8.46 -14.96 24.33
C ILE A 170 -7.36 -14.28 23.52
N LYS A 171 -6.39 -13.69 24.21
CA LYS A 171 -5.27 -13.01 23.56
C LYS A 171 -3.98 -13.41 24.26
N GLU A 172 -2.99 -13.82 23.47
CA GLU A 172 -1.66 -14.08 24.02
C GLU A 172 -0.97 -12.77 24.37
N ALA A 173 0.00 -12.86 25.27
CA ALA A 173 0.77 -11.69 25.66
C ALA A 173 1.53 -11.12 24.47
N ALA A 174 1.67 -9.80 24.45
CA ALA A 174 2.31 -9.13 23.33
C ALA A 174 3.01 -7.87 23.83
N CYS A 175 3.96 -7.40 23.04
CA CYS A 175 4.66 -6.14 23.28
C CYS A 175 4.45 -5.23 22.08
N VAL A 176 3.97 -4.02 22.32
CA VAL A 176 3.72 -3.03 21.28
C VAL A 176 4.50 -1.77 21.62
N HIS A 177 4.79 -0.98 20.59
CA HIS A 177 5.65 0.18 20.72
C HIS A 177 5.02 1.38 20.03
N ALA A 178 5.06 2.53 20.71
CA ALA A 178 4.58 3.80 20.17
C ALA A 178 5.78 4.73 20.00
N TYR A 179 6.08 5.08 18.75
CA TYR A 179 7.14 6.05 18.48
C TYR A 179 6.61 7.43 18.85
N ILE A 180 7.21 8.03 19.89
CA ILE A 180 6.76 9.34 20.38
C ILE A 180 7.48 10.38 19.52
N LYS A 181 6.89 10.67 18.38
CA LYS A 181 7.45 11.68 17.48
C LYS A 181 7.44 13.05 18.14
N THR A 182 8.59 13.70 18.15
CA THR A 182 8.80 15.00 18.78
C THR A 182 9.47 15.92 17.78
N PRO A 183 9.38 17.24 18.01
CA PRO A 183 10.16 18.16 17.16
C PRO A 183 11.66 17.91 17.23
N PHE A 184 12.14 17.20 18.26
CA PHE A 184 13.55 16.88 18.38
C PHE A 184 14.03 15.90 17.32
N ASP A 185 13.12 15.23 16.61
CA ASP A 185 13.47 14.33 15.52
C ASP A 185 13.40 14.98 14.16
N ALA A 186 13.04 16.26 14.08
CA ALA A 186 12.73 16.89 12.80
C ALA A 186 13.94 16.88 11.87
N ASP A 187 15.12 17.19 12.38
CA ASP A 187 16.32 17.30 11.56
C ASP A 187 17.47 16.48 12.16
N LYS A 188 17.15 15.30 12.66
CA LYS A 188 18.13 14.34 13.19
C LYS A 188 18.93 15.01 14.30
N THR A 189 20.26 15.06 14.23
CA THR A 189 21.05 15.59 15.34
C THR A 189 20.87 17.09 15.51
N PHE A 190 20.52 17.81 14.44
CA PHE A 190 20.38 19.26 14.53
C PHE A 190 19.26 19.67 15.48
N SER A 191 18.19 18.89 15.54
CA SER A 191 17.02 19.25 16.33
C SER A 191 16.99 18.59 17.70
N THR A 192 18.03 17.84 18.07
CA THR A 192 18.01 17.08 19.31
C THR A 192 17.81 17.98 20.52
N LEU A 193 17.18 17.43 21.56
CA LEU A 193 17.05 18.14 22.83
C LEU A 193 18.39 18.11 23.56
N LYS A 194 18.91 19.28 23.88
CA LYS A 194 20.21 19.39 24.53
C LYS A 194 20.05 19.23 26.04
N LEU A 195 20.94 18.43 26.64
CA LEU A 195 20.94 18.21 28.08
C LEU A 195 22.22 18.78 28.67
N SER A 196 22.08 19.63 29.68
CA SER A 196 23.21 20.23 30.39
C SER A 196 22.97 20.05 31.90
N ASP A 197 23.35 18.89 32.42
CA ASP A 197 23.22 18.57 33.84
C ASP A 197 21.81 18.85 34.34
N SER A 198 20.82 18.47 33.54
CA SER A 198 19.42 18.72 33.85
C SER A 198 18.70 17.40 34.07
N LYS A 199 17.71 17.43 34.96
CA LYS A 199 16.89 16.26 35.26
C LYS A 199 15.65 16.32 34.39
N VAL A 200 15.69 15.63 33.26
CA VAL A 200 14.56 15.56 32.34
C VAL A 200 13.70 14.36 32.71
N THR A 201 12.40 14.58 32.84
CA THR A 201 11.44 13.53 33.13
C THR A 201 10.37 13.50 32.05
N VAL A 202 9.94 12.30 31.66
CA VAL A 202 8.87 12.09 30.71
C VAL A 202 7.70 11.46 31.44
N THR A 203 6.54 12.12 31.38
CA THR A 203 5.33 11.64 32.02
C THR A 203 4.31 11.30 30.94
N VAL A 204 3.79 10.08 30.97
CA VAL A 204 2.79 9.61 30.03
C VAL A 204 1.50 9.37 30.78
N THR A 205 0.44 10.06 30.37
CA THR A 205 -0.89 9.86 30.92
C THR A 205 -1.66 8.92 29.99
N LEU A 206 -2.34 7.94 30.58
CA LEU A 206 -2.93 6.85 29.82
C LEU A 206 -4.46 6.96 29.78
N ASN A 207 -5.01 6.54 28.65
CA ASN A 207 -6.45 6.34 28.55
C ASN A 207 -6.85 5.07 29.29
N PRO A 208 -8.12 4.93 29.64
CA PRO A 208 -8.57 3.67 30.24
C PRO A 208 -8.35 2.52 29.29
N VAL A 209 -8.05 1.34 29.86
CA VAL A 209 -7.69 0.18 29.05
C VAL A 209 -8.86 -0.21 28.15
N ALA A 210 -10.09 0.08 28.56
CA ALA A 210 -11.25 -0.21 27.73
C ALA A 210 -11.21 0.55 26.41
N CYS A 211 -10.50 1.68 26.36
CA CYS A 211 -10.44 2.47 25.14
C CYS A 211 -9.75 1.70 24.00
N VAL A 212 -8.83 0.80 24.33
CA VAL A 212 -8.08 0.06 23.32
C VAL A 212 -8.66 -1.33 23.08
N MET A 213 -9.88 -1.59 23.54
CA MET A 213 -10.48 -2.90 23.45
C MET A 213 -11.86 -2.81 22.81
N VAL A 214 -12.22 -3.86 22.07
CA VAL A 214 -13.57 -4.06 21.54
C VAL A 214 -14.04 -5.43 22.01
N TYR A 215 -15.16 -5.46 22.74
CA TYR A 215 -15.56 -6.68 23.42
C TYR A 215 -17.08 -6.77 23.46
N ASP A 216 -17.57 -7.98 23.69
CA ASP A 216 -18.99 -8.24 23.82
C ASP A 216 -19.42 -8.14 25.28
N GLU A 217 -20.70 -8.42 25.54
CA GLU A 217 -21.24 -8.27 26.89
C GLU A 217 -20.70 -9.33 27.84
N THR A 218 -20.31 -10.49 27.32
CA THR A 218 -19.83 -11.57 28.19
C THR A 218 -18.43 -11.27 28.73
N PHE A 219 -17.59 -10.63 27.93
CA PHE A 219 -16.21 -10.38 28.34
C PHE A 219 -16.17 -9.49 29.57
N ASP A 220 -15.34 -9.88 30.55
CA ASP A 220 -15.21 -9.13 31.80
C ASP A 220 -14.10 -8.09 31.63
N ALA A 221 -14.48 -6.97 31.02
CA ALA A 221 -13.50 -5.90 30.79
C ALA A 221 -13.15 -5.18 32.08
N ALA A 222 -14.10 -5.04 33.00
CA ALA A 222 -13.83 -4.33 34.25
C ALA A 222 -12.79 -5.05 35.09
N LYS A 223 -12.88 -6.38 35.19
CA LYS A 223 -11.90 -7.13 35.96
C LYS A 223 -10.50 -7.01 35.37
N LEU A 224 -10.40 -7.08 34.04
CA LEU A 224 -9.09 -6.97 33.41
C LEU A 224 -8.53 -5.57 33.53
N ALA A 225 -9.39 -4.55 33.48
CA ALA A 225 -8.94 -3.18 33.72
C ALA A 225 -8.43 -3.02 35.15
N LYS A 226 -9.10 -3.67 36.11
CA LYS A 226 -8.65 -3.62 37.50
C LYS A 226 -7.29 -4.29 37.65
N GLU A 227 -7.05 -5.37 36.93
CA GLU A 227 -5.86 -6.19 37.10
C GLU A 227 -4.79 -5.92 36.05
N PHE A 228 -4.93 -4.86 35.26
CA PHE A 228 -3.97 -4.58 34.20
C PHE A 228 -2.64 -4.12 34.79
N PRO A 229 -1.52 -4.81 34.51
CA PRO A 229 -0.21 -4.33 34.93
C PRO A 229 0.35 -3.35 33.91
N TYR A 230 0.60 -2.11 34.34
CA TYR A 230 1.03 -1.04 33.44
C TYR A 230 2.55 -1.07 33.26
N SER A 231 3.05 -2.23 32.83
CA SER A 231 4.48 -2.42 32.64
C SER A 231 4.91 -1.74 31.35
N MET A 232 5.72 -0.69 31.46
CA MET A 232 6.11 0.10 30.30
C MET A 232 7.57 0.52 30.42
N GLU A 233 8.20 0.71 29.26
CA GLU A 233 9.57 1.19 29.17
C GLU A 233 9.63 2.33 28.16
N LEU A 234 10.53 3.27 28.41
CA LEU A 234 10.82 4.35 27.49
C LEU A 234 12.23 4.20 26.95
N SER A 235 12.37 4.28 25.64
CA SER A 235 13.66 4.19 24.97
C SER A 235 13.89 5.44 24.14
N PHE A 236 15.16 5.83 24.02
CA PHE A 236 15.54 7.00 23.24
C PHE A 236 16.99 6.84 22.81
N ILE A 237 17.40 7.71 21.90
CA ILE A 237 18.77 7.73 21.42
C ILE A 237 19.47 8.91 22.10
N GLY A 238 20.44 8.61 22.95
CA GLY A 238 21.28 9.61 23.57
C GLY A 238 22.58 9.77 22.81
N TYR A 239 23.14 10.98 22.84
CA TYR A 239 24.32 11.30 22.06
C TYR A 239 25.44 11.77 22.99
N MET A 240 26.58 11.08 22.92
CA MET A 240 27.79 11.50 23.63
C MET A 240 28.52 12.47 22.73
N VAL A 241 28.39 13.77 23.00
CA VAL A 241 28.88 14.80 22.11
C VAL A 241 30.05 15.52 22.77
N LYS A 242 31.16 15.64 22.03
CA LYS A 242 32.34 16.34 22.50
C LYS A 242 32.25 17.81 22.12
N ASN A 243 32.46 18.69 23.11
CA ASN A 243 32.47 20.14 22.92
C ASN A 243 31.17 20.63 22.28
N LEU A 244 30.08 20.44 22.99
CA LEU A 244 28.76 20.85 22.54
C LEU A 244 28.38 22.16 23.21
N CYS A 245 28.09 23.18 22.41
CA CYS A 245 27.60 24.45 22.91
C CYS A 245 26.14 24.62 22.47
N PRO A 246 25.18 24.47 23.37
CA PRO A 246 23.77 24.53 22.94
C PRO A 246 23.36 25.92 22.51
N ARG A 247 22.70 26.01 21.36
CA ARG A 247 22.13 27.23 20.83
C ARG A 247 20.62 27.25 21.03
N PRO A 248 20.02 28.43 21.15
CA PRO A 248 18.56 28.50 21.27
C PRO A 248 17.88 27.89 20.05
N ALA A 249 16.76 27.22 20.28
CA ALA A 249 16.01 26.56 19.23
C ALA A 249 14.53 26.87 19.36
N PHE A 250 13.81 26.66 18.27
CA PHE A 250 12.36 26.88 18.23
C PHE A 250 11.67 25.54 18.02
N ILE A 251 10.61 25.31 18.81
CA ILE A 251 9.79 24.12 18.68
C ILE A 251 8.32 24.52 18.69
N GLU A 252 7.49 23.67 18.12
CA GLU A 252 6.05 23.88 18.06
C GLU A 252 5.35 22.93 19.02
N MET A 253 4.41 23.46 19.79
CA MET A 253 3.64 22.68 20.74
C MET A 253 2.16 22.76 20.37
N PRO A 254 1.47 21.63 20.20
CA PRO A 254 0.04 21.69 19.87
C PRO A 254 -0.80 22.01 21.10
N ARG A 255 -1.60 23.05 21.00
CA ARG A 255 -2.56 23.41 22.05
C ARG A 255 -3.94 22.98 21.59
N ARG A 256 -4.59 22.14 22.39
CA ARG A 256 -5.82 21.47 22.01
C ARG A 256 -6.97 21.99 22.86
N ARG A 257 -8.06 22.39 22.21
CA ARG A 257 -9.26 22.88 22.88
C ARG A 257 -10.46 22.07 22.41
N VAL A 258 -11.19 21.50 23.35
CA VAL A 258 -12.37 20.69 23.07
C VAL A 258 -13.59 21.43 23.60
N GLU A 259 -14.55 21.70 22.71
CA GLU A 259 -15.74 22.44 23.08
C GLU A 259 -16.77 21.53 23.72
N GLN A 260 -17.81 22.15 24.28
CA GLN A 260 -18.92 21.39 24.85
C GLN A 260 -19.66 20.63 23.77
N ILE A 261 -20.43 19.62 24.20
CA ILE A 261 -21.12 18.74 23.28
C ILE A 261 -22.08 19.55 22.42
N ASN A 262 -21.99 19.36 21.09
CA ASN A 262 -22.80 20.06 20.11
C ASN A 262 -22.64 21.58 20.18
N HIS A 263 -21.45 22.04 20.55
CA HIS A 263 -21.09 23.44 20.42
C HIS A 263 -20.34 23.64 19.11
N THR A 264 -20.63 24.73 18.42
CA THR A 264 -20.07 24.99 17.09
C THR A 264 -19.15 26.21 17.05
N THR A 265 -18.84 26.79 18.21
CA THR A 265 -17.95 27.95 18.28
C THR A 265 -16.87 27.69 19.32
N ALA A 266 -15.62 28.00 18.97
CA ALA A 266 -14.49 27.85 19.86
C ALA A 266 -13.65 29.12 19.83
N VAL A 267 -13.18 29.54 20.99
CA VAL A 267 -12.32 30.72 21.13
C VAL A 267 -11.01 30.28 21.76
N ILE A 268 -9.90 30.58 21.09
CA ILE A 268 -8.57 30.30 21.60
C ILE A 268 -7.92 31.63 21.95
N THR A 269 -7.61 31.82 23.22
CA THR A 269 -7.02 33.06 23.71
C THR A 269 -5.50 32.93 23.80
N ASP A 270 -4.85 34.09 23.89
CA ASP A 270 -3.39 34.18 24.05
C ASP A 270 -2.67 33.49 22.88
N VAL A 271 -3.05 33.87 21.66
CA VAL A 271 -2.44 33.36 20.45
C VAL A 271 -1.49 34.42 19.93
N HIS A 272 -0.19 34.12 19.92
CA HIS A 272 0.82 35.07 19.50
C HIS A 272 1.70 34.57 18.36
N ALA A 273 1.93 33.26 18.26
CA ALA A 273 2.71 32.72 17.14
C ALA A 273 2.17 31.32 16.87
N CYS A 274 1.25 31.23 15.91
CA CYS A 274 0.61 29.98 15.53
C CYS A 274 1.08 29.57 14.14
N THR A 275 1.65 28.38 14.04
CA THR A 275 2.14 27.87 12.76
C THR A 275 1.05 27.14 11.96
N SER A 276 0.05 26.59 12.63
CA SER A 276 -1.03 25.89 11.94
C SER A 276 -2.22 25.78 12.88
N LEU A 277 -3.41 25.85 12.29
CA LEU A 277 -4.66 25.71 13.01
C LEU A 277 -5.45 24.56 12.39
N SER A 278 -5.92 23.63 13.23
CA SER A 278 -6.66 22.47 12.77
C SER A 278 -8.01 22.42 13.48
N VAL A 279 -9.05 22.10 12.72
CA VAL A 279 -10.42 22.01 13.22
C VAL A 279 -11.02 20.69 12.74
N TYR A 280 -11.63 19.96 13.65
CA TYR A 280 -12.35 18.73 13.29
C TYR A 280 -13.34 18.41 14.38
N MET A 281 -14.20 17.44 14.09
CA MET A 281 -15.27 17.04 14.99
C MET A 281 -14.99 15.62 15.50
N LYS A 282 -15.37 15.35 16.74
CA LYS A 282 -15.18 14.04 17.33
C LYS A 282 -16.50 13.53 17.89
N PRO A 283 -16.78 12.24 17.72
CA PRO A 283 -17.98 11.66 18.35
C PRO A 283 -17.80 11.55 19.85
N VAL A 284 -18.93 11.60 20.56
CA VAL A 284 -18.95 11.41 22.01
C VAL A 284 -19.70 10.11 22.27
N LEU A 285 -18.95 9.07 22.65
CA LEU A 285 -19.51 7.75 22.96
C LEU A 285 -19.25 7.49 24.43
N SER A 286 -20.17 7.93 25.28
CA SER A 286 -19.96 7.87 26.73
C SER A 286 -20.45 6.56 27.33
N ASP A 287 -21.74 6.26 27.19
CA ASP A 287 -22.31 5.05 27.74
C ASP A 287 -23.62 4.76 27.03
N ALA A 288 -23.74 3.54 26.50
CA ALA A 288 -24.84 3.06 25.66
C ALA A 288 -24.77 3.69 24.27
N ASN A 289 -23.88 4.67 24.09
CA ASN A 289 -23.50 5.15 22.78
C ASN A 289 -22.19 4.52 22.30
N ASN A 290 -21.58 3.69 23.14
CA ASN A 290 -20.40 2.91 22.79
C ASN A 290 -20.75 1.52 22.30
N ARG A 291 -22.03 1.15 22.31
CA ARG A 291 -22.47 -0.17 21.90
C ARG A 291 -22.79 -0.16 20.41
N PHE A 292 -22.16 -1.06 19.67
CA PHE A 292 -22.30 -1.10 18.22
C PHE A 292 -22.68 -2.51 17.77
N ILE A 293 -23.37 -2.56 16.63
CA ILE A 293 -23.84 -3.84 16.10
C ILE A 293 -22.69 -4.69 15.60
N SER A 294 -21.66 -4.07 15.02
CA SER A 294 -20.57 -4.82 14.42
C SER A 294 -19.28 -4.03 14.52
N TYR A 295 -18.16 -4.74 14.34
CA TYR A 295 -16.84 -4.17 14.27
C TYR A 295 -15.99 -5.11 13.41
N PRO A 296 -15.30 -4.59 12.39
CA PRO A 296 -14.64 -5.48 11.43
C PRO A 296 -13.32 -6.06 11.91
N GLY A 297 -12.70 -5.49 12.94
CA GLY A 297 -11.47 -6.07 13.46
C GLY A 297 -10.25 -5.63 12.66
N PHE A 298 -9.47 -6.63 12.22
CA PHE A 298 -8.22 -6.33 11.53
C PHE A 298 -8.46 -5.61 10.21
N GLN A 299 -9.48 -6.01 9.46
CA GLN A 299 -9.79 -5.38 8.18
C GLN A 299 -10.49 -4.05 8.46
N GLN A 300 -9.83 -2.94 8.12
CA GLN A 300 -10.28 -1.62 8.57
C GLN A 300 -10.70 -0.70 7.43
N SER A 301 -10.87 -1.22 6.21
CA SER A 301 -11.36 -0.38 5.13
C SER A 301 -12.84 -0.07 5.34
N GLU A 302 -13.30 0.98 4.65
CA GLU A 302 -14.72 1.34 4.68
C GLU A 302 -15.59 0.17 4.26
N GLY A 303 -15.17 -0.52 3.18
CA GLY A 303 -15.90 -1.70 2.74
C GLY A 303 -15.93 -2.79 3.79
N ASP A 304 -14.86 -2.93 4.57
CA ASP A 304 -14.85 -3.94 5.63
C ASP A 304 -15.85 -3.63 6.73
N PHE A 305 -15.91 -2.36 7.17
CA PHE A 305 -16.91 -1.94 8.15
C PHE A 305 -18.31 -2.23 7.63
N VAL A 306 -18.59 -1.81 6.39
CA VAL A 306 -19.92 -2.01 5.81
C VAL A 306 -20.24 -3.48 5.70
N MET A 307 -19.26 -4.31 5.29
CA MET A 307 -19.49 -5.73 5.13
C MET A 307 -19.78 -6.40 6.46
N ALA A 308 -19.04 -6.07 7.51
CA ALA A 308 -19.32 -6.64 8.82
C ALA A 308 -20.72 -6.26 9.29
N PHE A 309 -21.09 -4.99 9.10
CA PHE A 309 -22.43 -4.56 9.47
C PHE A 309 -23.49 -5.32 8.68
N VAL A 310 -23.25 -5.52 7.39
CA VAL A 310 -24.24 -6.17 6.53
C VAL A 310 -24.39 -7.64 6.89
N GLU A 311 -23.29 -8.33 7.19
CA GLU A 311 -23.40 -9.71 7.66
C GLU A 311 -24.18 -9.80 8.96
N ARG A 312 -23.90 -8.89 9.90
CA ARG A 312 -24.67 -8.89 11.14
C ARG A 312 -26.17 -8.67 10.88
N LEU A 313 -26.50 -7.74 9.99
CA LEU A 313 -27.90 -7.49 9.68
C LEU A 313 -28.55 -8.69 8.99
N LEU A 314 -27.85 -9.28 8.02
CA LEU A 314 -28.41 -10.38 7.25
C LEU A 314 -28.66 -11.59 8.14
N GLU A 315 -27.82 -11.82 9.15
CA GLU A 315 -28.03 -12.93 10.05
C GLU A 315 -29.40 -12.86 10.73
N ASP A 316 -29.96 -11.65 10.88
CA ASP A 316 -31.22 -11.46 11.56
C ASP A 316 -32.37 -11.07 10.64
N MET A 317 -32.09 -10.66 9.41
CA MET A 317 -33.16 -10.21 8.51
C MET A 317 -33.90 -11.37 7.85
N VAL A 318 -33.16 -12.39 7.41
CA VAL A 318 -33.74 -13.51 6.68
C VAL A 318 -33.77 -14.72 7.61
N ILE A 319 -34.96 -15.30 7.78
CA ILE A 319 -35.17 -16.41 8.70
C ILE A 319 -35.80 -17.57 7.93
N VAL A 320 -35.24 -18.76 8.11
CA VAL A 320 -35.82 -19.99 7.59
C VAL A 320 -36.39 -20.76 8.77
N SER A 321 -37.70 -20.98 8.75
CA SER A 321 -38.36 -21.60 9.89
C SER A 321 -39.62 -22.31 9.42
N ASN A 322 -40.04 -23.32 10.19
CA ASN A 322 -41.27 -24.04 9.88
C ASN A 322 -42.49 -23.16 10.12
N CYS A 323 -42.51 -22.43 11.23
CA CYS A 323 -43.63 -21.59 11.61
C CYS A 323 -43.18 -20.13 11.64
N TYR A 324 -44.10 -19.26 12.05
CA TYR A 324 -43.80 -17.84 12.14
C TYR A 324 -42.66 -17.62 13.14
N PRO A 325 -41.64 -16.84 12.80
CA PRO A 325 -40.50 -16.67 13.70
C PRO A 325 -40.92 -16.06 15.03
N GLU A 326 -40.30 -16.54 16.10
CA GLU A 326 -40.61 -16.10 17.46
C GLU A 326 -39.36 -15.55 18.12
N GLY A 327 -39.57 -14.79 19.19
CA GLY A 327 -38.50 -14.16 19.94
C GLY A 327 -38.27 -12.70 19.59
N PHE A 328 -38.76 -12.25 18.44
CA PHE A 328 -38.61 -10.86 18.05
C PHE A 328 -39.55 -9.97 18.85
N PRO A 329 -39.24 -8.66 18.94
CA PRO A 329 -40.17 -7.75 19.60
C PRO A 329 -41.50 -7.67 18.85
N GLU A 330 -42.56 -7.32 19.60
CA GLU A 330 -43.89 -7.27 19.02
C GLU A 330 -44.00 -6.22 17.92
N THR A 331 -43.11 -5.23 17.88
CA THR A 331 -43.14 -4.23 16.84
C THR A 331 -42.46 -4.69 15.54
N ALA A 332 -41.74 -5.81 15.58
CA ALA A 332 -41.11 -6.33 14.37
C ALA A 332 -42.16 -6.80 13.37
N GLU A 333 -41.94 -6.50 12.10
CA GLU A 333 -42.85 -6.85 11.01
C GLU A 333 -42.14 -7.87 10.12
N ILE A 334 -42.34 -9.15 10.44
CA ILE A 334 -41.77 -10.25 9.67
C ILE A 334 -42.83 -10.80 8.74
N VAL A 335 -42.52 -10.90 7.45
CA VAL A 335 -43.46 -11.36 6.45
C VAL A 335 -42.84 -12.51 5.66
N GLU A 336 -43.69 -13.43 5.23
CA GLU A 336 -43.25 -14.57 4.44
C GLU A 336 -42.87 -14.13 3.03
N VAL A 337 -41.81 -14.73 2.51
CA VAL A 337 -41.38 -14.44 1.13
C VAL A 337 -42.31 -15.18 0.17
N PRO A 338 -42.90 -14.48 -0.80
CA PRO A 338 -43.81 -15.14 -1.75
C PRO A 338 -43.05 -16.03 -2.71
N PRO A 339 -43.74 -16.91 -3.45
CA PRO A 339 -43.03 -17.75 -4.43
C PRO A 339 -42.27 -16.96 -5.48
N SER A 340 -42.75 -15.76 -5.83
CA SER A 340 -42.01 -14.92 -6.77
C SER A 340 -40.70 -14.42 -6.17
N GLY A 341 -40.55 -14.45 -4.85
CA GLY A 341 -39.34 -14.01 -4.20
C GLY A 341 -39.27 -12.53 -3.90
N VAL A 342 -40.26 -11.75 -4.32
CA VAL A 342 -40.26 -10.31 -4.14
C VAL A 342 -41.11 -9.95 -2.93
N VAL A 343 -40.51 -9.23 -1.99
CA VAL A 343 -41.21 -8.72 -0.81
C VAL A 343 -41.29 -7.21 -0.94
N SER A 344 -42.50 -6.67 -0.78
CA SER A 344 -42.74 -5.24 -0.92
C SER A 344 -42.79 -4.60 0.46
N ILE A 345 -41.90 -3.65 0.70
CA ILE A 345 -41.90 -2.85 1.93
C ILE A 345 -42.31 -1.44 1.51
N GLN A 346 -43.56 -1.08 1.78
CA GLN A 346 -44.15 0.14 1.26
C GLN A 346 -43.99 0.18 -0.27
N ASP A 347 -43.18 1.12 -0.76
CA ASP A 347 -42.90 1.22 -2.19
C ASP A 347 -41.50 0.74 -2.54
N THR A 348 -40.89 -0.10 -1.68
CA THR A 348 -39.59 -0.68 -1.94
C THR A 348 -39.72 -2.19 -2.02
N ASP A 349 -39.03 -2.79 -2.99
CA ASP A 349 -39.10 -4.22 -3.24
C ASP A 349 -37.76 -4.87 -2.94
N VAL A 350 -37.81 -6.00 -2.25
CA VAL A 350 -36.61 -6.76 -1.91
C VAL A 350 -36.74 -8.14 -2.55
N PHE A 351 -35.74 -8.52 -3.34
CA PHE A 351 -35.73 -9.80 -4.04
C PHE A 351 -34.96 -10.81 -3.21
N VAL A 352 -35.68 -11.77 -2.63
CA VAL A 352 -35.09 -12.77 -1.74
C VAL A 352 -35.19 -14.13 -2.42
N ARG A 353 -34.06 -14.79 -2.62
CA ARG A 353 -34.01 -16.12 -3.23
C ARG A 353 -33.02 -16.97 -2.44
N ILE A 354 -33.53 -17.93 -1.68
CA ILE A 354 -32.71 -18.81 -0.85
C ILE A 354 -32.80 -20.23 -1.41
N ASP A 355 -31.64 -20.83 -1.65
CA ASP A 355 -31.58 -22.18 -2.18
C ASP A 355 -31.64 -23.21 -1.06
N ASP A 356 -32.05 -24.43 -1.42
CA ASP A 356 -31.97 -25.61 -0.55
C ASP A 356 -32.82 -25.46 0.71
N VAL A 357 -33.92 -24.72 0.63
CA VAL A 357 -34.84 -24.65 1.77
C VAL A 357 -35.54 -26.00 1.92
N PRO A 358 -35.60 -26.58 3.12
CA PRO A 358 -36.27 -27.87 3.29
C PRO A 358 -37.76 -27.78 2.95
N VAL A 359 -38.36 -28.96 2.74
CA VAL A 359 -39.71 -29.02 2.20
C VAL A 359 -40.71 -28.35 3.14
N GLY A 360 -40.60 -28.61 4.44
CA GLY A 360 -41.59 -28.11 5.38
C GLY A 360 -41.39 -26.67 5.83
N MET A 361 -40.27 -26.06 5.49
CA MET A 361 -39.93 -24.75 6.02
C MET A 361 -40.22 -23.64 5.02
N ARG A 362 -40.27 -22.41 5.53
CA ARG A 362 -40.57 -21.22 4.75
C ARG A 362 -39.52 -20.15 5.03
N VAL A 363 -39.38 -19.23 4.08
CA VAL A 363 -38.43 -18.12 4.18
C VAL A 363 -39.17 -16.88 4.63
N PHE A 364 -38.62 -16.19 5.62
CA PHE A 364 -39.20 -14.97 6.16
C PHE A 364 -38.21 -13.83 6.04
N LEU A 365 -38.74 -12.62 5.85
CA LEU A 365 -37.94 -11.40 5.75
C LEU A 365 -38.36 -10.42 6.82
N HIS A 366 -37.38 -9.93 7.58
CA HIS A 366 -37.62 -8.89 8.58
C HIS A 366 -37.67 -7.54 7.85
N THR A 367 -38.83 -6.88 7.89
CA THR A 367 -39.03 -5.69 7.08
C THR A 367 -38.71 -4.39 7.79
N ASN A 368 -38.65 -4.38 9.13
CA ASN A 368 -38.15 -3.22 9.88
C ASN A 368 -37.16 -3.71 10.94
N ILE A 369 -35.91 -3.95 10.54
CA ILE A 369 -34.94 -4.45 11.51
C ILE A 369 -34.40 -3.31 12.36
N LEU A 370 -34.17 -2.15 11.77
CA LEU A 370 -33.75 -0.95 12.50
C LEU A 370 -34.46 0.24 11.88
N VAL A 371 -35.22 0.96 12.69
CA VAL A 371 -36.01 2.09 12.21
C VAL A 371 -35.74 3.30 13.08
N PHE A 372 -35.84 4.48 12.47
CA PHE A 372 -35.63 5.73 13.18
C PHE A 372 -36.44 6.83 12.54
N ALA A 373 -37.09 7.64 13.39
CA ALA A 373 -37.80 8.83 12.96
C ALA A 373 -38.05 9.70 14.18
N THR A 374 -38.01 11.01 13.96
CA THR A 374 -38.29 11.96 15.03
C THR A 374 -39.75 12.40 15.07
N ARG A 375 -40.51 12.15 14.00
CA ARG A 375 -41.92 12.50 13.94
C ARG A 375 -42.72 11.31 13.43
N LYS A 376 -43.97 11.22 13.88
CA LYS A 376 -44.88 10.20 13.37
C LYS A 376 -45.38 10.60 11.98
N ASN A 377 -45.67 9.58 11.17
CA ASN A 377 -46.22 9.74 9.82
C ASN A 377 -45.19 10.34 8.86
N SER A 378 -44.01 10.68 9.37
CA SER A 378 -42.95 11.23 8.53
C SER A 378 -42.21 10.09 7.83
N VAL A 379 -41.19 10.46 7.06
CA VAL A 379 -40.35 9.45 6.41
C VAL A 379 -39.56 8.70 7.46
N VAL A 380 -39.53 7.37 7.34
CA VAL A 380 -38.89 6.49 8.31
C VAL A 380 -37.59 5.98 7.72
N TYR A 381 -36.52 6.06 8.50
CA TYR A 381 -35.24 5.48 8.12
C TYR A 381 -35.26 3.99 8.46
N ASN A 382 -35.32 3.15 7.44
CA ASN A 382 -35.50 1.71 7.62
C ASN A 382 -34.31 0.99 7.00
N MET A 383 -33.54 0.29 7.83
CA MET A 383 -32.37 -0.42 7.33
C MET A 383 -32.75 -1.58 6.42
N SER A 384 -33.91 -2.20 6.64
CA SER A 384 -34.35 -3.29 5.78
C SER A 384 -34.62 -2.80 4.36
N LYS A 385 -35.04 -1.54 4.21
CA LYS A 385 -35.29 -0.97 2.89
C LYS A 385 -34.00 -0.70 2.13
N LYS A 386 -32.84 -0.79 2.77
CA LYS A 386 -31.58 -0.59 2.08
C LYS A 386 -31.21 -1.74 1.16
N PHE A 387 -31.87 -2.89 1.29
CA PHE A 387 -31.54 -4.07 0.52
C PHE A 387 -32.50 -4.20 -0.66
N SER A 388 -31.93 -4.43 -1.84
CA SER A 388 -32.72 -4.67 -3.04
C SER A 388 -32.77 -6.14 -3.44
N ALA A 389 -31.69 -6.88 -3.23
CA ALA A 389 -31.65 -8.30 -3.57
C ALA A 389 -30.80 -9.05 -2.55
N ILE A 390 -31.31 -10.20 -2.12
CA ILE A 390 -30.60 -11.08 -1.19
C ILE A 390 -30.67 -12.50 -1.74
N THR A 391 -29.52 -13.15 -1.87
CA THR A 391 -29.45 -14.53 -2.32
C THR A 391 -28.53 -15.33 -1.41
N GLY A 392 -28.84 -16.61 -1.27
CA GLY A 392 -28.04 -17.49 -0.44
C GLY A 392 -28.54 -18.91 -0.52
N ALA A 393 -27.88 -19.79 0.22
CA ALA A 393 -28.25 -21.18 0.31
C ALA A 393 -28.38 -21.57 1.78
N TYR A 394 -29.43 -22.32 2.11
CA TYR A 394 -29.64 -22.77 3.47
C TYR A 394 -28.83 -24.03 3.74
N SER A 395 -28.20 -24.08 4.90
CA SER A 395 -27.33 -25.20 5.29
C SER A 395 -28.02 -26.02 6.38
N ARG A 396 -28.30 -27.28 6.07
CA ARG A 396 -28.92 -28.16 7.06
C ARG A 396 -27.97 -28.52 8.19
N ALA A 397 -26.67 -28.63 7.89
CA ALA A 397 -25.70 -29.03 8.91
C ALA A 397 -25.59 -27.98 10.02
N THR A 398 -25.60 -26.70 9.66
CA THR A 398 -25.47 -25.61 10.62
C THR A 398 -26.78 -24.91 10.92
N SER A 399 -27.87 -25.28 10.24
CA SER A 399 -29.18 -24.67 10.46
C SER A 399 -29.13 -23.15 10.29
N ARG A 400 -28.40 -22.70 9.26
CA ARG A 400 -28.26 -21.27 9.00
C ARG A 400 -28.10 -21.06 7.50
N ILE A 401 -28.18 -19.80 7.08
CA ILE A 401 -28.10 -19.42 5.68
C ILE A 401 -26.69 -18.96 5.38
N ARG A 402 -26.11 -19.49 4.30
CA ARG A 402 -24.84 -19.00 3.76
C ARG A 402 -25.18 -18.02 2.65
N PHE A 403 -25.09 -16.73 2.96
CA PHE A 403 -25.44 -15.69 1.99
C PHE A 403 -24.35 -15.57 0.94
N THR A 404 -24.75 -15.54 -0.33
CA THR A 404 -23.80 -15.47 -1.43
C THR A 404 -23.74 -14.09 -2.08
N THR A 405 -24.85 -13.37 -2.13
CA THR A 405 -24.89 -12.05 -2.74
C THR A 405 -25.97 -11.23 -2.07
N ALA A 406 -25.65 -9.98 -1.73
CA ALA A 406 -26.62 -9.04 -1.19
C ALA A 406 -26.37 -7.69 -1.83
N ILE A 407 -27.37 -7.19 -2.57
CA ILE A 407 -27.30 -5.89 -3.20
C ILE A 407 -27.99 -4.90 -2.28
N HIS A 408 -27.24 -3.89 -1.83
CA HIS A 408 -27.72 -3.01 -0.77
C HIS A 408 -27.12 -1.62 -0.96
N SER A 409 -27.71 -0.65 -0.26
CA SER A 409 -27.22 0.72 -0.23
C SER A 409 -26.73 1.13 1.15
N VAL A 410 -26.37 0.15 1.99
CA VAL A 410 -25.85 0.46 3.32
C VAL A 410 -24.49 1.11 3.18
N ASN A 411 -24.28 2.21 3.91
CA ASN A 411 -23.05 2.98 3.85
C ASN A 411 -22.36 2.97 5.22
N ILE A 412 -21.21 3.64 5.27
CA ILE A 412 -20.42 3.68 6.50
C ILE A 412 -21.17 4.40 7.61
N GLY A 413 -21.96 5.42 7.26
CA GLY A 413 -22.74 6.13 8.27
C GLY A 413 -23.72 5.23 9.00
N ASP A 414 -24.42 4.37 8.25
CA ASP A 414 -25.33 3.42 8.87
C ASP A 414 -24.59 2.46 9.79
N ALA A 415 -23.43 1.96 9.34
CA ALA A 415 -22.64 1.04 10.16
C ALA A 415 -22.05 1.73 11.37
N SER A 416 -22.00 3.05 11.39
CA SER A 416 -21.41 3.79 12.51
C SER A 416 -22.43 4.31 13.51
N VAL A 417 -23.72 4.04 13.32
CA VAL A 417 -24.74 4.51 14.25
C VAL A 417 -24.74 3.63 15.49
N PRO A 418 -24.54 4.20 16.68
CA PRO A 418 -24.57 3.39 17.90
C PRO A 418 -25.97 2.88 18.20
N VAL A 419 -26.02 1.76 18.93
CA VAL A 419 -27.30 1.17 19.31
C VAL A 419 -28.12 2.15 20.15
N GLY A 420 -27.45 2.91 21.01
CA GLY A 420 -28.15 3.89 21.83
C GLY A 420 -28.86 4.96 21.02
N VAL A 421 -28.29 5.34 19.87
CA VAL A 421 -28.95 6.31 19.00
C VAL A 421 -30.19 5.69 18.36
N TRP A 422 -30.11 4.42 17.98
CA TRP A 422 -31.28 3.73 17.45
C TRP A 422 -32.40 3.68 18.48
N THR A 423 -32.06 3.45 19.75
CA THR A 423 -33.04 3.30 20.81
C THR A 423 -33.16 4.54 21.69
N CYS A 424 -32.74 5.70 21.19
CA CYS A 424 -32.81 6.92 21.97
C CYS A 424 -34.26 7.41 22.09
N GLN A 425 -34.49 8.29 23.06
CA GLN A 425 -35.83 8.79 23.31
C GLN A 425 -36.36 9.62 22.14
N ARG A 426 -35.46 10.20 21.34
CA ARG A 426 -35.90 10.99 20.20
C ARG A 426 -36.58 10.14 19.14
N ASN A 427 -36.24 8.85 19.07
CA ASN A 427 -36.87 7.95 18.12
C ASN A 427 -38.30 7.67 18.53
N VAL A 428 -39.26 8.01 17.66
CA VAL A 428 -40.67 7.76 17.97
C VAL A 428 -41.03 6.29 17.83
N TYR A 429 -40.20 5.49 17.15
CA TYR A 429 -40.42 4.08 16.99
C TYR A 429 -39.60 3.29 18.02
N ASN A 430 -39.79 1.98 18.02
CA ASN A 430 -39.03 1.12 18.93
C ASN A 430 -37.54 1.19 18.63
N GLY A 431 -37.18 1.23 17.35
CA GLY A 431 -35.80 1.38 16.95
C GLY A 431 -35.07 0.09 16.67
N ASP A 432 -34.90 -0.76 17.69
CA ASP A 432 -34.17 -2.01 17.57
C ASP A 432 -35.18 -3.16 17.63
N ASN A 433 -35.43 -3.78 16.48
CA ASN A 433 -36.34 -4.90 16.37
C ASN A 433 -35.62 -6.24 16.20
N ARG A 434 -34.33 -6.28 16.54
CA ARG A 434 -33.55 -7.50 16.39
C ARG A 434 -33.91 -8.51 17.47
N SER A 435 -33.52 -9.77 17.22
CA SER A 435 -33.72 -10.84 18.17
C SER A 435 -32.75 -10.73 19.35
N PRO A 436 -33.06 -11.36 20.48
CA PRO A 436 -32.14 -11.29 21.62
C PRO A 436 -30.75 -11.81 21.34
N GLU A 437 -30.59 -12.84 20.50
CA GLU A 437 -29.26 -13.36 20.21
C GLU A 437 -28.44 -12.35 19.41
N ALA A 438 -29.03 -11.79 18.35
CA ALA A 438 -28.34 -10.77 17.55
C ALA A 438 -27.94 -9.58 18.42
N ARG A 439 -28.83 -9.17 19.33
CA ARG A 439 -28.48 -8.11 20.26
C ARG A 439 -27.36 -8.52 21.19
N ALA A 440 -27.33 -9.79 21.59
CA ALA A 440 -26.25 -10.30 22.42
C ALA A 440 -24.91 -10.33 21.68
N LYS A 441 -24.94 -10.30 20.36
CA LYS A 441 -23.69 -10.22 19.59
C LYS A 441 -23.12 -8.81 19.50
N ASP A 442 -23.68 -7.83 20.21
CA ASP A 442 -23.22 -6.45 20.09
C ASP A 442 -21.85 -6.26 20.73
N LEU A 443 -21.14 -5.24 20.27
CA LEU A 443 -19.78 -4.96 20.69
C LEU A 443 -19.66 -3.55 21.24
N PHE A 444 -18.77 -3.37 22.22
CA PHE A 444 -18.53 -2.09 22.86
C PHE A 444 -17.21 -1.51 22.35
N VAL A 445 -17.28 -0.30 21.81
CA VAL A 445 -16.13 0.37 21.21
C VAL A 445 -15.94 1.71 21.91
N ALA A 446 -14.71 2.00 22.32
CA ALA A 446 -14.37 3.27 22.94
C ALA A 446 -13.06 3.81 22.38
N ASP A 447 -12.87 3.67 21.08
CA ASP A 447 -11.64 4.13 20.45
C ASP A 447 -11.47 5.64 20.67
N PRO A 448 -10.34 6.08 21.23
CA PRO A 448 -10.23 7.49 21.64
C PRO A 448 -9.94 8.46 20.51
N PHE A 449 -9.49 8.00 19.35
CA PHE A 449 -9.02 8.88 18.29
C PHE A 449 -9.95 8.91 17.08
N LEU A 450 -11.24 8.64 17.30
CA LEU A 450 -12.21 8.72 16.21
C LEU A 450 -12.49 10.17 15.83
N LYS A 451 -12.70 10.41 14.55
CA LYS A 451 -13.00 11.74 14.04
C LYS A 451 -14.26 11.69 13.19
N GLY A 452 -14.93 12.83 13.08
CA GLY A 452 -16.19 12.89 12.36
C GLY A 452 -17.31 12.23 13.16
N VAL A 453 -18.25 11.63 12.42
CA VAL A 453 -19.33 10.88 13.04
C VAL A 453 -19.35 9.41 12.63
N ASP A 454 -18.57 9.02 11.61
CA ASP A 454 -18.46 7.65 11.20
C ASP A 454 -17.05 7.14 11.46
N PHE A 455 -16.91 5.81 11.45
CA PHE A 455 -15.65 5.20 11.85
C PHE A 455 -14.49 5.57 10.95
N LYS A 456 -14.78 5.88 9.68
CA LYS A 456 -13.73 6.18 8.71
C LYS A 456 -13.60 7.67 8.41
N ASN A 457 -14.37 8.52 9.07
CA ASN A 457 -14.28 9.98 8.90
C ASN A 457 -14.49 10.38 7.44
N LYS A 458 -15.45 9.74 6.78
CA LYS A 458 -15.73 10.04 5.38
C LYS A 458 -16.89 11.01 5.19
N ILE A 459 -17.84 11.04 6.11
CA ILE A 459 -18.98 11.95 6.03
C ILE A 459 -18.63 13.23 6.77
N ASP A 460 -18.54 14.34 6.03
CA ASP A 460 -18.17 15.61 6.62
C ASP A 460 -19.42 16.26 7.25
N VAL A 461 -19.35 16.50 8.56
CA VAL A 461 -20.45 17.16 9.26
C VAL A 461 -20.29 18.67 9.31
N ILE A 462 -19.17 19.20 8.82
CA ILE A 462 -18.93 20.64 8.78
C ILE A 462 -19.18 21.13 7.36
N ALA A 463 -20.07 22.11 7.22
CA ALA A 463 -20.33 22.74 5.93
C ALA A 463 -19.50 24.01 5.75
N ARG A 464 -19.66 24.97 6.64
CA ARG A 464 -18.94 26.24 6.58
C ARG A 464 -18.02 26.37 7.78
N MET A 465 -16.92 27.10 7.60
CA MET A 465 -15.99 27.38 8.67
C MET A 465 -15.50 28.82 8.53
N ASP A 466 -15.59 29.58 9.61
CA ASP A 466 -15.12 30.96 9.64
C ASP A 466 -14.13 31.11 10.79
N VAL A 467 -12.96 31.66 10.50
CA VAL A 467 -11.92 31.87 11.50
C VAL A 467 -11.69 33.37 11.63
N ARG A 468 -11.79 33.88 12.85
CA ARG A 468 -11.58 35.29 13.13
C ARG A 468 -10.37 35.44 14.04
N PHE A 469 -9.44 36.31 13.62
CA PHE A 469 -8.30 36.70 14.44
C PHE A 469 -8.57 38.11 14.95
N GLY A 470 -8.79 38.24 16.25
CA GLY A 470 -9.26 39.51 16.78
C GLY A 470 -10.68 39.77 16.28
N ASN A 471 -10.87 40.94 15.67
CA ASN A 471 -12.19 41.31 15.16
C ASN A 471 -12.38 40.99 13.69
N GLU A 472 -11.29 40.81 12.93
CA GLU A 472 -11.40 40.63 11.49
C GLU A 472 -11.52 39.16 11.13
N VAL A 473 -12.02 38.91 9.92
CA VAL A 473 -12.10 37.55 9.39
C VAL A 473 -10.73 37.16 8.86
N LEU A 474 -10.16 36.08 9.40
CA LEU A 474 -8.90 35.56 8.91
C LEU A 474 -9.09 34.63 7.73
N TYR A 475 -10.06 33.74 7.79
CA TYR A 475 -10.35 32.81 6.71
C TYR A 475 -11.81 32.39 6.78
N SER A 476 -12.40 32.20 5.60
CA SER A 476 -13.79 31.78 5.50
C SER A 476 -13.95 30.87 4.29
N GLU A 477 -14.55 29.71 4.50
CA GLU A 477 -14.75 28.74 3.43
C GLU A 477 -16.15 28.16 3.52
N ASN A 478 -16.73 27.85 2.36
CA ASN A 478 -18.03 27.22 2.28
C ASN A 478 -17.95 25.73 2.00
N SER A 479 -16.75 25.20 1.76
CA SER A 479 -16.54 23.78 1.51
C SER A 479 -15.24 23.37 2.20
N ALA A 480 -14.81 22.13 1.96
CA ALA A 480 -13.63 21.59 2.63
C ALA A 480 -12.35 21.89 1.85
N VAL A 481 -12.13 23.17 1.54
CA VAL A 481 -10.89 23.58 0.88
C VAL A 481 -9.70 23.34 1.77
N SER A 482 -9.82 23.68 3.06
CA SER A 482 -8.72 23.49 4.00
C SER A 482 -8.39 22.01 4.19
N ARG A 483 -9.40 21.14 4.12
CA ARG A 483 -9.14 19.70 4.19
C ARG A 483 -8.32 19.23 2.99
N VAL A 484 -8.66 19.72 1.79
CA VAL A 484 -7.91 19.37 0.59
C VAL A 484 -6.48 19.86 0.70
N PHE A 485 -6.29 21.09 1.18
CA PHE A 485 -4.94 21.61 1.33
C PHE A 485 -4.16 20.84 2.40
N GLY A 486 -4.83 20.42 3.47
CA GLY A 486 -4.17 19.58 4.45
C GLY A 486 -3.71 18.26 3.87
N GLU A 487 -4.53 17.65 3.02
CA GLU A 487 -4.11 16.43 2.34
C GLU A 487 -2.93 16.68 1.42
N ILE A 488 -2.96 17.78 0.67
CA ILE A 488 -1.90 18.06 -0.30
C ILE A 488 -0.58 18.37 0.40
N LEU A 489 -0.62 19.14 1.48
CA LEU A 489 0.57 19.55 2.21
C LEU A 489 1.06 18.48 3.19
N GLY A 490 0.40 17.33 3.25
CA GLY A 490 0.81 16.26 4.15
C GLY A 490 0.61 16.56 5.61
N LYS A 491 -0.50 17.22 5.96
CA LYS A 491 -0.85 17.49 7.35
C LYS A 491 -1.73 16.37 7.88
N THR A 492 -2.38 16.59 9.02
CA THR A 492 -3.22 15.57 9.62
C THR A 492 -4.31 15.14 8.64
N PRO A 493 -4.43 13.85 8.35
CA PRO A 493 -5.43 13.41 7.36
C PRO A 493 -6.86 13.62 7.85
N GLY A 494 -7.73 14.00 6.92
CA GLY A 494 -9.15 14.07 7.19
C GLY A 494 -9.62 15.22 8.04
N VAL A 495 -8.79 16.23 8.26
CA VAL A 495 -9.17 17.38 9.06
C VAL A 495 -8.90 18.65 8.27
N ARG A 496 -9.59 19.72 8.68
CA ARG A 496 -9.38 21.04 8.09
C ARG A 496 -8.20 21.71 8.76
N THR A 497 -7.19 22.09 7.98
CA THR A 497 -5.96 22.65 8.51
C THR A 497 -5.61 23.94 7.78
N LEU A 498 -5.41 25.01 8.53
CA LEU A 498 -4.88 26.26 8.01
C LEU A 498 -3.39 26.29 8.31
N GLN A 499 -2.57 26.16 7.28
CA GLN A 499 -1.12 26.14 7.45
C GLN A 499 -0.57 27.55 7.28
N PHE A 500 0.20 28.01 8.28
CA PHE A 500 0.83 29.31 8.23
C PHE A 500 2.33 29.27 8.05
N ASN A 501 2.97 28.13 8.32
CA ASN A 501 4.42 27.99 8.23
C ASN A 501 4.77 27.15 7.01
N PHE A 502 5.51 27.74 6.07
CA PHE A 502 6.07 27.03 4.93
C PHE A 502 7.59 27.12 4.92
N THR A 503 8.19 27.60 6.00
CA THR A 503 9.62 27.82 6.16
C THR A 503 10.31 26.53 6.62
N PRO A 504 11.49 26.23 6.06
CA PRO A 504 12.22 25.03 6.50
C PRO A 504 12.57 25.08 7.98
N SER A 505 12.57 23.90 8.60
CA SER A 505 12.74 23.79 10.05
C SER A 505 14.21 23.72 10.44
N THR A 506 14.50 24.25 11.63
CA THR A 506 15.76 24.10 12.37
C THR A 506 16.91 24.87 11.73
N PHE A 507 16.69 25.41 10.54
CA PHE A 507 17.65 26.30 9.91
C PHE A 507 17.12 27.71 9.73
N PHE A 508 15.81 27.89 9.84
CA PHE A 508 15.19 29.19 9.94
C PHE A 508 14.27 29.19 11.15
N SER A 509 14.05 30.38 11.72
CA SER A 509 12.98 30.50 12.70
C SER A 509 11.64 30.32 12.00
N PRO A 510 10.68 29.65 12.65
CA PRO A 510 9.41 29.35 11.97
C PRO A 510 8.60 30.60 11.69
N THR A 511 7.86 30.56 10.59
CA THR A 511 6.89 31.59 10.26
C THR A 511 5.56 31.23 10.91
N ALA A 512 4.89 32.23 11.48
CA ALA A 512 3.66 31.97 12.20
C ALA A 512 2.71 33.15 12.06
N LEU A 513 1.43 32.87 12.26
CA LEU A 513 0.44 33.93 12.41
C LEU A 513 0.72 34.68 13.70
N ASN A 514 1.08 35.96 13.59
CA ASN A 514 1.58 36.72 14.71
C ASN A 514 0.52 37.68 15.22
N SER A 515 0.55 37.91 16.54
CA SER A 515 -0.44 38.75 17.20
C SER A 515 -0.12 40.23 17.02
N ASN A 516 -1.16 41.05 17.06
CA ASN A 516 -1.04 42.51 17.08
C ASN A 516 -1.94 42.99 18.21
N VAL A 517 -1.35 43.19 19.40
CA VAL A 517 -2.11 43.53 20.59
C VAL A 517 -2.80 44.88 20.44
N SER A 518 -2.15 45.82 19.76
CA SER A 518 -2.73 47.15 19.60
C SER A 518 -4.07 47.10 18.89
N ARG A 519 -4.19 46.26 17.87
CA ARG A 519 -5.45 46.06 17.17
C ARG A 519 -6.33 44.99 17.80
N GLY A 520 -5.91 44.41 18.93
CA GLY A 520 -6.68 43.37 19.58
C GLY A 520 -6.54 41.99 18.98
N LYS A 521 -5.55 41.78 18.11
CA LYS A 521 -5.39 40.50 17.41
C LYS A 521 -4.58 39.56 18.30
N ASP A 522 -5.27 38.94 19.26
CA ASP A 522 -4.59 37.96 20.11
C ASP A 522 -5.46 36.73 20.41
N LYS A 523 -6.59 36.57 19.72
CA LYS A 523 -7.48 35.44 19.98
C LYS A 523 -8.03 34.93 18.66
N LEU A 524 -8.13 33.61 18.55
CA LEU A 524 -8.72 32.96 17.39
C LEU A 524 -10.11 32.46 17.74
N ALA A 525 -11.10 32.86 16.95
CA ALA A 525 -12.48 32.40 17.12
C ALA A 525 -12.86 31.61 15.87
N VAL A 526 -13.25 30.36 16.07
CA VAL A 526 -13.63 29.46 14.98
C VAL A 526 -15.11 29.15 15.10
N ARG A 527 -15.84 29.34 14.01
CA ARG A 527 -17.26 29.05 13.95
C ARG A 527 -17.52 28.09 12.79
N VAL A 528 -18.26 27.03 13.06
CA VAL A 528 -18.59 26.04 12.04
C VAL A 528 -20.11 25.88 11.98
N THR A 529 -20.61 25.61 10.79
CA THR A 529 -22.00 25.28 10.58
C THR A 529 -22.12 23.82 10.19
N THR A 530 -23.10 23.14 10.77
CA THR A 530 -23.29 21.72 10.52
C THR A 530 -23.76 21.49 9.09
N ALA A 531 -23.21 20.47 8.45
CA ALA A 531 -23.66 20.08 7.12
C ALA A 531 -25.09 19.54 7.19
N HIS A 532 -25.88 19.87 6.18
CA HIS A 532 -27.28 19.46 6.17
C HIS A 532 -27.39 17.95 6.05
N MET A 533 -28.28 17.37 6.85
CA MET A 533 -28.58 15.95 6.83
C MET A 533 -30.09 15.75 6.89
N GLU A 534 -30.54 14.60 6.42
CA GLU A 534 -31.95 14.27 6.51
C GLU A 534 -32.38 14.16 7.97
N ALA A 535 -33.52 14.74 8.29
CA ALA A 535 -33.98 14.78 9.68
C ALA A 535 -34.28 13.40 10.23
N HIS A 536 -34.59 12.43 9.38
CA HIS A 536 -34.84 11.07 9.81
C HIS A 536 -33.57 10.22 9.87
N ASN A 537 -32.43 10.77 9.47
CA ASN A 537 -31.18 10.03 9.54
C ASN A 537 -30.69 9.98 10.99
N PRO A 538 -30.52 8.80 11.57
CA PRO A 538 -30.03 8.74 12.96
C PRO A 538 -28.63 9.29 13.13
N LEU A 539 -27.83 9.35 12.07
CA LEU A 539 -26.46 9.87 12.18
C LEU A 539 -26.45 11.34 12.60
N MET A 540 -27.52 12.08 12.29
CA MET A 540 -27.60 13.47 12.71
C MET A 540 -27.54 13.62 14.23
N TYR A 541 -28.08 12.67 14.97
CA TYR A 541 -28.27 12.79 16.41
C TYR A 541 -27.15 12.12 17.21
N VAL A 542 -26.11 11.64 16.55
CA VAL A 542 -24.92 11.15 17.26
C VAL A 542 -24.23 12.35 17.89
N PRO A 543 -24.03 12.36 19.20
CA PRO A 543 -23.38 13.51 19.84
C PRO A 543 -21.96 13.71 19.32
N ARG A 544 -21.55 14.97 19.20
CA ARG A 544 -20.26 15.31 18.64
C ARG A 544 -19.66 16.48 19.41
N GLN A 545 -18.33 16.57 19.37
CA GLN A 545 -17.58 17.62 20.05
C GLN A 545 -16.60 18.25 19.07
N MET A 546 -16.53 19.57 19.10
CA MET A 546 -15.67 20.34 18.20
C MET A 546 -14.28 20.47 18.81
N VAL A 547 -13.26 20.16 18.02
CA VAL A 547 -11.87 20.19 18.47
C VAL A 547 -11.11 21.21 17.63
N VAL A 548 -10.37 22.10 18.30
CA VAL A 548 -9.50 23.06 17.66
C VAL A 548 -8.09 22.86 18.18
N VAL A 549 -7.14 22.67 17.28
CA VAL A 549 -5.74 22.45 17.62
C VAL A 549 -4.94 23.61 17.05
N CYS A 550 -4.22 24.31 17.92
CA CYS A 550 -3.39 25.45 17.55
C CYS A 550 -1.95 25.13 17.88
N ASN A 551 -1.11 25.04 16.85
CA ASN A 551 0.32 24.76 17.03
C ASN A 551 1.06 26.06 17.24
N GLU A 552 1.70 26.20 18.40
CA GLU A 552 2.28 27.48 18.81
C GLU A 552 3.80 27.34 18.93
N VAL A 553 4.48 28.44 18.67
CA VAL A 553 5.94 28.48 18.65
C VAL A 553 6.44 28.70 20.07
N TYR A 554 7.41 27.88 20.48
CA TYR A 554 8.11 28.04 21.74
C TYR A 554 9.60 28.18 21.48
N ARG A 555 10.27 28.96 22.32
CA ARG A 555 11.70 29.16 22.23
C ARG A 555 12.39 28.32 23.30
N LEU A 556 13.30 27.45 22.87
CA LEU A 556 14.05 26.58 23.77
C LEU A 556 15.42 27.20 24.03
N SER A 557 15.68 27.55 25.28
CA SER A 557 16.95 28.15 25.67
C SER A 557 17.66 27.25 26.68
N TYR A 558 18.98 27.13 26.54
CA TYR A 558 19.78 26.27 27.39
C TYR A 558 20.77 27.07 28.23
N ASP A 559 20.57 28.38 28.38
CA ASP A 559 21.50 29.20 29.15
C ASP A 559 21.53 28.77 30.61
N ALA A 560 20.35 28.55 31.20
CA ALA A 560 20.23 28.15 32.61
C ALA A 560 19.27 26.96 32.66
N GLY A 561 19.83 25.75 32.58
CA GLY A 561 18.97 24.58 32.48
C GLY A 561 18.28 24.55 31.13
N ILE A 562 17.13 23.88 31.10
CA ILE A 562 16.30 23.82 29.90
C ILE A 562 15.02 24.60 30.19
N VAL A 563 14.76 25.63 29.40
CA VAL A 563 13.61 26.50 29.59
C VAL A 563 12.95 26.71 28.23
N ALA A 564 11.67 26.39 28.14
CA ALA A 564 10.88 26.64 26.94
C ALA A 564 9.98 27.84 27.22
N GLU A 565 10.12 28.89 26.41
CA GLU A 565 9.36 30.12 26.58
C GLU A 565 8.43 30.30 25.40
N LYS A 566 7.14 30.51 25.70
CA LYS A 566 6.16 30.78 24.65
C LYS A 566 6.52 32.08 23.94
N VAL A 567 6.60 32.01 22.61
CA VAL A 567 6.88 33.21 21.82
C VAL A 567 5.68 34.14 21.91
N THR A 568 5.88 35.33 22.45
CA THR A 568 4.82 36.31 22.63
C THR A 568 5.19 37.59 21.91
N ALA A 569 4.30 38.04 21.02
CA ALA A 569 4.46 39.31 20.31
C ALA A 569 5.77 39.37 19.53
N GLN A 570 6.18 38.23 18.98
CA GLN A 570 7.37 38.17 18.15
C GLN A 570 7.07 37.55 16.79
N ARG B 42 35.99 21.51 12.51
CA ARG B 42 34.82 20.63 12.43
C ARG B 42 33.52 21.43 12.35
N ALA B 43 32.62 20.99 11.48
CA ALA B 43 31.31 21.61 11.33
C ALA B 43 30.31 20.94 12.26
N SER B 44 29.59 21.74 13.05
CA SER B 44 28.63 21.20 14.00
C SER B 44 27.43 20.61 13.27
N VAL B 45 26.96 19.47 13.77
CA VAL B 45 25.71 18.89 13.30
C VAL B 45 24.66 18.83 14.41
N PHE B 46 24.91 19.48 15.54
CA PHE B 46 23.96 19.53 16.63
C PHE B 46 23.40 20.93 16.89
N ALA B 47 24.10 21.99 16.48
CA ALA B 47 23.65 23.35 16.70
C ALA B 47 23.86 24.16 15.43
N THR B 48 22.89 25.03 15.14
CA THR B 48 22.98 25.94 14.00
C THR B 48 22.51 27.32 14.43
N ASP B 49 23.03 28.34 13.75
CA ASP B 49 22.58 29.71 13.93
C ASP B 49 21.45 29.95 12.95
N HIS B 50 20.22 29.93 13.45
CA HIS B 50 19.05 30.05 12.58
C HIS B 50 18.97 31.43 11.95
N ARG B 51 18.47 31.47 10.72
CA ARG B 51 18.22 32.71 10.01
C ARG B 51 16.75 33.11 10.17
N ALA B 52 16.51 34.40 10.17
CA ALA B 52 15.14 34.90 10.17
C ALA B 52 14.60 34.94 8.74
N PRO B 53 13.54 34.22 8.43
CA PRO B 53 13.01 34.26 7.05
C PRO B 53 12.35 35.59 6.76
N THR B 54 12.16 35.84 5.46
CA THR B 54 11.40 37.02 5.05
C THR B 54 9.98 36.95 5.58
N VAL B 55 9.43 38.10 5.95
CA VAL B 55 8.10 38.14 6.53
C VAL B 55 7.06 37.85 5.47
N TYR B 56 6.22 36.86 5.72
CA TYR B 56 5.16 36.52 4.78
C TYR B 56 3.99 35.91 5.54
N MET B 57 2.83 35.92 4.90
CA MET B 57 1.63 35.28 5.43
C MET B 57 0.89 34.56 4.31
N PRO B 58 0.82 33.23 4.37
CA PRO B 58 0.04 32.50 3.36
C PRO B 58 -1.45 32.65 3.61
N GLN B 59 -2.23 32.43 2.55
CA GLN B 59 -3.68 32.45 2.67
C GLN B 59 -4.28 31.58 1.57
N TYR B 60 -5.32 30.84 1.93
CA TYR B 60 -6.05 30.04 0.95
C TYR B 60 -7.02 30.92 0.19
N ILE B 61 -6.97 30.86 -1.13
CA ILE B 61 -7.80 31.69 -1.99
C ILE B 61 -8.55 30.78 -2.96
N THR B 62 -9.86 30.97 -3.06
CA THR B 62 -10.72 30.19 -3.94
C THR B 62 -11.45 31.13 -4.90
N THR B 63 -11.43 30.81 -6.18
CA THR B 63 -12.06 31.62 -7.21
C THR B 63 -13.02 30.76 -8.03
N GLN B 64 -14.10 31.39 -8.49
CA GLN B 64 -15.13 30.72 -9.28
C GLN B 64 -14.74 30.72 -10.75
N GLY B 65 -15.09 29.63 -11.43
CA GLY B 65 -14.77 29.48 -12.84
C GLY B 65 -15.88 29.98 -13.75
N VAL B 66 -15.49 30.57 -14.87
CA VAL B 66 -16.41 31.00 -15.91
C VAL B 66 -16.39 29.97 -17.03
N VAL B 67 -17.53 29.33 -17.27
CA VAL B 67 -17.61 28.23 -18.22
C VAL B 67 -17.93 28.78 -19.60
N ASP B 68 -17.17 28.34 -20.60
CA ASP B 68 -17.43 28.65 -22.00
C ASP B 68 -17.65 27.35 -22.74
N THR B 69 -18.84 27.18 -23.31
CA THR B 69 -19.20 25.96 -24.02
C THR B 69 -19.41 26.20 -25.52
N THR B 70 -19.05 27.38 -26.03
CA THR B 70 -19.33 27.73 -27.41
C THR B 70 -18.40 27.05 -28.40
N SER B 71 -17.30 26.44 -27.94
CA SER B 71 -16.35 25.78 -28.81
C SER B 71 -16.50 24.26 -28.70
N ASP B 72 -15.64 23.55 -29.43
CA ASP B 72 -15.69 22.09 -29.43
C ASP B 72 -15.38 21.53 -28.04
N ALA B 73 -14.37 22.08 -27.37
CA ALA B 73 -13.98 21.64 -26.04
C ALA B 73 -14.41 22.68 -25.01
N VAL B 74 -15.07 22.22 -23.96
CA VAL B 74 -15.49 23.12 -22.89
C VAL B 74 -14.27 23.67 -22.16
N THR B 75 -14.27 24.97 -21.93
CA THR B 75 -13.20 25.64 -21.19
C THR B 75 -13.77 26.33 -19.97
N VAL B 76 -13.00 26.31 -18.89
CA VAL B 76 -13.33 27.02 -17.65
C VAL B 76 -12.17 27.95 -17.32
N THR B 77 -12.47 29.23 -17.13
CA THR B 77 -11.47 30.27 -16.95
C THR B 77 -11.56 30.82 -15.54
N PHE B 78 -10.40 30.92 -14.87
CA PHE B 78 -10.30 31.49 -13.54
C PHE B 78 -9.38 32.69 -13.58
N GLU B 79 -9.82 33.81 -13.00
CA GLU B 79 -9.02 35.01 -12.92
C GLU B 79 -8.46 35.15 -11.51
N ILE B 80 -7.15 35.39 -11.41
CA ILE B 80 -6.51 35.63 -10.12
C ILE B 80 -6.72 37.10 -9.78
N ARG B 81 -7.77 37.39 -9.00
CA ARG B 81 -8.23 38.74 -8.77
C ARG B 81 -7.64 39.39 -7.51
N ASP B 82 -6.70 38.72 -6.85
CA ASP B 82 -6.11 39.25 -5.63
C ASP B 82 -4.92 40.15 -5.97
N LYS B 83 -4.90 41.34 -5.37
CA LYS B 83 -3.84 42.31 -5.58
C LYS B 83 -2.98 42.52 -4.34
N TYR B 84 -3.32 41.91 -3.21
CA TYR B 84 -2.54 42.02 -1.99
C TYR B 84 -1.46 40.93 -1.88
N ILE B 85 -1.41 39.97 -2.80
CA ILE B 85 -0.49 38.86 -2.71
C ILE B 85 0.64 39.06 -3.71
N SER B 86 1.83 38.57 -3.34
CA SER B 86 3.02 38.70 -4.17
C SER B 86 3.49 37.38 -4.76
N ALA B 87 2.99 36.25 -4.28
CA ALA B 87 3.41 34.95 -4.77
C ALA B 87 2.28 33.95 -4.60
N MET B 88 2.38 32.82 -5.30
CA MET B 88 1.29 31.86 -5.34
C MET B 88 1.82 30.52 -5.84
N ASN B 89 1.20 29.45 -5.35
CA ASN B 89 1.48 28.08 -5.79
C ASN B 89 0.37 27.18 -5.25
N ASN B 90 0.54 25.87 -5.40
CA ASN B 90 -0.39 24.86 -4.89
C ASN B 90 -1.80 25.06 -5.44
N PHE B 91 -1.92 24.95 -6.76
CA PHE B 91 -3.21 25.05 -7.43
C PHE B 91 -4.02 23.77 -7.26
N VAL B 92 -5.29 23.93 -6.93
CA VAL B 92 -6.22 22.81 -6.79
C VAL B 92 -7.48 23.15 -7.58
N LEU B 93 -7.95 22.18 -8.37
CA LEU B 93 -9.21 22.30 -9.09
C LEU B 93 -10.26 21.46 -8.38
N SER B 94 -11.39 22.07 -8.06
CA SER B 94 -12.51 21.38 -7.42
C SER B 94 -13.66 21.28 -8.42
N VAL B 95 -14.22 20.09 -8.56
CA VAL B 95 -15.26 19.80 -9.53
C VAL B 95 -16.49 19.27 -8.80
N ASP B 96 -17.64 19.86 -9.06
CA ASP B 96 -18.90 19.41 -8.49
C ASP B 96 -19.56 18.43 -9.43
N LEU B 97 -19.73 17.18 -8.99
CA LEU B 97 -20.40 16.17 -9.79
C LEU B 97 -21.87 16.13 -9.43
N PRO B 98 -22.78 16.37 -10.36
CA PRO B 98 -24.21 16.35 -10.05
C PRO B 98 -24.70 14.93 -9.81
N GLU B 99 -25.83 14.84 -9.11
CA GLU B 99 -26.49 13.56 -8.91
C GLU B 99 -26.94 12.99 -10.26
N ILE B 100 -26.77 11.69 -10.43
CA ILE B 100 -27.09 11.02 -11.68
C ILE B 100 -28.32 10.15 -11.46
N LYS B 101 -29.33 10.36 -12.30
CA LYS B 101 -30.62 9.69 -12.18
C LYS B 101 -30.99 9.05 -13.51
N GLY B 102 -31.79 8.00 -13.44
CA GLY B 102 -32.31 7.37 -14.63
C GLY B 102 -32.09 5.87 -14.60
N VAL B 103 -32.27 5.25 -15.76
CA VAL B 103 -32.12 3.81 -15.92
C VAL B 103 -30.77 3.52 -16.55
N GLY B 104 -30.27 2.31 -16.32
CA GLY B 104 -29.02 1.85 -16.90
C GLY B 104 -27.98 1.57 -15.83
N LYS B 105 -26.80 1.17 -16.30
CA LYS B 105 -25.67 0.86 -15.46
C LYS B 105 -24.54 1.84 -15.75
N MET B 106 -23.87 2.31 -14.69
CA MET B 106 -22.82 3.30 -14.85
C MET B 106 -21.92 3.31 -13.63
N CYS B 107 -20.63 3.53 -13.86
CA CYS B 107 -19.69 3.89 -12.83
C CYS B 107 -18.82 5.03 -13.35
N TYR B 108 -18.06 5.64 -12.45
CA TYR B 108 -17.01 6.56 -12.82
C TYR B 108 -15.69 5.80 -12.97
N VAL B 109 -14.83 6.30 -13.86
CA VAL B 109 -13.46 5.82 -13.93
C VAL B 109 -12.74 6.31 -12.68
N PRO B 110 -11.69 5.64 -12.22
CA PRO B 110 -10.93 6.17 -11.08
C PRO B 110 -10.29 7.50 -11.43
N TYR B 111 -10.11 8.33 -10.40
CA TYR B 111 -9.46 9.64 -10.51
C TYR B 111 -10.23 10.55 -11.47
N ILE B 112 -11.50 10.76 -11.15
CA ILE B 112 -12.41 11.50 -12.03
C ILE B 112 -11.86 12.90 -12.32
N ALA B 113 -11.39 13.59 -11.28
CA ALA B 113 -11.01 14.99 -11.42
C ALA B 113 -9.88 15.17 -12.44
N TYR B 114 -8.88 14.28 -12.42
CA TYR B 114 -7.80 14.36 -13.39
C TYR B 114 -8.25 13.97 -14.78
N LYS B 115 -9.07 12.92 -14.90
CA LYS B 115 -9.51 12.47 -16.21
C LYS B 115 -10.39 13.50 -16.91
N LEU B 116 -11.00 14.42 -16.17
CA LEU B 116 -11.81 15.48 -16.78
C LEU B 116 -10.94 16.54 -17.45
N ILE B 117 -9.65 16.60 -17.14
CA ILE B 117 -8.79 17.69 -17.60
C ILE B 117 -8.10 17.28 -18.89
N ARG B 118 -8.33 18.05 -19.95
CA ARG B 118 -7.56 17.90 -21.19
C ARG B 118 -6.33 18.78 -21.21
N HIS B 119 -6.45 20.02 -20.76
CA HIS B 119 -5.34 20.97 -20.82
C HIS B 119 -5.51 22.01 -19.72
N VAL B 120 -4.38 22.43 -19.15
CA VAL B 120 -4.34 23.53 -18.19
C VAL B 120 -3.31 24.53 -18.67
N ALA B 121 -3.69 25.80 -18.69
CA ALA B 121 -2.79 26.88 -19.11
C ALA B 121 -2.83 28.00 -18.09
N VAL B 122 -1.66 28.44 -17.65
CA VAL B 122 -1.52 29.61 -16.80
C VAL B 122 -1.01 30.75 -17.65
N ASN B 123 -1.80 31.82 -17.73
CA ASN B 123 -1.52 32.94 -18.63
C ASN B 123 -1.37 34.24 -17.86
N SER B 124 -0.61 35.16 -18.42
CA SER B 124 -0.45 36.51 -17.89
C SER B 124 -0.62 37.49 -19.06
N ALA B 125 -1.80 38.09 -19.16
CA ALA B 125 -2.13 39.05 -20.21
C ALA B 125 -1.86 38.46 -21.60
N ALA B 126 -2.58 37.37 -21.89
CA ALA B 126 -2.55 36.70 -23.19
C ALA B 126 -1.18 36.09 -23.51
N ASP B 127 -0.34 35.87 -22.50
CA ASP B 127 0.95 35.21 -22.69
C ASP B 127 1.03 34.03 -21.73
N THR B 128 1.43 32.87 -22.26
CA THR B 128 1.44 31.65 -21.47
C THR B 128 2.63 31.62 -20.53
N ILE B 129 2.36 31.41 -19.24
CA ILE B 129 3.41 31.21 -18.25
C ILE B 129 3.82 29.76 -18.15
N TRP B 130 2.83 28.87 -18.06
CA TRP B 130 3.05 27.45 -17.94
C TRP B 130 1.79 26.74 -18.39
N GLU B 131 1.96 25.59 -19.05
CA GLU B 131 0.83 24.83 -19.55
C GLU B 131 1.22 23.37 -19.63
N THR B 132 0.21 22.50 -19.48
CA THR B 132 0.44 21.07 -19.56
C THR B 132 -0.82 20.41 -20.12
N SER B 133 -0.65 19.22 -20.68
CA SER B 133 -1.78 18.39 -21.02
C SER B 133 -2.30 17.69 -19.76
N GLY B 134 -3.54 17.21 -19.84
CA GLY B 134 -4.11 16.49 -18.71
C GLY B 134 -3.35 15.22 -18.38
N GLU B 135 -2.89 14.50 -19.41
CA GLU B 135 -2.19 13.24 -19.19
C GLU B 135 -0.87 13.44 -18.48
N GLU B 136 -0.12 14.49 -18.86
CA GLU B 136 1.14 14.77 -18.19
C GLU B 136 0.93 15.14 -16.72
N LEU B 137 -0.09 15.97 -16.44
CA LEU B 137 -0.44 16.28 -15.06
C LEU B 137 -0.78 15.02 -14.26
N PHE B 138 -1.64 14.18 -14.84
CA PHE B 138 -2.05 12.94 -14.18
C PHE B 138 -0.83 12.06 -13.88
N ASP B 139 0.07 11.93 -14.85
CA ASP B 139 1.28 11.14 -14.64
C ASP B 139 2.16 11.73 -13.55
N SER B 140 2.27 13.07 -13.52
CA SER B 140 3.08 13.71 -12.50
C SER B 140 2.48 13.57 -11.10
N CYS B 141 1.17 13.38 -10.99
CA CYS B 141 0.53 13.27 -9.69
C CYS B 141 0.29 11.83 -9.23
N LEU B 142 0.57 10.84 -10.07
CA LEU B 142 0.20 9.46 -9.75
C LEU B 142 0.92 8.91 -8.53
N ASP B 143 2.07 9.46 -8.17
CA ASP B 143 2.84 8.93 -7.05
C ASP B 143 2.16 9.15 -5.70
N ASN B 144 1.47 10.28 -5.54
CA ASN B 144 0.91 10.67 -4.25
C ASN B 144 -0.46 10.01 -4.07
N GLU B 145 -0.54 9.07 -3.12
CA GLU B 145 -1.75 8.29 -2.94
C GLU B 145 -2.89 9.13 -2.38
N ARG B 146 -2.62 9.94 -1.36
CA ARG B 146 -3.66 10.78 -0.76
C ARG B 146 -4.21 11.77 -1.78
N VAL B 147 -3.31 12.43 -2.51
CA VAL B 147 -3.73 13.41 -3.51
C VAL B 147 -4.59 12.73 -4.58
N MET B 148 -4.15 11.56 -5.05
CA MET B 148 -4.91 10.87 -6.08
C MET B 148 -6.28 10.44 -5.57
N GLU B 149 -6.35 10.01 -4.30
CA GLU B 149 -7.63 9.69 -3.69
C GLU B 149 -8.56 10.90 -3.68
N LEU B 150 -8.01 12.09 -3.48
CA LEU B 150 -8.84 13.30 -3.53
C LEU B 150 -9.59 13.43 -4.85
N SER B 151 -9.03 12.93 -5.94
CA SER B 151 -9.63 13.10 -7.27
C SER B 151 -10.86 12.21 -7.49
N GLY B 152 -11.18 11.34 -6.54
CA GLY B 152 -12.31 10.45 -6.67
C GLY B 152 -11.88 9.04 -6.98
N PHE B 153 -11.79 8.22 -5.94
CA PHE B 153 -11.40 6.82 -6.06
C PHE B 153 -12.03 6.10 -4.86
N SER B 154 -13.19 5.50 -5.08
CA SER B 154 -13.95 4.92 -3.98
C SER B 154 -14.94 3.91 -4.52
N ARG B 155 -15.42 3.05 -3.62
CA ARG B 155 -16.45 2.08 -3.98
C ARG B 155 -17.71 2.76 -4.46
N GLU B 156 -18.12 3.84 -3.79
CA GLU B 156 -19.35 4.53 -4.18
C GLU B 156 -19.23 5.15 -5.57
N LEU B 157 -18.05 5.63 -5.92
CA LEU B 157 -17.88 6.35 -7.18
C LEU B 157 -17.58 5.41 -8.35
N ASN B 158 -16.79 4.37 -8.13
CA ASN B 158 -16.19 3.63 -9.22
C ASN B 158 -16.78 2.24 -9.46
N ASP B 159 -17.59 1.72 -8.55
CA ASP B 159 -18.26 0.45 -8.83
C ASP B 159 -19.53 0.67 -9.63
N LEU B 160 -19.85 -0.30 -10.47
CA LEU B 160 -21.03 -0.18 -11.33
C LEU B 160 -22.30 -0.06 -10.49
N SER B 161 -23.09 0.96 -10.81
CA SER B 161 -24.38 1.17 -10.15
C SER B 161 -25.48 1.07 -11.19
N THR B 162 -26.63 0.54 -10.78
CA THR B 162 -27.72 0.25 -11.68
C THR B 162 -28.95 1.07 -11.31
N GLY B 163 -29.54 1.73 -12.30
CA GLY B 163 -30.83 2.37 -12.17
C GLY B 163 -31.88 1.58 -12.93
N SER B 164 -33.04 1.37 -12.29
CA SER B 164 -34.12 0.62 -12.88
C SER B 164 -35.38 1.42 -13.10
N SER B 165 -35.45 2.65 -12.60
CA SER B 165 -36.57 3.55 -12.81
C SER B 165 -36.05 4.92 -13.19
N PRO B 166 -36.85 5.72 -13.90
CA PRO B 166 -36.38 7.06 -14.29
C PRO B 166 -36.03 7.96 -13.12
N ASN B 167 -36.54 7.66 -11.93
CA ASN B 167 -36.22 8.44 -10.74
C ASN B 167 -35.18 7.77 -9.84
N ASP B 168 -34.69 6.60 -10.22
CA ASP B 168 -33.66 5.93 -9.44
C ASP B 168 -32.36 6.72 -9.50
N VAL B 169 -31.66 6.79 -8.38
CA VAL B 169 -30.39 7.51 -8.29
C VAL B 169 -29.27 6.52 -8.56
N ILE B 170 -28.55 6.73 -9.65
CA ILE B 170 -27.41 5.86 -9.96
C ILE B 170 -26.18 6.28 -9.16
N LYS B 171 -25.87 7.58 -9.17
CA LYS B 171 -24.76 8.11 -8.41
C LYS B 171 -25.21 9.36 -7.66
N GLU B 172 -24.91 9.41 -6.37
CA GLU B 172 -25.17 10.61 -5.59
C GLU B 172 -24.20 11.71 -5.99
N ALA B 173 -24.57 12.95 -5.68
CA ALA B 173 -23.69 14.07 -5.98
C ALA B 173 -22.42 13.97 -5.16
N ALA B 174 -21.33 14.51 -5.71
CA ALA B 174 -20.03 14.41 -5.08
C ALA B 174 -19.15 15.56 -5.53
N CYS B 175 -18.14 15.85 -4.72
CA CYS B 175 -17.13 16.84 -5.05
C CYS B 175 -15.76 16.15 -5.09
N VAL B 176 -15.04 16.33 -6.19
CA VAL B 176 -13.71 15.77 -6.36
C VAL B 176 -12.73 16.91 -6.63
N HIS B 177 -11.46 16.64 -6.35
CA HIS B 177 -10.43 17.67 -6.44
C HIS B 177 -9.21 17.14 -7.16
N ALA B 178 -8.69 17.93 -8.08
CA ALA B 178 -7.46 17.60 -8.80
C ALA B 178 -6.37 18.59 -8.39
N TYR B 179 -5.33 18.07 -7.74
CA TYR B 179 -4.18 18.90 -7.40
C TYR B 179 -3.38 19.17 -8.67
N ILE B 180 -3.37 20.42 -9.10
CA ILE B 180 -2.66 20.80 -10.31
C ILE B 180 -1.19 21.03 -9.96
N LYS B 181 -0.41 19.95 -9.98
CA LYS B 181 1.01 20.06 -9.68
C LYS B 181 1.70 20.91 -10.74
N THR B 182 2.43 21.92 -10.28
CA THR B 182 3.15 22.85 -11.12
C THR B 182 4.59 22.91 -10.66
N PRO B 183 5.51 23.39 -11.50
CA PRO B 183 6.89 23.62 -11.03
C PRO B 183 6.96 24.64 -9.91
N PHE B 184 5.91 25.42 -9.69
CA PHE B 184 5.88 26.40 -8.62
C PHE B 184 5.80 25.76 -7.23
N ASP B 185 5.46 24.47 -7.14
CA ASP B 185 5.44 23.76 -5.87
C ASP B 185 6.72 22.95 -5.62
N ALA B 186 7.70 23.03 -6.52
CA ALA B 186 8.86 22.15 -6.42
C ALA B 186 9.64 22.37 -5.14
N ASP B 187 9.81 23.63 -4.72
CA ASP B 187 10.62 23.96 -3.55
C ASP B 187 9.86 24.91 -2.63
N LYS B 188 8.56 24.67 -2.45
CA LYS B 188 7.69 25.42 -1.54
C LYS B 188 7.77 26.90 -1.90
N THR B 189 8.13 27.79 -0.97
CA THR B 189 8.08 29.22 -1.25
C THR B 189 9.15 29.65 -2.26
N PHE B 190 10.25 28.90 -2.35
CA PHE B 190 11.33 29.29 -3.26
C PHE B 190 10.88 29.25 -4.72
N SER B 191 10.00 28.32 -5.08
CA SER B 191 9.60 28.13 -6.46
C SER B 191 8.30 28.85 -6.82
N THR B 192 7.71 29.60 -5.89
CA THR B 192 6.40 30.19 -6.13
C THR B 192 6.40 31.13 -7.33
N LEU B 193 5.27 31.17 -8.03
CA LEU B 193 5.07 32.12 -9.11
C LEU B 193 4.91 33.52 -8.51
N LYS B 194 5.75 34.45 -8.94
CA LYS B 194 5.74 35.81 -8.41
C LYS B 194 4.73 36.66 -9.17
N LEU B 195 3.94 37.43 -8.43
CA LEU B 195 2.94 38.31 -8.99
C LEU B 195 3.33 39.76 -8.70
N SER B 196 3.35 40.59 -9.74
CA SER B 196 3.65 42.02 -9.63
C SER B 196 2.62 42.79 -10.44
N ASP B 197 1.47 43.08 -9.82
CA ASP B 197 0.38 43.83 -10.46
C ASP B 197 0.04 43.26 -11.83
N SER B 198 0.00 41.93 -11.92
CA SER B 198 -0.25 41.22 -13.17
C SER B 198 -1.56 40.45 -13.08
N LYS B 199 -2.27 40.40 -14.20
CA LYS B 199 -3.52 39.66 -14.29
C LYS B 199 -3.22 38.24 -14.74
N VAL B 200 -3.07 37.34 -13.79
CA VAL B 200 -2.83 35.93 -14.08
C VAL B 200 -4.16 35.24 -14.29
N THR B 201 -4.27 34.48 -15.38
CA THR B 201 -5.47 33.75 -15.73
C THR B 201 -5.15 32.27 -15.89
N VAL B 202 -5.99 31.41 -15.32
CA VAL B 202 -5.86 29.97 -15.44
C VAL B 202 -7.03 29.45 -16.27
N THR B 203 -6.72 28.78 -17.38
CA THR B 203 -7.73 28.22 -18.27
C THR B 203 -7.59 26.70 -18.27
N VAL B 204 -8.70 26.01 -18.01
CA VAL B 204 -8.74 24.56 -17.98
C VAL B 204 -9.62 24.09 -19.12
N THR B 205 -9.07 23.26 -20.00
CA THR B 205 -9.81 22.65 -21.09
C THR B 205 -10.20 21.23 -20.69
N LEU B 206 -11.46 20.88 -20.91
CA LEU B 206 -12.02 19.65 -20.38
C LEU B 206 -12.22 18.60 -21.46
N ASN B 207 -12.01 17.34 -21.07
CA ASN B 207 -12.40 16.22 -21.90
C ASN B 207 -13.93 16.06 -21.90
N PRO B 208 -14.49 15.36 -22.88
CA PRO B 208 -15.91 15.07 -22.83
C PRO B 208 -16.27 14.26 -21.59
N VAL B 209 -17.46 14.51 -21.06
CA VAL B 209 -17.87 13.89 -19.80
C VAL B 209 -17.90 12.37 -19.94
N ALA B 210 -18.16 11.88 -21.15
CA ALA B 210 -18.15 10.43 -21.38
C ALA B 210 -16.79 9.81 -21.10
N CYS B 211 -15.71 10.60 -21.17
CA CYS B 211 -14.38 10.07 -20.93
C CYS B 211 -14.21 9.58 -19.50
N VAL B 212 -14.92 10.17 -18.54
CA VAL B 212 -14.80 9.80 -17.14
C VAL B 212 -15.89 8.82 -16.72
N MET B 213 -16.58 8.21 -17.68
CA MET B 213 -17.74 7.38 -17.40
C MET B 213 -17.60 6.02 -18.07
N VAL B 214 -18.08 4.99 -17.37
CA VAL B 214 -18.21 3.65 -17.92
C VAL B 214 -19.67 3.23 -17.75
N TYR B 215 -20.33 2.92 -18.86
CA TYR B 215 -21.78 2.72 -18.83
C TYR B 215 -22.19 1.68 -19.86
N ASP B 216 -23.39 1.15 -19.68
CA ASP B 216 -23.95 0.16 -20.58
C ASP B 216 -24.78 0.84 -21.66
N GLU B 217 -25.45 0.06 -22.50
CA GLU B 217 -26.20 0.62 -23.61
C GLU B 217 -27.48 1.32 -23.14
N THR B 218 -28.02 0.93 -22.00
CA THR B 218 -29.26 1.52 -21.53
C THR B 218 -29.05 2.93 -20.96
N PHE B 219 -27.90 3.18 -20.35
CA PHE B 219 -27.65 4.47 -19.72
C PHE B 219 -27.62 5.57 -20.77
N ASP B 220 -28.32 6.68 -20.48
CA ASP B 220 -28.41 7.81 -21.39
C ASP B 220 -27.25 8.77 -21.09
N ALA B 221 -26.08 8.42 -21.63
CA ALA B 221 -24.90 9.24 -21.42
C ALA B 221 -24.98 10.56 -22.19
N ALA B 222 -25.60 10.55 -23.37
CA ALA B 222 -25.68 11.76 -24.19
C ALA B 222 -26.52 12.82 -23.50
N LYS B 223 -27.66 12.44 -22.91
CA LYS B 223 -28.50 13.42 -22.23
C LYS B 223 -27.78 14.04 -21.04
N LEU B 224 -27.06 13.22 -20.28
CA LEU B 224 -26.34 13.75 -19.12
C LEU B 224 -25.18 14.64 -19.55
N ALA B 225 -24.51 14.28 -20.64
CA ALA B 225 -23.46 15.15 -21.18
C ALA B 225 -24.04 16.48 -21.64
N LYS B 226 -25.22 16.46 -22.26
CA LYS B 226 -25.86 17.70 -22.69
C LYS B 226 -26.24 18.58 -21.49
N GLU B 227 -26.60 17.98 -20.37
CA GLU B 227 -27.10 18.71 -19.21
C GLU B 227 -26.10 18.76 -18.06
N PHE B 228 -24.83 18.49 -18.31
CA PHE B 228 -23.83 18.51 -17.24
C PHE B 228 -23.52 19.94 -16.84
N PRO B 229 -23.71 20.32 -15.57
CA PRO B 229 -23.29 21.65 -15.11
C PRO B 229 -21.80 21.63 -14.75
N TYR B 230 -21.03 22.46 -15.43
CA TYR B 230 -19.57 22.48 -15.26
C TYR B 230 -19.16 23.40 -14.11
N SER B 231 -19.74 23.19 -12.94
CA SER B 231 -19.47 24.02 -11.77
C SER B 231 -18.13 23.63 -11.17
N MET B 232 -17.14 24.50 -11.29
CA MET B 232 -15.80 24.23 -10.77
C MET B 232 -15.24 25.46 -10.07
N GLU B 233 -14.31 25.20 -9.15
CA GLU B 233 -13.58 26.24 -8.44
C GLU B 233 -12.09 25.94 -8.50
N LEU B 234 -11.29 27.00 -8.49
CA LEU B 234 -9.85 26.89 -8.43
C LEU B 234 -9.36 27.45 -7.10
N SER B 235 -8.53 26.69 -6.40
CA SER B 235 -7.97 27.11 -5.13
C SER B 235 -6.46 27.12 -5.22
N PHE B 236 -5.84 28.03 -4.48
CA PHE B 236 -4.38 28.14 -4.46
C PHE B 236 -3.98 28.84 -3.16
N ILE B 237 -2.69 28.74 -2.86
CA ILE B 237 -2.12 29.40 -1.68
C ILE B 237 -1.42 30.66 -2.15
N GLY B 238 -1.95 31.81 -1.78
CA GLY B 238 -1.30 33.08 -2.04
C GLY B 238 -0.48 33.52 -0.85
N TYR B 239 0.57 34.30 -1.13
CA TYR B 239 1.51 34.73 -0.10
C TYR B 239 1.60 36.24 -0.10
N MET B 240 1.25 36.85 1.03
CA MET B 240 1.49 38.27 1.25
C MET B 240 2.92 38.42 1.75
N VAL B 241 3.82 38.90 0.89
CA VAL B 241 5.25 38.92 1.18
C VAL B 241 5.71 40.36 1.32
N LYS B 242 6.45 40.63 2.38
CA LYS B 242 7.02 41.94 2.64
C LYS B 242 8.38 42.05 1.97
N ASN B 243 8.55 43.10 1.16
CA ASN B 243 9.81 43.40 0.48
C ASN B 243 10.28 42.23 -0.38
N LEU B 244 9.48 41.91 -1.39
CA LEU B 244 9.78 40.83 -2.32
C LEU B 244 10.38 41.40 -3.59
N CYS B 245 11.58 40.93 -3.94
CA CYS B 245 12.23 41.28 -5.20
C CYS B 245 12.33 40.02 -6.07
N PRO B 246 11.46 39.85 -7.07
CA PRO B 246 11.44 38.59 -7.83
C PRO B 246 12.64 38.47 -8.75
N ARG B 247 13.40 37.39 -8.56
CA ARG B 247 14.54 37.04 -9.39
C ARG B 247 14.10 36.11 -10.52
N PRO B 248 14.85 36.09 -11.62
CA PRO B 248 14.51 35.16 -12.71
C PRO B 248 14.59 33.71 -12.24
N ALA B 249 13.70 32.89 -12.80
CA ALA B 249 13.61 31.48 -12.44
C ALA B 249 13.46 30.64 -13.70
N PHE B 250 13.78 29.36 -13.56
CA PHE B 250 13.67 28.40 -14.66
C PHE B 250 12.60 27.37 -14.33
N ILE B 251 11.73 27.10 -15.31
CA ILE B 251 10.70 26.09 -15.19
C ILE B 251 10.73 25.20 -16.42
N GLU B 252 10.18 24.00 -16.26
CA GLU B 252 10.10 23.03 -17.34
C GLU B 252 8.66 22.89 -17.80
N MET B 253 8.44 22.94 -19.11
CA MET B 253 7.12 22.82 -19.71
C MET B 253 7.08 21.59 -20.60
N PRO B 254 6.14 20.67 -20.39
CA PRO B 254 6.08 19.47 -21.23
C PRO B 254 5.46 19.78 -22.59
N ARG B 255 6.20 19.46 -23.65
CA ARG B 255 5.68 19.56 -25.02
C ARG B 255 5.32 18.16 -25.50
N ARG B 256 4.08 18.00 -25.93
CA ARG B 256 3.52 16.69 -26.24
C ARG B 256 3.20 16.60 -27.72
N ARG B 257 3.66 15.53 -28.36
CA ARG B 257 3.43 15.29 -29.78
C ARG B 257 2.80 13.92 -29.95
N VAL B 258 1.64 13.88 -30.62
CA VAL B 258 0.92 12.64 -30.88
C VAL B 258 0.96 12.38 -32.37
N GLU B 259 1.48 11.21 -32.75
CA GLU B 259 1.60 10.84 -34.15
C GLU B 259 0.30 10.27 -34.68
N GLN B 260 0.23 10.13 -36.00
CA GLN B 260 -0.93 9.51 -36.63
C GLN B 260 -1.02 8.04 -36.25
N ILE B 261 -2.21 7.47 -36.47
CA ILE B 261 -2.50 6.12 -36.01
C ILE B 261 -1.57 5.12 -36.70
N ASN B 262 -0.95 4.25 -35.89
CA ASN B 262 0.02 3.24 -36.35
C ASN B 262 1.22 3.87 -37.07
N HIS B 263 1.62 5.06 -36.67
CA HIS B 263 2.89 5.64 -37.09
C HIS B 263 3.93 5.38 -36.01
N THR B 264 5.14 4.99 -36.44
CA THR B 264 6.18 4.60 -35.51
C THR B 264 7.37 5.56 -35.50
N THR B 265 7.25 6.72 -36.14
CA THR B 265 8.30 7.72 -36.16
C THR B 265 7.71 9.08 -35.79
N ALA B 266 8.44 9.81 -34.94
CA ALA B 266 8.02 11.14 -34.53
C ALA B 266 9.23 12.06 -34.58
N VAL B 267 9.01 13.29 -35.07
CA VAL B 267 10.05 14.30 -35.16
C VAL B 267 9.62 15.51 -34.34
N ILE B 268 10.46 15.91 -33.40
CA ILE B 268 10.23 17.10 -32.58
C ILE B 268 11.23 18.16 -33.01
N THR B 269 10.71 19.28 -33.52
CA THR B 269 11.56 20.37 -33.99
C THR B 269 11.69 21.45 -32.94
N ASP B 270 12.69 22.32 -33.15
CA ASP B 270 12.96 23.45 -32.25
C ASP B 270 13.23 22.97 -30.82
N VAL B 271 14.15 22.01 -30.70
CA VAL B 271 14.57 21.48 -29.40
C VAL B 271 15.91 22.10 -29.06
N HIS B 272 15.95 22.90 -28.00
CA HIS B 272 17.15 23.59 -27.58
C HIS B 272 17.58 23.30 -26.15
N ALA B 273 16.62 23.01 -25.26
CA ALA B 273 16.97 22.67 -23.87
C ALA B 273 15.90 21.70 -23.36
N CYS B 274 16.20 20.41 -23.47
CA CYS B 274 15.27 19.35 -23.07
C CYS B 274 15.81 18.65 -21.85
N THR B 275 15.03 18.64 -20.77
CA THR B 275 15.43 17.99 -19.54
C THR B 275 15.11 16.51 -19.51
N SER B 276 14.09 16.08 -20.25
CA SER B 276 13.71 14.68 -20.30
C SER B 276 12.86 14.41 -21.52
N LEU B 277 12.99 13.21 -22.07
CA LEU B 277 12.22 12.78 -23.23
C LEU B 277 11.47 11.50 -22.87
N SER B 278 10.16 11.49 -23.11
CA SER B 278 9.31 10.35 -22.79
C SER B 278 8.63 9.84 -24.05
N VAL B 279 8.60 8.52 -24.21
CA VAL B 279 7.99 7.87 -25.36
C VAL B 279 7.08 6.76 -24.86
N TYR B 280 5.84 6.72 -25.36
CA TYR B 280 4.93 5.62 -25.05
C TYR B 280 3.85 5.57 -26.12
N MET B 281 3.07 4.50 -26.07
CA MET B 281 1.98 4.27 -27.02
C MET B 281 0.65 4.38 -26.29
N LYS B 282 -0.36 4.87 -27.00
CA LYS B 282 -1.71 4.98 -26.45
C LYS B 282 -2.70 4.28 -27.36
N PRO B 283 -3.69 3.59 -26.80
CA PRO B 283 -4.76 3.02 -27.63
C PRO B 283 -5.66 4.10 -28.19
N VAL B 284 -6.21 3.84 -29.36
CA VAL B 284 -7.18 4.73 -29.99
C VAL B 284 -8.53 4.04 -29.86
N LEU B 285 -9.31 4.44 -28.87
CA LEU B 285 -10.62 3.84 -28.61
C LEU B 285 -11.69 4.77 -29.17
N SER B 286 -11.91 4.65 -30.47
CA SER B 286 -12.94 5.42 -31.16
C SER B 286 -14.27 4.68 -31.04
N ASP B 287 -15.27 5.09 -31.84
CA ASP B 287 -16.57 4.45 -31.82
C ASP B 287 -16.45 2.99 -32.23
N ALA B 288 -17.13 2.12 -31.47
CA ALA B 288 -17.19 0.68 -31.64
C ALA B 288 -15.88 0.01 -31.23
N ASN B 289 -14.84 0.80 -30.95
CA ASN B 289 -13.64 0.31 -30.29
C ASN B 289 -13.60 0.69 -28.82
N ASN B 290 -14.62 1.41 -28.34
CA ASN B 290 -14.77 1.73 -26.94
C ASN B 290 -15.68 0.76 -26.20
N ARG B 291 -16.21 -0.25 -26.89
CA ARG B 291 -17.12 -1.21 -26.30
C ARG B 291 -16.34 -2.40 -25.76
N PHE B 292 -16.55 -2.71 -24.48
CA PHE B 292 -15.78 -3.75 -23.81
C PHE B 292 -16.72 -4.72 -23.11
N ILE B 293 -16.26 -5.97 -23.01
CA ILE B 293 -17.08 -7.03 -22.41
C ILE B 293 -17.23 -6.81 -20.91
N SER B 294 -16.21 -6.28 -20.25
CA SER B 294 -16.26 -6.13 -18.80
C SER B 294 -15.41 -4.94 -18.37
N TYR B 295 -15.63 -4.50 -17.13
CA TYR B 295 -14.85 -3.46 -16.49
C TYR B 295 -14.93 -3.72 -14.99
N PRO B 296 -13.79 -3.78 -14.29
CA PRO B 296 -13.83 -4.20 -12.88
C PRO B 296 -14.31 -3.14 -11.91
N GLY B 297 -14.31 -1.87 -12.29
CA GLY B 297 -14.82 -0.83 -11.41
C GLY B 297 -13.77 -0.39 -10.40
N PHE B 298 -14.13 -0.45 -9.12
CA PHE B 298 -13.27 0.10 -8.07
C PHE B 298 -11.99 -0.73 -7.91
N GLN B 299 -12.11 -2.05 -8.04
CA GLN B 299 -10.95 -2.93 -7.96
C GLN B 299 -10.18 -2.85 -9.28
N GLN B 300 -8.95 -2.31 -9.22
CA GLN B 300 -8.24 -1.89 -10.42
C GLN B 300 -6.97 -2.70 -10.70
N SER B 301 -6.72 -3.76 -9.95
CA SER B 301 -5.53 -4.56 -10.21
C SER B 301 -5.71 -5.38 -11.48
N GLU B 302 -4.58 -5.85 -12.03
CA GLU B 302 -4.62 -6.71 -13.21
C GLU B 302 -5.50 -7.94 -12.96
N GLY B 303 -5.35 -8.56 -11.78
CA GLY B 303 -6.17 -9.70 -11.45
C GLY B 303 -7.65 -9.35 -11.43
N ASP B 304 -7.99 -8.14 -10.99
CA ASP B 304 -9.39 -7.73 -10.97
C ASP B 304 -9.96 -7.60 -12.38
N PHE B 305 -9.22 -6.99 -13.29
CA PHE B 305 -9.64 -6.91 -14.69
C PHE B 305 -9.86 -8.31 -15.26
N VAL B 306 -8.88 -9.20 -15.04
CA VAL B 306 -8.97 -10.55 -15.59
C VAL B 306 -10.15 -11.29 -14.98
N MET B 307 -10.39 -11.14 -13.67
CA MET B 307 -11.48 -11.85 -13.02
C MET B 307 -12.84 -11.35 -13.48
N ALA B 308 -12.99 -10.04 -13.66
CA ALA B 308 -14.25 -9.53 -14.20
C ALA B 308 -14.50 -10.07 -15.60
N PHE B 309 -13.46 -10.07 -16.44
CA PHE B 309 -13.60 -10.60 -17.80
C PHE B 309 -13.97 -12.08 -17.77
N VAL B 310 -13.31 -12.85 -16.89
CA VAL B 310 -13.55 -14.29 -16.81
C VAL B 310 -14.96 -14.57 -16.29
N GLU B 311 -15.43 -13.79 -15.33
CA GLU B 311 -16.79 -13.95 -14.84
C GLU B 311 -17.80 -13.70 -15.96
N ARG B 312 -17.59 -12.63 -16.73
CA ARG B 312 -18.48 -12.35 -17.86
C ARG B 312 -18.45 -13.49 -18.87
N LEU B 313 -17.26 -14.03 -19.15
CA LEU B 313 -17.17 -15.13 -20.11
C LEU B 313 -17.87 -16.38 -19.59
N LEU B 314 -17.62 -16.74 -18.33
CA LEU B 314 -18.22 -17.93 -17.75
C LEU B 314 -19.73 -17.85 -17.71
N GLU B 315 -20.28 -16.64 -17.52
CA GLU B 315 -21.73 -16.48 -17.52
C GLU B 315 -22.35 -17.00 -18.82
N ASP B 316 -21.61 -16.92 -19.93
CA ASP B 316 -22.13 -17.34 -21.23
C ASP B 316 -21.52 -18.63 -21.76
N MET B 317 -20.43 -19.13 -21.15
CA MET B 317 -19.76 -20.30 -21.69
C MET B 317 -20.45 -21.60 -21.28
N VAL B 318 -20.88 -21.70 -20.02
CA VAL B 318 -21.48 -22.92 -19.48
C VAL B 318 -22.98 -22.68 -19.33
N ILE B 319 -23.78 -23.56 -19.94
CA ILE B 319 -25.23 -23.41 -19.98
C ILE B 319 -25.86 -24.68 -19.43
N VAL B 320 -26.83 -24.51 -18.53
CA VAL B 320 -27.64 -25.61 -18.03
C VAL B 320 -29.05 -25.43 -18.59
N SER B 321 -29.51 -26.41 -19.36
CA SER B 321 -30.81 -26.32 -20.00
C SER B 321 -31.33 -27.73 -20.30
N ASN B 322 -32.64 -27.83 -20.46
CA ASN B 322 -33.25 -29.12 -20.79
C ASN B 322 -32.88 -29.55 -22.21
N CYS B 323 -32.98 -28.62 -23.16
CA CYS B 323 -32.74 -28.89 -24.57
C CYS B 323 -31.50 -28.12 -25.03
N TYR B 324 -31.22 -28.22 -26.32
CA TYR B 324 -30.10 -27.50 -26.92
C TYR B 324 -30.29 -25.99 -26.71
N PRO B 325 -29.28 -25.28 -26.22
CA PRO B 325 -29.43 -23.84 -25.98
C PRO B 325 -29.73 -23.09 -27.28
N GLU B 326 -30.69 -22.17 -27.20
CA GLU B 326 -31.10 -21.36 -28.34
C GLU B 326 -30.73 -19.90 -28.09
N GLY B 327 -30.81 -19.11 -29.16
CA GLY B 327 -30.52 -17.70 -29.10
C GLY B 327 -29.10 -17.33 -29.50
N PHE B 328 -28.17 -18.29 -29.49
CA PHE B 328 -26.81 -18.01 -29.90
C PHE B 328 -26.73 -17.88 -31.41
N PRO B 329 -25.68 -17.23 -31.92
CA PRO B 329 -25.50 -17.17 -33.38
C PRO B 329 -25.29 -18.56 -33.96
N GLU B 330 -25.65 -18.69 -35.24
CA GLU B 330 -25.55 -19.99 -35.91
C GLU B 330 -24.12 -20.51 -36.00
N THR B 331 -23.13 -19.62 -35.86
CA THR B 331 -21.74 -20.05 -35.89
C THR B 331 -21.24 -20.55 -34.54
N ALA B 332 -22.01 -20.36 -33.47
CA ALA B 332 -21.60 -20.86 -32.16
C ALA B 332 -21.62 -22.38 -32.14
N GLU B 333 -20.61 -22.97 -31.51
CA GLU B 333 -20.47 -24.43 -31.43
C GLU B 333 -20.64 -24.83 -29.97
N ILE B 334 -21.88 -25.11 -29.58
CA ILE B 334 -22.22 -25.54 -28.23
C ILE B 334 -22.35 -27.05 -28.22
N VAL B 335 -21.61 -27.70 -27.31
CA VAL B 335 -21.61 -29.16 -27.22
C VAL B 335 -21.97 -29.57 -25.80
N GLU B 336 -22.60 -30.74 -25.69
CA GLU B 336 -22.99 -31.26 -24.39
C GLU B 336 -21.78 -31.83 -23.66
N VAL B 337 -21.74 -31.61 -22.35
CA VAL B 337 -20.66 -32.14 -21.53
C VAL B 337 -20.88 -33.63 -21.31
N PRO B 338 -19.90 -34.47 -21.61
CA PRO B 338 -20.08 -35.92 -21.43
C PRO B 338 -20.09 -36.29 -19.96
N PRO B 339 -20.49 -37.51 -19.61
CA PRO B 339 -20.47 -37.91 -18.20
C PRO B 339 -19.10 -37.84 -17.56
N SER B 340 -18.03 -38.02 -18.35
CA SER B 340 -16.68 -37.89 -17.81
C SER B 340 -16.33 -36.45 -17.46
N GLY B 341 -17.10 -35.48 -17.97
CA GLY B 341 -16.86 -34.09 -17.69
C GLY B 341 -15.84 -33.41 -18.58
N VAL B 342 -15.19 -34.16 -19.46
CA VAL B 342 -14.13 -33.63 -20.32
C VAL B 342 -14.71 -33.31 -21.68
N VAL B 343 -14.54 -32.07 -22.13
CA VAL B 343 -14.95 -31.64 -23.46
C VAL B 343 -13.69 -31.34 -24.26
N SER B 344 -13.57 -31.95 -25.42
CA SER B 344 -12.40 -31.78 -26.28
C SER B 344 -12.71 -30.75 -27.35
N ILE B 345 -11.93 -29.66 -27.37
CA ILE B 345 -11.99 -28.65 -28.41
C ILE B 345 -10.73 -28.81 -29.24
N GLN B 346 -10.86 -29.42 -30.42
CA GLN B 346 -9.71 -29.80 -31.22
C GLN B 346 -8.74 -30.64 -30.41
N ASP B 347 -7.60 -30.06 -30.02
CA ASP B 347 -6.58 -30.78 -29.27
C ASP B 347 -6.35 -30.22 -27.87
N THR B 348 -7.33 -29.52 -27.31
CA THR B 348 -7.28 -29.08 -25.92
C THR B 348 -8.57 -29.49 -25.23
N ASP B 349 -8.43 -29.90 -23.96
CA ASP B 349 -9.54 -30.46 -23.20
C ASP B 349 -9.98 -29.51 -22.10
N VAL B 350 -11.29 -29.41 -21.90
CA VAL B 350 -11.87 -28.57 -20.86
C VAL B 350 -12.63 -29.49 -19.91
N PHE B 351 -12.30 -29.41 -18.62
CA PHE B 351 -12.86 -30.31 -17.61
C PHE B 351 -13.95 -29.56 -16.86
N VAL B 352 -15.20 -29.89 -17.15
CA VAL B 352 -16.37 -29.19 -16.63
C VAL B 352 -17.09 -30.10 -15.66
N ARG B 353 -17.29 -29.63 -14.42
CA ARG B 353 -18.00 -30.36 -13.39
C ARG B 353 -18.93 -29.41 -12.66
N ILE B 354 -20.24 -29.55 -12.89
CA ILE B 354 -21.25 -28.68 -12.28
C ILE B 354 -22.08 -29.52 -11.32
N ASP B 355 -22.23 -29.03 -10.09
CA ASP B 355 -22.99 -29.71 -9.06
C ASP B 355 -24.46 -29.31 -9.11
N ASP B 356 -25.30 -30.19 -8.55
CA ASP B 356 -26.73 -29.91 -8.32
C ASP B 356 -27.49 -29.62 -9.61
N VAL B 357 -27.10 -30.26 -10.71
CA VAL B 357 -27.88 -30.14 -11.94
C VAL B 357 -29.17 -30.96 -11.80
N PRO B 358 -30.34 -30.37 -12.02
CA PRO B 358 -31.58 -31.15 -11.91
C PRO B 358 -31.60 -32.34 -12.85
N VAL B 359 -32.56 -33.25 -12.59
CA VAL B 359 -32.58 -34.54 -13.26
C VAL B 359 -32.74 -34.37 -14.77
N GLY B 360 -33.65 -33.49 -15.20
CA GLY B 360 -33.91 -33.35 -16.62
C GLY B 360 -32.89 -32.53 -17.38
N MET B 361 -32.18 -31.64 -16.70
CA MET B 361 -31.29 -30.70 -17.35
C MET B 361 -29.98 -31.35 -17.76
N ARG B 362 -29.28 -30.69 -18.69
CA ARG B 362 -27.96 -31.11 -19.15
C ARG B 362 -27.04 -29.90 -19.17
N VAL B 363 -25.73 -30.18 -19.09
CA VAL B 363 -24.71 -29.13 -19.06
C VAL B 363 -24.12 -29.00 -20.46
N PHE B 364 -24.00 -27.76 -20.94
CA PHE B 364 -23.45 -27.47 -22.25
C PHE B 364 -22.27 -26.51 -22.11
N LEU B 365 -21.34 -26.60 -23.07
CA LEU B 365 -20.16 -25.75 -23.09
C LEU B 365 -20.05 -25.03 -24.42
N HIS B 366 -19.87 -23.73 -24.38
CA HIS B 366 -19.62 -22.92 -25.57
C HIS B 366 -18.14 -23.03 -25.95
N THR B 367 -17.86 -23.63 -27.10
CA THR B 367 -16.47 -23.94 -27.46
C THR B 367 -15.81 -22.88 -28.33
N ASN B 368 -16.55 -21.89 -28.83
CA ASN B 368 -15.98 -20.83 -29.66
C ASN B 368 -16.59 -19.48 -29.30
N ILE B 369 -16.64 -19.16 -27.99
CA ILE B 369 -17.37 -17.98 -27.54
C ILE B 369 -16.79 -16.71 -28.15
N LEU B 370 -15.47 -16.64 -28.29
CA LEU B 370 -14.81 -15.52 -28.97
C LEU B 370 -13.65 -16.08 -29.79
N VAL B 371 -13.66 -15.81 -31.08
CA VAL B 371 -12.64 -16.34 -31.99
C VAL B 371 -12.09 -15.22 -32.85
N PHE B 372 -10.83 -15.37 -33.25
CA PHE B 372 -10.18 -14.38 -34.10
C PHE B 372 -9.10 -15.06 -34.95
N ALA B 373 -9.06 -14.70 -36.22
CA ALA B 373 -8.00 -15.13 -37.12
C ALA B 373 -8.03 -14.22 -38.35
N THR B 374 -6.86 -14.05 -38.96
CA THR B 374 -6.76 -13.23 -40.17
C THR B 374 -6.81 -14.04 -41.46
N ARG B 375 -6.49 -15.33 -41.40
CA ARG B 375 -6.57 -16.20 -42.56
C ARG B 375 -7.30 -17.48 -42.21
N LYS B 376 -8.00 -18.04 -43.20
CA LYS B 376 -8.66 -19.31 -43.02
C LYS B 376 -7.65 -20.44 -42.94
N ASN B 377 -8.05 -21.53 -42.29
CA ASN B 377 -7.27 -22.76 -42.08
C ASN B 377 -6.05 -22.54 -41.21
N SER B 378 -5.82 -21.32 -40.71
CA SER B 378 -4.70 -21.06 -39.82
C SER B 378 -5.09 -21.35 -38.39
N VAL B 379 -4.16 -21.09 -37.45
CA VAL B 379 -4.47 -21.23 -36.05
C VAL B 379 -5.45 -20.15 -35.63
N VAL B 380 -6.38 -20.50 -34.75
CA VAL B 380 -7.47 -19.63 -34.35
C VAL B 380 -7.29 -19.25 -32.89
N TYR B 381 -7.42 -17.95 -32.59
CA TYR B 381 -7.43 -17.48 -31.21
C TYR B 381 -8.82 -17.70 -30.64
N ASN B 382 -8.94 -18.64 -29.70
CA ASN B 382 -10.23 -19.05 -29.17
C ASN B 382 -10.22 -18.85 -27.66
N MET B 383 -11.10 -17.95 -27.18
CA MET B 383 -11.16 -17.68 -25.75
C MET B 383 -11.63 -18.89 -24.95
N SER B 384 -12.46 -19.75 -25.56
CA SER B 384 -12.92 -20.94 -24.86
C SER B 384 -11.78 -21.91 -24.60
N LYS B 385 -10.79 -21.96 -25.50
CA LYS B 385 -9.63 -22.83 -25.31
C LYS B 385 -8.71 -22.37 -24.20
N LYS B 386 -8.91 -21.15 -23.68
CA LYS B 386 -8.10 -20.66 -22.57
C LYS B 386 -8.44 -21.34 -21.25
N PHE B 387 -9.52 -22.09 -21.18
CA PHE B 387 -10.00 -22.70 -19.95
C PHE B 387 -9.61 -24.17 -19.92
N SER B 388 -9.04 -24.61 -18.79
CA SER B 388 -8.69 -26.02 -18.60
C SER B 388 -9.66 -26.75 -17.68
N ALA B 389 -10.16 -26.09 -16.64
CA ALA B 389 -11.12 -26.69 -15.72
C ALA B 389 -12.11 -25.66 -15.24
N ILE B 390 -13.38 -26.03 -15.22
CA ILE B 390 -14.46 -25.18 -14.71
C ILE B 390 -15.30 -26.01 -13.75
N THR B 391 -15.50 -25.49 -12.54
CA THR B 391 -16.34 -26.15 -11.54
C THR B 391 -17.30 -25.15 -10.94
N GLY B 392 -18.47 -25.65 -10.54
CA GLY B 392 -19.48 -24.79 -9.94
C GLY B 392 -20.67 -25.61 -9.49
N ALA B 393 -21.65 -24.90 -8.93
CA ALA B 393 -22.88 -25.50 -8.47
C ALA B 393 -24.06 -24.73 -9.06
N TYR B 394 -25.03 -25.46 -9.59
CA TYR B 394 -26.20 -24.83 -10.18
C TYR B 394 -27.21 -24.48 -9.09
N SER B 395 -27.78 -23.27 -9.19
CA SER B 395 -28.70 -22.75 -8.20
C SER B 395 -30.12 -22.78 -8.76
N ARG B 396 -31.01 -23.51 -8.09
CA ARG B 396 -32.40 -23.58 -8.54
C ARG B 396 -33.11 -22.25 -8.29
N ALA B 397 -32.79 -21.56 -7.19
CA ALA B 397 -33.49 -20.33 -6.85
C ALA B 397 -33.25 -19.23 -7.88
N THR B 398 -32.02 -19.11 -8.37
CA THR B 398 -31.67 -18.07 -9.32
C THR B 398 -31.55 -18.57 -10.75
N SER B 399 -31.68 -19.88 -10.97
CA SER B 399 -31.58 -20.48 -12.30
C SER B 399 -30.27 -20.11 -12.99
N ARG B 400 -29.18 -20.15 -12.22
CA ARG B 400 -27.86 -19.82 -12.74
C ARG B 400 -26.82 -20.64 -12.01
N ILE B 401 -25.58 -20.57 -12.50
CA ILE B 401 -24.47 -21.35 -11.96
C ILE B 401 -23.63 -20.46 -11.05
N ARG B 402 -23.35 -20.95 -9.85
CA ARG B 402 -22.39 -20.31 -8.95
C ARG B 402 -21.04 -20.97 -9.19
N PHE B 403 -20.17 -20.32 -9.96
CA PHE B 403 -18.87 -20.88 -10.28
C PHE B 403 -17.95 -20.77 -9.07
N THR B 404 -17.29 -21.88 -8.73
CA THR B 404 -16.41 -21.92 -7.57
C THR B 404 -14.94 -21.92 -7.93
N THR B 405 -14.55 -22.54 -9.04
CA THR B 405 -13.16 -22.58 -9.47
C THR B 405 -13.10 -22.65 -10.97
N ALA B 406 -12.24 -21.82 -11.57
CA ALA B 406 -12.00 -21.85 -13.01
C ALA B 406 -10.50 -21.71 -13.25
N ILE B 407 -9.89 -22.73 -13.83
CA ILE B 407 -8.47 -22.71 -14.16
C ILE B 407 -8.35 -22.30 -15.63
N HIS B 408 -7.62 -21.22 -15.88
CA HIS B 408 -7.62 -20.61 -17.20
C HIS B 408 -6.30 -19.90 -17.44
N SER B 409 -6.06 -19.56 -18.71
CA SER B 409 -4.88 -18.82 -19.12
C SER B 409 -5.24 -17.44 -19.67
N VAL B 410 -6.42 -16.91 -19.31
CA VAL B 410 -6.82 -15.59 -19.76
C VAL B 410 -5.94 -14.54 -19.09
N ASN B 411 -5.43 -13.61 -19.88
CA ASN B 411 -4.53 -12.57 -19.39
C ASN B 411 -5.16 -11.19 -19.58
N ILE B 412 -4.41 -10.16 -19.17
CA ILE B 412 -4.91 -8.79 -19.23
C ILE B 412 -5.14 -8.35 -20.68
N GLY B 413 -4.29 -8.82 -21.60
CA GLY B 413 -4.46 -8.47 -23.00
C GLY B 413 -5.79 -8.97 -23.55
N ASP B 414 -6.17 -10.19 -23.20
CA ASP B 414 -7.47 -10.72 -23.62
C ASP B 414 -8.61 -9.88 -23.07
N ALA B 415 -8.53 -9.49 -21.80
CA ALA B 415 -9.56 -8.67 -21.19
C ALA B 415 -9.59 -7.26 -21.76
N SER B 416 -8.52 -6.83 -22.44
CA SER B 416 -8.44 -5.49 -22.97
C SER B 416 -8.81 -5.39 -24.45
N VAL B 417 -9.20 -6.49 -25.10
CA VAL B 417 -9.55 -6.45 -26.52
C VAL B 417 -10.95 -5.89 -26.67
N PRO B 418 -11.13 -4.81 -27.41
CA PRO B 418 -12.48 -4.27 -27.61
C PRO B 418 -13.34 -5.20 -28.47
N VAL B 419 -14.65 -5.08 -28.28
CA VAL B 419 -15.59 -5.89 -29.06
C VAL B 419 -15.44 -5.60 -30.55
N GLY B 420 -15.19 -4.33 -30.89
CA GLY B 420 -15.02 -3.99 -32.29
C GLY B 420 -13.84 -4.69 -32.95
N VAL B 421 -12.78 -4.95 -32.19
CA VAL B 421 -11.65 -5.69 -32.72
C VAL B 421 -12.03 -7.16 -32.93
N TRP B 422 -12.81 -7.72 -32.01
CA TRP B 422 -13.30 -9.09 -32.17
C TRP B 422 -14.16 -9.20 -33.43
N THR B 423 -14.97 -8.19 -33.71
CA THR B 423 -15.91 -8.21 -34.82
C THR B 423 -15.45 -7.36 -36.01
N CYS B 424 -14.16 -7.05 -36.09
CA CYS B 424 -13.66 -6.23 -37.18
C CYS B 424 -13.62 -7.02 -38.49
N GLN B 425 -13.50 -6.29 -39.59
CA GLN B 425 -13.46 -6.91 -40.91
C GLN B 425 -12.23 -7.79 -41.11
N ARG B 426 -11.16 -7.55 -40.34
CA ARG B 426 -9.98 -8.39 -40.45
C ARG B 426 -10.26 -9.82 -40.02
N ASN B 427 -11.17 -9.99 -39.05
CA ASN B 427 -11.55 -11.33 -38.61
C ASN B 427 -12.23 -12.10 -39.74
N VAL B 428 -11.70 -13.29 -40.04
CA VAL B 428 -12.33 -14.13 -41.06
C VAL B 428 -13.50 -14.91 -40.48
N TYR B 429 -13.57 -15.07 -39.16
CA TYR B 429 -14.70 -15.71 -38.51
C TYR B 429 -15.70 -14.65 -38.04
N ASN B 430 -16.82 -15.13 -37.48
CA ASN B 430 -17.84 -14.22 -36.98
C ASN B 430 -17.32 -13.39 -35.81
N GLY B 431 -16.49 -13.99 -34.95
CA GLY B 431 -15.85 -13.26 -33.89
C GLY B 431 -16.56 -13.30 -32.55
N ASP B 432 -17.77 -12.74 -32.49
CA ASP B 432 -18.55 -12.67 -31.26
C ASP B 432 -19.70 -13.67 -31.36
N ASN B 433 -19.59 -14.78 -30.64
CA ASN B 433 -20.61 -15.83 -30.62
C ASN B 433 -21.44 -15.81 -29.34
N ARG B 434 -21.38 -14.72 -28.58
CA ARG B 434 -22.11 -14.63 -27.33
C ARG B 434 -23.61 -14.46 -27.58
N SER B 435 -24.40 -14.72 -26.53
CA SER B 435 -25.84 -14.54 -26.59
C SER B 435 -26.19 -13.05 -26.58
N PRO B 436 -27.39 -12.69 -27.03
CA PRO B 436 -27.79 -11.28 -27.00
C PRO B 436 -27.78 -10.65 -25.62
N GLU B 437 -28.09 -11.40 -24.57
CA GLU B 437 -28.09 -10.84 -23.21
C GLU B 437 -26.66 -10.50 -22.77
N ALA B 438 -25.73 -11.44 -22.97
CA ALA B 438 -24.34 -11.20 -22.63
C ALA B 438 -23.79 -10.00 -23.40
N ARG B 439 -24.14 -9.89 -24.68
CA ARG B 439 -23.74 -8.73 -25.46
C ARG B 439 -24.37 -7.46 -24.90
N ALA B 440 -25.61 -7.54 -24.43
CA ALA B 440 -26.27 -6.41 -23.80
C ALA B 440 -25.61 -5.99 -22.50
N LYS B 441 -24.82 -6.88 -21.89
CA LYS B 441 -24.08 -6.50 -20.69
C LYS B 441 -22.79 -5.73 -20.99
N ASP B 442 -22.53 -5.36 -22.24
CA ASP B 442 -21.26 -4.73 -22.59
C ASP B 442 -21.20 -3.29 -22.06
N LEU B 443 -19.97 -2.81 -21.86
CA LEU B 443 -19.72 -1.49 -21.28
C LEU B 443 -18.87 -0.65 -22.21
N PHE B 444 -19.11 0.66 -22.18
CA PHE B 444 -18.39 1.62 -23.01
C PHE B 444 -17.37 2.37 -22.15
N VAL B 445 -16.11 2.32 -22.56
CA VAL B 445 -15.00 2.92 -21.82
C VAL B 445 -14.29 3.90 -22.74
N ALA B 446 -14.04 5.11 -22.25
CA ALA B 446 -13.31 6.13 -23.00
C ALA B 446 -12.30 6.82 -22.10
N ASP B 447 -11.63 6.05 -21.25
CA ASP B 447 -10.65 6.62 -20.34
C ASP B 447 -9.55 7.33 -21.13
N PRO B 448 -9.29 8.61 -20.84
CA PRO B 448 -8.37 9.37 -21.71
C PRO B 448 -6.90 9.10 -21.48
N PHE B 449 -6.51 8.51 -20.35
CA PHE B 449 -5.11 8.40 -19.98
C PHE B 449 -4.60 6.95 -20.03
N LEU B 450 -5.18 6.14 -20.92
CA LEU B 450 -4.72 4.77 -21.08
C LEU B 450 -3.40 4.74 -21.86
N LYS B 451 -2.54 3.78 -21.49
CA LYS B 451 -1.24 3.63 -22.12
C LYS B 451 -1.04 2.17 -22.53
N GLY B 452 -0.23 1.96 -23.56
CA GLY B 452 -0.04 0.63 -24.08
C GLY B 452 -1.24 0.18 -24.90
N VAL B 453 -1.47 -1.13 -24.89
CA VAL B 453 -2.65 -1.71 -25.55
C VAL B 453 -3.62 -2.35 -24.56
N ASP B 454 -3.19 -2.59 -23.33
CA ASP B 454 -4.05 -3.18 -22.32
C ASP B 454 -4.30 -2.16 -21.20
N PHE B 455 -5.32 -2.44 -20.39
CA PHE B 455 -5.76 -1.47 -19.39
C PHE B 455 -4.68 -1.19 -18.35
N LYS B 456 -3.81 -2.16 -18.08
CA LYS B 456 -2.80 -2.01 -17.03
C LYS B 456 -1.41 -1.68 -17.57
N ASN B 457 -1.26 -1.53 -18.89
CA ASN B 457 0.01 -1.15 -19.50
C ASN B 457 1.13 -2.12 -19.11
N LYS B 458 0.85 -3.42 -19.17
CA LYS B 458 1.85 -4.42 -18.85
C LYS B 458 2.42 -5.13 -20.07
N ILE B 459 1.72 -5.13 -21.18
CA ILE B 459 2.22 -5.72 -22.43
C ILE B 459 2.88 -4.61 -23.22
N ASP B 460 4.20 -4.68 -23.35
CA ASP B 460 4.95 -3.65 -24.06
C ASP B 460 4.91 -3.92 -25.55
N VAL B 461 4.36 -2.97 -26.31
CA VAL B 461 4.29 -3.10 -27.77
C VAL B 461 5.50 -2.52 -28.46
N ILE B 462 6.43 -1.91 -27.73
CA ILE B 462 7.65 -1.34 -28.30
C ILE B 462 8.80 -2.32 -28.06
N ALA B 463 9.47 -2.72 -29.12
CA ALA B 463 10.64 -3.59 -29.01
C ALA B 463 11.94 -2.78 -29.01
N ARG B 464 12.18 -2.00 -30.06
CA ARG B 464 13.37 -1.18 -30.18
C ARG B 464 12.98 0.29 -30.20
N MET B 465 13.90 1.14 -29.72
CA MET B 465 13.72 2.58 -29.74
C MET B 465 15.04 3.24 -30.10
N ASP B 466 15.02 4.08 -31.11
CA ASP B 466 16.19 4.85 -31.53
C ASP B 466 15.84 6.33 -31.48
N VAL B 467 16.70 7.11 -30.84
CA VAL B 467 16.52 8.55 -30.71
C VAL B 467 17.69 9.24 -31.40
N ARG B 468 17.38 10.14 -32.32
CA ARG B 468 18.38 10.87 -33.08
C ARG B 468 18.27 12.36 -32.77
N PHE B 469 19.39 12.96 -32.39
CA PHE B 469 19.49 14.41 -32.23
C PHE B 469 20.25 14.94 -33.44
N GLY B 470 19.55 15.65 -34.31
CA GLY B 470 20.13 16.00 -35.59
C GLY B 470 20.42 14.76 -36.39
N ASN B 471 21.63 14.68 -36.95
CA ASN B 471 22.03 13.52 -37.74
C ASN B 471 22.45 12.34 -36.88
N GLU B 472 23.06 12.59 -35.72
CA GLU B 472 23.69 11.53 -34.95
C GLU B 472 22.67 10.77 -34.11
N VAL B 473 23.06 9.57 -33.71
CA VAL B 473 22.25 8.74 -32.81
C VAL B 473 22.48 9.21 -31.39
N LEU B 474 21.41 9.62 -30.71
CA LEU B 474 21.52 10.03 -29.32
C LEU B 474 21.43 8.84 -28.37
N TYR B 475 20.49 7.93 -28.64
CA TYR B 475 20.29 6.76 -27.79
C TYR B 475 19.63 5.66 -28.61
N SER B 476 20.03 4.42 -28.34
CA SER B 476 19.46 3.25 -29.00
C SER B 476 19.39 2.11 -28.00
N GLU B 477 18.23 1.46 -27.94
CA GLU B 477 18.02 0.34 -27.04
C GLU B 477 17.19 -0.74 -27.74
N ASN B 478 17.50 -2.00 -27.43
CA ASN B 478 16.75 -3.13 -27.95
C ASN B 478 15.72 -3.67 -26.96
N SER B 479 15.72 -3.17 -25.72
CA SER B 479 14.77 -3.58 -24.70
C SER B 479 14.34 -2.35 -23.92
N ALA B 480 13.53 -2.56 -22.89
CA ALA B 480 12.97 -1.45 -22.13
C ALA B 480 13.91 -0.98 -21.02
N VAL B 481 15.17 -0.68 -21.38
CA VAL B 481 16.11 -0.16 -20.40
C VAL B 481 15.65 1.20 -19.88
N SER B 482 15.18 2.06 -20.77
CA SER B 482 14.74 3.39 -20.37
C SER B 482 13.52 3.33 -19.46
N ARG B 483 12.64 2.34 -19.67
CA ARG B 483 11.49 2.17 -18.78
C ARG B 483 11.94 1.79 -17.37
N VAL B 484 12.92 0.88 -17.26
CA VAL B 484 13.46 0.51 -15.96
C VAL B 484 14.10 1.71 -15.29
N PHE B 485 14.87 2.50 -16.05
CA PHE B 485 15.49 3.69 -15.48
C PHE B 485 14.45 4.71 -15.04
N GLY B 486 13.37 4.85 -15.81
CA GLY B 486 12.29 5.74 -15.39
C GLY B 486 11.66 5.28 -14.09
N GLU B 487 11.47 3.97 -13.94
CA GLU B 487 10.95 3.45 -12.67
C GLU B 487 11.91 3.75 -11.53
N ILE B 488 13.21 3.55 -11.76
CA ILE B 488 14.20 3.72 -10.69
C ILE B 488 14.30 5.19 -10.29
N LEU B 489 14.28 6.09 -11.26
CA LEU B 489 14.45 7.52 -11.02
C LEU B 489 13.17 8.22 -10.59
N GLY B 490 12.06 7.50 -10.49
CA GLY B 490 10.82 8.11 -10.05
C GLY B 490 10.12 8.96 -11.09
N LYS B 491 10.27 8.62 -12.37
CA LYS B 491 9.62 9.35 -13.45
C LYS B 491 8.24 8.74 -13.70
N THR B 492 7.63 9.09 -14.83
CA THR B 492 6.30 8.60 -15.15
C THR B 492 6.30 7.07 -15.21
N PRO B 493 5.40 6.41 -14.46
CA PRO B 493 5.41 4.95 -14.44
C PRO B 493 5.06 4.35 -15.80
N GLY B 494 5.71 3.22 -16.11
CA GLY B 494 5.38 2.43 -17.28
C GLY B 494 5.62 3.08 -18.62
N VAL B 495 6.53 4.04 -18.71
CA VAL B 495 6.89 4.65 -19.98
C VAL B 495 8.42 4.68 -20.10
N ARG B 496 8.89 4.80 -21.34
CA ARG B 496 10.31 4.93 -21.60
C ARG B 496 10.70 6.41 -21.46
N THR B 497 11.65 6.70 -20.58
CA THR B 497 12.05 8.08 -20.29
C THR B 497 13.56 8.20 -20.37
N LEU B 498 14.03 9.14 -21.17
CA LEU B 498 15.43 9.53 -21.21
C LEU B 498 15.61 10.78 -20.35
N GLN B 499 16.20 10.61 -19.17
CA GLN B 499 16.40 11.72 -18.26
C GLN B 499 17.74 12.40 -18.54
N PHE B 500 17.70 13.72 -18.73
CA PHE B 500 18.89 14.50 -18.97
C PHE B 500 19.28 15.40 -17.81
N ASN B 501 18.34 15.72 -16.91
CA ASN B 501 18.59 16.61 -15.80
C ASN B 501 18.69 15.80 -14.51
N PHE B 502 19.85 15.88 -13.86
CA PHE B 502 20.04 15.32 -12.53
C PHE B 502 20.43 16.40 -11.53
N THR B 503 20.27 17.66 -11.89
CA THR B 503 20.68 18.79 -11.06
C THR B 503 19.54 19.19 -10.12
N PRO B 504 19.84 19.55 -8.87
CA PRO B 504 18.76 19.99 -7.96
C PRO B 504 18.06 21.24 -8.47
N SER B 505 16.77 21.32 -8.18
CA SER B 505 15.91 22.37 -8.73
C SER B 505 15.94 23.62 -7.85
N THR B 506 15.76 24.77 -8.52
CA THR B 506 15.47 26.08 -7.91
C THR B 506 16.70 26.67 -7.21
N PHE B 507 17.76 25.87 -7.07
CA PHE B 507 19.03 26.38 -6.56
C PHE B 507 20.15 26.29 -7.58
N PHE B 508 19.94 25.53 -8.65
CA PHE B 508 20.80 25.54 -9.82
C PHE B 508 19.93 25.71 -11.05
N SER B 509 20.50 26.28 -12.10
CA SER B 509 19.83 26.22 -13.39
C SER B 509 19.78 24.76 -13.86
N PRO B 510 18.71 24.36 -14.53
CA PRO B 510 18.58 22.94 -14.89
C PRO B 510 19.54 22.54 -16.01
N THR B 511 20.02 21.31 -15.92
CA THR B 511 20.83 20.71 -16.97
C THR B 511 19.91 20.11 -18.02
N ALA B 512 20.24 20.32 -19.29
CA ALA B 512 19.37 19.86 -20.36
C ALA B 512 20.20 19.46 -21.58
N LEU B 513 19.60 18.61 -22.40
CA LEU B 513 20.16 18.33 -23.73
C LEU B 513 20.07 19.60 -24.57
N ASN B 514 21.23 20.13 -24.95
CA ASN B 514 21.31 21.45 -25.56
C ASN B 514 21.57 21.34 -27.05
N SER B 515 21.01 22.28 -27.81
CA SER B 515 21.13 22.28 -29.25
C SER B 515 22.49 22.82 -29.70
N ASN B 516 22.91 22.39 -30.90
CA ASN B 516 24.09 22.93 -31.56
C ASN B 516 23.66 23.18 -33.00
N VAL B 517 23.27 24.43 -33.30
CA VAL B 517 22.70 24.75 -34.60
C VAL B 517 23.74 24.58 -35.71
N SER B 518 25.03 24.79 -35.39
CA SER B 518 26.07 24.66 -36.41
C SER B 518 26.10 23.26 -36.99
N ARG B 519 25.93 22.24 -36.16
CA ARG B 519 25.86 20.87 -36.62
C ARG B 519 24.44 20.43 -36.96
N GLY B 520 23.47 21.33 -36.91
CA GLY B 520 22.09 20.98 -37.18
C GLY B 520 21.39 20.24 -36.07
N LYS B 521 21.93 20.28 -34.85
CA LYS B 521 21.41 19.49 -33.73
C LYS B 521 20.29 20.29 -33.05
N ASP B 522 19.13 20.32 -33.69
CA ASP B 522 18.01 21.06 -33.12
C ASP B 522 16.68 20.31 -33.25
N LYS B 523 16.70 19.03 -33.61
CA LYS B 523 15.48 18.26 -33.78
C LYS B 523 15.68 16.85 -33.23
N LEU B 524 14.68 16.35 -32.52
CA LEU B 524 14.68 15.00 -32.00
C LEU B 524 13.80 14.12 -32.88
N ALA B 525 14.36 13.01 -33.36
CA ALA B 525 13.62 12.03 -34.15
C ALA B 525 13.61 10.72 -33.38
N VAL B 526 12.42 10.21 -33.10
CA VAL B 526 12.24 8.96 -32.35
C VAL B 526 11.62 7.93 -33.30
N ARG B 527 12.26 6.77 -33.40
CA ARG B 527 11.74 5.66 -34.19
C ARG B 527 11.61 4.44 -33.28
N VAL B 528 10.45 3.80 -33.33
CA VAL B 528 10.18 2.61 -32.53
C VAL B 528 9.78 1.48 -33.46
N THR B 529 10.13 0.26 -33.06
CA THR B 529 9.71 -0.95 -33.74
C THR B 529 8.72 -1.70 -32.87
N THR B 530 7.66 -2.19 -33.48
CA THR B 530 6.62 -2.89 -32.74
C THR B 530 7.14 -4.24 -32.25
N ALA B 531 6.81 -4.57 -31.01
CA ALA B 531 7.17 -5.88 -30.47
C ALA B 531 6.41 -6.98 -31.21
N HIS B 532 7.09 -8.11 -31.41
CA HIS B 532 6.48 -9.20 -32.16
C HIS B 532 5.31 -9.79 -31.38
N MET B 533 4.21 -10.05 -32.08
CA MET B 533 3.03 -10.69 -31.52
C MET B 533 2.54 -11.74 -32.50
N GLU B 534 1.81 -12.72 -31.97
CA GLU B 534 1.20 -13.73 -32.82
C GLU B 534 0.18 -13.09 -33.76
N ALA B 535 0.22 -13.50 -35.03
CA ALA B 535 -0.63 -12.88 -36.03
C ALA B 535 -2.11 -13.13 -35.80
N HIS B 536 -2.46 -14.19 -35.08
CA HIS B 536 -3.85 -14.47 -34.76
C HIS B 536 -4.31 -13.80 -33.47
N ASN B 537 -3.41 -13.12 -32.77
CA ASN B 537 -3.78 -12.43 -31.54
C ASN B 537 -4.53 -11.15 -31.89
N PRO B 538 -5.79 -10.98 -31.45
CA PRO B 538 -6.51 -9.74 -31.77
C PRO B 538 -5.89 -8.49 -31.16
N LEU B 539 -5.09 -8.63 -30.10
CA LEU B 539 -4.48 -7.47 -29.47
C LEU B 539 -3.52 -6.75 -30.41
N MET B 540 -2.98 -7.46 -31.41
CA MET B 540 -2.10 -6.83 -32.39
C MET B 540 -2.81 -5.74 -33.18
N TYR B 541 -4.11 -5.92 -33.43
CA TYR B 541 -4.86 -5.07 -34.35
C TYR B 541 -5.63 -3.96 -33.63
N VAL B 542 -5.44 -3.81 -32.33
CA VAL B 542 -5.97 -2.66 -31.61
C VAL B 542 -5.23 -1.42 -32.09
N PRO B 543 -5.92 -0.40 -32.60
CA PRO B 543 -5.22 0.79 -33.09
C PRO B 543 -4.48 1.50 -31.96
N ARG B 544 -3.33 2.09 -32.30
CA ARG B 544 -2.47 2.72 -31.31
C ARG B 544 -1.85 3.97 -31.90
N GLN B 545 -1.44 4.87 -30.99
CA GLN B 545 -0.85 6.14 -31.37
C GLN B 545 0.41 6.37 -30.54
N MET B 546 1.47 6.79 -31.21
CA MET B 546 2.76 7.02 -30.56
C MET B 546 2.79 8.43 -29.97
N VAL B 547 3.20 8.54 -28.71
CA VAL B 547 3.25 9.81 -28.00
C VAL B 547 4.69 10.08 -27.60
N VAL B 548 5.16 11.29 -27.88
CA VAL B 548 6.48 11.76 -27.47
C VAL B 548 6.31 13.01 -26.63
N VAL B 549 6.89 13.01 -25.43
CA VAL B 549 6.78 14.13 -24.51
C VAL B 549 8.19 14.67 -24.28
N CYS B 550 8.38 15.95 -24.59
CA CYS B 550 9.68 16.62 -24.44
C CYS B 550 9.52 17.74 -23.43
N ASN B 551 10.22 17.62 -22.30
CA ASN B 551 10.19 18.63 -21.26
C ASN B 551 11.27 19.67 -21.54
N GLU B 552 10.85 20.91 -21.78
CA GLU B 552 11.75 21.96 -22.24
C GLU B 552 11.89 23.05 -21.19
N VAL B 553 13.07 23.65 -21.16
CA VAL B 553 13.40 24.67 -20.15
C VAL B 553 12.89 26.02 -20.62
N TYR B 554 12.18 26.72 -19.73
CA TYR B 554 11.75 28.09 -19.96
C TYR B 554 12.32 28.98 -18.87
N ARG B 555 12.65 30.22 -19.24
CA ARG B 555 13.14 31.21 -18.30
C ARG B 555 12.01 32.14 -17.91
N LEU B 556 11.76 32.25 -16.60
CA LEU B 556 10.70 33.09 -16.07
C LEU B 556 11.30 34.40 -15.55
N SER B 557 10.91 35.50 -16.15
CA SER B 557 11.42 36.82 -15.79
C SER B 557 10.28 37.71 -15.31
N TYR B 558 10.56 38.53 -14.31
CA TYR B 558 9.56 39.42 -13.72
C TYR B 558 9.95 40.89 -13.86
N ASP B 559 10.83 41.22 -14.81
CA ASP B 559 11.24 42.60 -14.99
C ASP B 559 10.08 43.48 -15.42
N ALA B 560 9.32 43.03 -16.44
CA ALA B 560 8.17 43.76 -16.96
C ALA B 560 7.00 42.77 -17.05
N GLY B 561 6.21 42.70 -16.00
CA GLY B 561 5.17 41.69 -15.95
C GLY B 561 5.78 40.31 -15.77
N ILE B 562 5.01 39.30 -16.14
CA ILE B 562 5.46 37.90 -16.11
C ILE B 562 5.64 37.44 -17.54
N VAL B 563 6.85 37.04 -17.90
CA VAL B 563 7.18 36.61 -19.25
C VAL B 563 7.98 35.32 -19.16
N ALA B 564 7.51 34.29 -19.85
CA ALA B 564 8.21 33.02 -19.96
C ALA B 564 8.89 32.95 -21.32
N GLU B 565 10.21 32.83 -21.32
CA GLU B 565 11.00 32.79 -22.53
C GLU B 565 11.58 31.40 -22.72
N LYS B 566 11.33 30.79 -23.88
CA LYS B 566 11.92 29.50 -24.20
C LYS B 566 13.43 29.64 -24.27
N VAL B 567 14.13 28.78 -23.55
CA VAL B 567 15.59 28.81 -23.54
C VAL B 567 16.10 28.32 -24.88
N THR B 568 16.97 29.12 -25.52
CA THR B 568 17.61 28.75 -26.77
C THR B 568 19.11 28.99 -26.65
N ALA B 569 19.90 28.02 -27.10
CA ALA B 569 21.36 28.06 -27.09
C ALA B 569 21.94 28.21 -25.69
N GLN B 570 21.14 27.97 -24.65
CA GLN B 570 21.64 28.03 -23.28
C GLN B 570 21.43 26.69 -22.57
N ARG C 42 17.47 39.45 7.29
CA ARG C 42 16.59 38.34 6.99
C ARG C 42 17.01 37.59 5.72
N ALA C 43 16.98 36.27 5.78
CA ALA C 43 17.29 35.44 4.63
C ALA C 43 16.03 35.17 3.84
N SER C 44 16.09 35.39 2.52
CA SER C 44 14.93 35.20 1.67
C SER C 44 14.59 33.73 1.52
N VAL C 45 13.31 33.40 1.56
CA VAL C 45 12.82 32.06 1.26
C VAL C 45 11.93 32.05 0.02
N PHE C 46 11.89 33.16 -0.72
CA PHE C 46 11.12 33.23 -1.96
C PHE C 46 11.96 33.42 -3.20
N ALA C 47 13.19 33.94 -3.08
CA ALA C 47 14.05 34.15 -4.23
C ALA C 47 15.47 33.70 -3.89
N THR C 48 16.12 33.08 -4.87
CA THR C 48 17.51 32.65 -4.73
C THR C 48 18.27 33.01 -5.99
N ASP C 49 19.58 33.22 -5.83
CA ASP C 49 20.48 33.44 -6.96
C ASP C 49 21.00 32.08 -7.40
N HIS C 50 20.43 31.56 -8.49
CA HIS C 50 20.78 30.22 -8.95
C HIS C 50 22.22 30.15 -9.41
N ARG C 51 22.84 28.99 -9.19
CA ARG C 51 24.19 28.72 -9.64
C ARG C 51 24.15 27.90 -10.92
N ALA C 52 25.09 28.16 -11.81
CA ALA C 52 25.24 27.33 -13.00
C ALA C 52 25.96 26.04 -12.62
N PRO C 53 25.41 24.87 -12.91
CA PRO C 53 26.04 23.62 -12.52
C PRO C 53 27.17 23.25 -13.47
N THR C 54 27.90 22.19 -13.09
CA THR C 54 28.89 21.62 -13.98
C THR C 54 28.23 21.17 -15.28
N VAL C 55 28.92 21.43 -16.40
CA VAL C 55 28.42 20.98 -17.69
C VAL C 55 28.58 19.47 -17.78
N TYR C 56 27.47 18.75 -17.96
CA TYR C 56 27.51 17.31 -18.07
C TYR C 56 26.35 16.84 -18.93
N MET C 57 26.47 15.61 -19.43
CA MET C 57 25.40 14.97 -20.17
C MET C 57 25.32 13.49 -19.77
N PRO C 58 24.23 13.06 -19.16
CA PRO C 58 24.08 11.64 -18.82
C PRO C 58 23.71 10.81 -20.04
N GLN C 59 24.05 9.53 -19.97
CA GLN C 59 23.67 8.58 -21.01
C GLN C 59 23.44 7.22 -20.39
N TYR C 60 22.40 6.54 -20.85
CA TYR C 60 22.16 5.15 -20.46
C TYR C 60 23.10 4.24 -21.23
N ILE C 61 23.81 3.37 -20.51
CA ILE C 61 24.80 2.48 -21.10
C ILE C 61 24.48 1.06 -20.66
N THR C 62 24.41 0.14 -21.62
CA THR C 62 24.12 -1.27 -21.37
C THR C 62 25.27 -2.11 -21.90
N THR C 63 25.74 -3.06 -21.09
CA THR C 63 26.84 -3.93 -21.45
C THR C 63 26.43 -5.39 -21.30
N GLN C 64 27.01 -6.24 -22.13
CA GLN C 64 26.71 -7.67 -22.13
C GLN C 64 27.58 -8.39 -21.11
N GLY C 65 27.01 -9.42 -20.49
CA GLY C 65 27.71 -10.18 -19.47
C GLY C 65 28.42 -11.39 -20.05
N VAL C 66 29.58 -11.70 -19.49
CA VAL C 66 30.35 -12.89 -19.84
C VAL C 66 30.18 -13.90 -18.72
N VAL C 67 29.61 -15.05 -19.05
CA VAL C 67 29.25 -16.06 -18.06
C VAL C 67 30.40 -17.02 -17.87
N ASP C 68 30.77 -17.27 -16.62
CA ASP C 68 31.76 -18.27 -16.26
C ASP C 68 31.08 -19.29 -15.35
N THR C 69 31.03 -20.54 -15.80
CA THR C 69 30.39 -21.63 -15.05
C THR C 69 31.39 -22.67 -14.55
N THR C 70 32.68 -22.42 -14.70
CA THR C 70 33.70 -23.40 -14.36
C THR C 70 33.89 -23.59 -12.86
N SER C 71 33.39 -22.66 -12.04
CA SER C 71 33.54 -22.75 -10.60
C SER C 71 32.27 -23.29 -9.96
N ASP C 72 32.28 -23.39 -8.63
CA ASP C 72 31.11 -23.87 -7.91
C ASP C 72 29.93 -22.92 -8.07
N ALA C 73 30.17 -21.61 -8.02
CA ALA C 73 29.14 -20.61 -8.19
C ALA C 73 29.31 -19.93 -9.53
N VAL C 74 28.21 -19.82 -10.29
CA VAL C 74 28.26 -19.14 -11.58
C VAL C 74 28.53 -17.67 -11.38
N THR C 75 29.42 -17.12 -12.20
CA THR C 75 29.75 -15.70 -12.17
C THR C 75 29.51 -15.08 -13.53
N VAL C 76 29.02 -13.84 -13.53
CA VAL C 76 28.83 -13.04 -14.74
C VAL C 76 29.63 -11.75 -14.56
N THR C 77 30.49 -11.46 -15.53
CA THR C 77 31.40 -10.32 -15.45
C THR C 77 31.04 -9.30 -16.53
N PHE C 78 30.96 -8.03 -16.13
CA PHE C 78 30.70 -6.93 -17.05
C PHE C 78 31.87 -5.97 -17.03
N GLU C 79 32.35 -5.58 -18.20
CA GLU C 79 33.43 -4.61 -18.32
C GLU C 79 32.86 -3.26 -18.72
N ILE C 80 33.25 -2.21 -17.99
CA ILE C 80 32.85 -0.85 -18.31
C ILE C 80 33.83 -0.33 -19.36
N ARG C 81 33.41 -0.36 -20.62
CA ARG C 81 34.30 -0.13 -21.75
C ARG C 81 34.22 1.29 -22.31
N ASP C 82 33.56 2.21 -21.60
CA ASP C 82 33.41 3.57 -22.10
C ASP C 82 34.54 4.44 -21.57
N LYS C 83 35.23 5.12 -22.49
CA LYS C 83 36.30 6.04 -22.13
C LYS C 83 35.89 7.50 -22.23
N TYR C 84 34.73 7.80 -22.80
CA TYR C 84 34.26 9.18 -22.87
C TYR C 84 33.69 9.65 -21.53
N ILE C 85 33.10 8.75 -20.75
CA ILE C 85 32.40 9.14 -19.52
C ILE C 85 33.40 9.33 -18.39
N SER C 86 33.06 10.22 -17.46
CA SER C 86 33.89 10.52 -16.31
C SER C 86 33.28 10.11 -14.98
N ALA C 87 32.00 9.73 -14.96
CA ALA C 87 31.32 9.36 -13.73
C ALA C 87 30.17 8.42 -14.09
N MET C 88 29.66 7.73 -13.08
CA MET C 88 28.68 6.68 -13.33
C MET C 88 28.05 6.25 -12.02
N ASN C 89 26.78 5.83 -12.11
CA ASN C 89 26.01 5.33 -10.98
C ASN C 89 24.75 4.66 -11.53
N ASN C 90 23.83 4.30 -10.63
CA ASN C 90 22.54 3.70 -10.98
C ASN C 90 22.71 2.40 -11.78
N PHE C 91 23.34 1.42 -11.14
CA PHE C 91 23.55 0.10 -11.73
C PHE C 91 22.24 -0.69 -11.73
N VAL C 92 21.94 -1.31 -12.87
CA VAL C 92 20.79 -2.20 -13.00
C VAL C 92 21.24 -3.49 -13.65
N LEU C 93 20.83 -4.62 -13.08
CA LEU C 93 21.07 -5.93 -13.65
C LEU C 93 19.78 -6.44 -14.28
N SER C 94 19.84 -6.82 -15.55
CA SER C 94 18.70 -7.38 -16.27
C SER C 94 18.96 -8.86 -16.51
N VAL C 95 17.97 -9.69 -16.20
CA VAL C 95 18.09 -11.14 -16.29
C VAL C 95 16.99 -11.66 -17.22
N ASP C 96 17.39 -12.47 -18.19
CA ASP C 96 16.45 -13.09 -19.12
C ASP C 96 16.06 -14.46 -18.59
N LEU C 97 14.78 -14.63 -18.27
CA LEU C 97 14.27 -15.91 -17.80
C LEU C 97 13.76 -16.72 -18.98
N PRO C 98 14.29 -17.90 -19.25
CA PRO C 98 13.80 -18.70 -20.37
C PRO C 98 12.44 -19.30 -20.08
N GLU C 99 11.74 -19.65 -21.16
CA GLU C 99 10.47 -20.34 -21.03
C GLU C 99 10.67 -21.70 -20.35
N ILE C 100 9.76 -22.03 -19.44
CA ILE C 100 9.84 -23.27 -18.67
C ILE C 100 8.78 -24.23 -19.21
N LYS C 101 9.24 -25.41 -19.62
CA LYS C 101 8.39 -26.43 -20.22
C LYS C 101 8.54 -27.74 -19.48
N GLY C 102 7.50 -28.56 -19.52
CA GLY C 102 7.55 -29.88 -18.94
C GLY C 102 6.36 -30.14 -18.05
N VAL C 103 6.47 -31.19 -17.25
CA VAL C 103 5.42 -31.61 -16.33
C VAL C 103 5.81 -31.23 -14.92
N GLY C 104 4.81 -31.09 -14.06
CA GLY C 104 5.01 -30.73 -12.68
C GLY C 104 4.41 -29.37 -12.36
N LYS C 105 4.57 -28.97 -11.10
CA LYS C 105 4.10 -27.69 -10.61
C LYS C 105 5.29 -26.87 -10.16
N MET C 106 5.26 -25.57 -10.48
CA MET C 106 6.39 -24.70 -10.19
C MET C 106 5.92 -23.25 -10.21
N CYS C 107 6.51 -22.45 -9.33
CA CYS C 107 6.39 -21.00 -9.37
C CYS C 107 7.75 -20.39 -9.07
N TYR C 108 7.86 -19.10 -9.32
CA TYR C 108 9.03 -18.34 -8.88
C TYR C 108 8.76 -17.74 -7.51
N VAL C 109 9.84 -17.57 -6.74
CA VAL C 109 9.76 -16.82 -5.49
C VAL C 109 9.60 -15.35 -5.86
N PRO C 110 9.02 -14.50 -5.00
CA PRO C 110 8.95 -13.08 -5.32
C PRO C 110 10.35 -12.47 -5.41
N TYR C 111 10.47 -11.43 -6.23
CA TYR C 111 11.72 -10.69 -6.42
C TYR C 111 12.82 -11.61 -6.94
N ILE C 112 12.55 -12.22 -8.11
CA ILE C 112 13.45 -13.20 -8.68
C ILE C 112 14.84 -12.62 -8.90
N ALA C 113 14.91 -11.40 -9.44
CA ALA C 113 16.19 -10.83 -9.84
C ALA C 113 17.13 -10.67 -8.65
N TYR C 114 16.62 -10.21 -7.51
CA TYR C 114 17.45 -10.07 -6.32
C TYR C 114 17.83 -11.43 -5.73
N LYS C 115 16.90 -12.38 -5.72
CA LYS C 115 17.18 -13.68 -5.14
C LYS C 115 18.22 -14.46 -5.93
N LEU C 116 18.41 -14.13 -7.21
CA LEU C 116 19.44 -14.78 -8.01
C LEU C 116 20.85 -14.32 -7.65
N ILE C 117 20.98 -13.20 -6.95
CA ILE C 117 22.28 -12.58 -6.70
C ILE C 117 22.83 -13.07 -5.36
N ARG C 118 24.00 -13.69 -5.40
CA ARG C 118 24.73 -14.02 -4.18
C ARG C 118 25.70 -12.93 -3.76
N HIS C 119 26.40 -12.33 -4.72
CA HIS C 119 27.44 -11.35 -4.43
C HIS C 119 27.62 -10.45 -5.64
N VAL C 120 27.85 -9.16 -5.38
CA VAL C 120 28.19 -8.19 -6.39
C VAL C 120 29.49 -7.52 -5.97
N ALA C 121 30.43 -7.41 -6.91
CA ALA C 121 31.71 -6.75 -6.65
C ALA C 121 32.03 -5.79 -7.78
N VAL C 122 32.36 -4.56 -7.43
CA VAL C 122 32.85 -3.56 -8.38
C VAL C 122 34.35 -3.45 -8.20
N ASN C 123 35.11 -3.73 -9.26
CA ASN C 123 36.55 -3.79 -9.19
C ASN C 123 37.18 -2.82 -10.18
N SER C 124 38.39 -2.37 -9.84
CA SER C 124 39.20 -1.54 -10.73
C SER C 124 40.60 -2.13 -10.77
N ALA C 125 40.92 -2.83 -11.86
CA ALA C 125 42.22 -3.46 -12.05
C ALA C 125 42.59 -4.36 -10.88
N ALA C 126 41.75 -5.38 -10.67
CA ALA C 126 41.96 -6.42 -9.66
C ALA C 126 41.92 -5.89 -8.24
N ASP C 127 41.33 -4.71 -8.02
CA ASP C 127 41.16 -4.16 -6.67
C ASP C 127 39.69 -3.79 -6.48
N THR C 128 39.15 -4.14 -5.32
CA THR C 128 37.73 -3.98 -5.06
C THR C 128 37.41 -2.53 -4.67
N ILE C 129 36.47 -1.94 -5.38
CA ILE C 129 35.97 -0.61 -5.03
C ILE C 129 34.82 -0.70 -4.04
N TRP C 130 33.86 -1.58 -4.32
CA TRP C 130 32.69 -1.76 -3.48
C TRP C 130 32.13 -3.16 -3.76
N GLU C 131 31.63 -3.81 -2.72
CA GLU C 131 31.07 -5.14 -2.87
C GLU C 131 30.02 -5.36 -1.78
N THR C 132 29.04 -6.20 -2.10
CA THR C 132 27.99 -6.52 -1.15
C THR C 132 27.51 -7.94 -1.40
N SER C 133 26.94 -8.53 -0.36
CA SER C 133 26.22 -9.78 -0.52
C SER C 133 24.85 -9.51 -1.14
N GLY C 134 24.26 -10.56 -1.70
CA GLY C 134 22.93 -10.41 -2.28
C GLY C 134 21.88 -10.06 -1.25
N GLU C 135 21.98 -10.63 -0.06
CA GLU C 135 20.99 -10.35 0.98
C GLU C 135 21.03 -8.90 1.44
N GLU C 136 22.22 -8.33 1.58
CA GLU C 136 22.33 -6.94 1.98
C GLU C 136 21.75 -6.01 0.92
N LEU C 137 22.04 -6.29 -0.36
CA LEU C 137 21.44 -5.53 -1.46
C LEU C 137 19.92 -5.61 -1.41
N PHE C 138 19.39 -6.83 -1.27
CA PHE C 138 17.94 -7.03 -1.21
C PHE C 138 17.33 -6.24 -0.06
N ASP C 139 17.97 -6.30 1.11
CA ASP C 139 17.47 -5.56 2.26
C ASP C 139 17.49 -4.05 2.02
N SER C 140 18.55 -3.56 1.36
CA SER C 140 18.66 -2.14 1.09
C SER C 140 17.64 -1.67 0.05
N CYS C 141 17.15 -2.56 -0.81
CA CYS C 141 16.19 -2.16 -1.84
C CYS C 141 14.75 -2.43 -1.47
N LEU C 142 14.49 -3.11 -0.35
CA LEU C 142 13.15 -3.59 -0.04
C LEU C 142 12.14 -2.46 0.15
N ASP C 143 12.59 -1.24 0.45
CA ASP C 143 11.66 -0.15 0.74
C ASP C 143 10.94 0.35 -0.51
N ASN C 144 11.61 0.33 -1.66
CA ASN C 144 11.07 0.93 -2.89
C ASN C 144 10.18 -0.09 -3.59
N GLU C 145 8.87 0.18 -3.62
CA GLU C 145 7.92 -0.80 -4.14
C GLU C 145 8.05 -0.98 -5.65
N ARG C 146 8.17 0.13 -6.39
CA ARG C 146 8.32 0.03 -7.84
C ARG C 146 9.58 -0.73 -8.23
N VAL C 147 10.69 -0.43 -7.55
CA VAL C 147 11.95 -1.10 -7.84
C VAL C 147 11.83 -2.61 -7.59
N MET C 148 11.23 -2.98 -6.45
CA MET C 148 11.04 -4.40 -6.15
C MET C 148 10.13 -5.07 -7.18
N GLU C 149 9.08 -4.38 -7.62
CA GLU C 149 8.21 -4.96 -8.63
C GLU C 149 8.97 -5.19 -9.93
N LEU C 150 9.95 -4.35 -10.24
CA LEU C 150 10.80 -4.58 -11.40
C LEU C 150 11.49 -5.95 -11.34
N SER C 151 11.82 -6.43 -10.14
CA SER C 151 12.57 -7.66 -9.98
C SER C 151 11.75 -8.91 -10.25
N GLY C 152 10.46 -8.77 -10.47
CA GLY C 152 9.59 -9.90 -10.74
C GLY C 152 8.73 -10.22 -9.54
N PHE C 153 7.49 -9.72 -9.55
CA PHE C 153 6.53 -9.93 -8.48
C PHE C 153 5.14 -9.78 -9.13
N SER C 154 4.56 -10.90 -9.52
CA SER C 154 3.32 -10.87 -10.28
C SER C 154 2.62 -12.22 -10.16
N ARG C 155 1.33 -12.22 -10.51
CA ARG C 155 0.56 -13.45 -10.53
C ARG C 155 1.13 -14.45 -11.52
N GLU C 156 1.52 -13.97 -12.70
CA GLU C 156 2.04 -14.87 -13.74
C GLU C 156 3.33 -15.53 -13.30
N LEU C 157 4.16 -14.82 -12.53
CA LEU C 157 5.48 -15.31 -12.15
C LEU C 157 5.46 -16.14 -10.86
N ASN C 158 4.67 -15.73 -9.86
CA ASN C 158 4.82 -16.26 -8.52
C ASN C 158 3.72 -17.23 -8.09
N ASP C 159 2.61 -17.32 -8.82
CA ASP C 159 1.60 -18.31 -8.48
C ASP C 159 1.96 -19.66 -9.10
N LEU C 160 1.60 -20.73 -8.39
CA LEU C 160 1.93 -22.08 -8.84
C LEU C 160 1.30 -22.37 -10.19
N SER C 161 2.12 -22.85 -11.12
CA SER C 161 1.67 -23.24 -12.45
C SER C 161 1.97 -24.72 -12.66
N THR C 162 1.05 -25.39 -13.35
CA THR C 162 1.11 -26.84 -13.50
C THR C 162 1.29 -27.19 -14.98
N GLY C 163 2.24 -28.07 -15.26
CA GLY C 163 2.39 -28.68 -16.57
C GLY C 163 2.00 -30.14 -16.50
N SER C 164 1.24 -30.59 -17.50
CA SER C 164 0.75 -31.97 -17.54
C SER C 164 1.28 -32.77 -18.72
N SER C 165 1.95 -32.13 -19.67
CA SER C 165 2.56 -32.79 -20.81
C SER C 165 3.98 -32.27 -20.97
N PRO C 166 4.86 -33.06 -21.59
CA PRO C 166 6.25 -32.59 -21.74
C PRO C 166 6.38 -31.32 -22.56
N ASN C 167 5.38 -30.97 -23.37
CA ASN C 167 5.40 -29.75 -24.16
C ASN C 167 4.58 -28.63 -23.55
N ASP C 168 3.94 -28.85 -22.40
CA ASP C 168 3.19 -27.81 -21.74
C ASP C 168 4.12 -26.72 -21.21
N VAL C 169 3.68 -25.47 -21.34
CA VAL C 169 4.47 -24.33 -20.89
C VAL C 169 4.06 -24.03 -19.45
N ILE C 170 5.00 -24.21 -18.51
CA ILE C 170 4.72 -23.90 -17.12
C ILE C 170 4.85 -22.40 -16.88
N LYS C 171 5.95 -21.80 -17.33
CA LYS C 171 6.17 -20.36 -17.22
C LYS C 171 6.65 -19.83 -18.56
N GLU C 172 6.02 -18.75 -19.03
CA GLU C 172 6.49 -18.09 -20.23
C GLU C 172 7.80 -17.35 -19.93
N ALA C 173 8.54 -17.06 -20.99
CA ALA C 173 9.79 -16.31 -20.83
C ALA C 173 9.50 -14.92 -20.30
N ALA C 174 10.47 -14.37 -19.58
CA ALA C 174 10.29 -13.08 -18.94
C ALA C 174 11.65 -12.44 -18.71
N CYS C 175 11.64 -11.12 -18.55
CA CYS C 175 12.83 -10.35 -18.20
C CYS C 175 12.58 -9.62 -16.89
N VAL C 176 13.48 -9.80 -15.93
CA VAL C 176 13.39 -9.14 -14.64
C VAL C 176 14.65 -8.31 -14.42
N HIS C 177 14.54 -7.31 -13.55
CA HIS C 177 15.62 -6.36 -13.34
C HIS C 177 15.85 -6.15 -11.85
N ALA C 178 17.12 -6.17 -11.44
CA ALA C 178 17.51 -5.89 -10.06
C ALA C 178 18.28 -4.58 -10.04
N TYR C 179 17.71 -3.57 -9.38
CA TYR C 179 18.40 -2.30 -9.21
C TYR C 179 19.51 -2.49 -8.17
N ILE C 180 20.76 -2.41 -8.61
CA ILE C 180 21.89 -2.60 -7.71
C ILE C 180 22.17 -1.29 -7.00
N LYS C 181 21.48 -1.06 -5.89
CA LYS C 181 21.68 0.14 -5.11
C LYS C 181 23.11 0.17 -4.55
N THR C 182 23.79 1.28 -4.77
CA THR C 182 25.16 1.49 -4.35
C THR C 182 25.25 2.81 -3.62
N PRO C 183 26.30 3.01 -2.82
CA PRO C 183 26.51 4.35 -2.24
C PRO C 183 26.72 5.43 -3.28
N PHE C 184 27.01 5.06 -4.53
CA PHE C 184 27.17 6.02 -5.61
C PHE C 184 25.86 6.69 -6.02
N ASP C 185 24.71 6.16 -5.60
CA ASP C 185 23.42 6.78 -5.88
C ASP C 185 22.89 7.60 -4.70
N ALA C 186 23.65 7.70 -3.61
CA ALA C 186 23.13 8.32 -2.40
C ALA C 186 22.73 9.78 -2.62
N ASP C 187 23.56 10.53 -3.35
CA ASP C 187 23.32 11.95 -3.55
C ASP C 187 23.41 12.32 -5.03
N LYS C 188 22.88 11.44 -5.89
CA LYS C 188 22.77 11.66 -7.33
C LYS C 188 24.16 11.91 -7.89
N THR C 189 24.42 13.04 -8.57
CA THR C 189 25.70 13.25 -9.22
C THR C 189 26.83 13.44 -8.22
N PHE C 190 26.51 13.90 -7.00
CA PHE C 190 27.56 14.17 -6.02
C PHE C 190 28.27 12.90 -5.60
N SER C 191 27.54 11.78 -5.51
CA SER C 191 28.10 10.53 -5.01
C SER C 191 28.60 9.60 -6.12
N THR C 192 28.55 10.03 -7.38
CA THR C 192 28.88 9.13 -8.48
C THR C 192 30.31 8.61 -8.38
N LEU C 193 30.50 7.38 -8.85
CA LEU C 193 31.84 6.82 -8.95
C LEU C 193 32.59 7.50 -10.09
N LYS C 194 33.77 8.05 -9.78
CA LYS C 194 34.55 8.79 -10.76
C LYS C 194 35.46 7.83 -11.53
N LEU C 195 35.50 8.00 -12.84
CA LEU C 195 36.32 7.20 -13.72
C LEU C 195 37.41 8.07 -14.33
N SER C 196 38.66 7.62 -14.23
CA SER C 196 39.80 8.32 -14.84
C SER C 196 40.67 7.28 -15.55
N ASP C 197 40.31 6.99 -16.81
CA ASP C 197 41.04 6.03 -17.64
C ASP C 197 41.29 4.73 -16.90
N SER C 198 40.27 4.25 -16.19
CA SER C 198 40.36 3.06 -15.37
C SER C 198 39.44 1.98 -15.92
N LYS C 199 39.89 0.74 -15.85
CA LYS C 199 39.09 -0.41 -16.28
C LYS C 199 38.28 -0.90 -15.09
N VAL C 200 37.03 -0.46 -15.01
CA VAL C 200 36.12 -0.89 -13.96
C VAL C 200 35.36 -2.12 -14.45
N THR C 201 35.34 -3.16 -13.62
CA THR C 201 34.61 -4.38 -13.94
C THR C 201 33.63 -4.70 -12.82
N VAL C 202 32.47 -5.21 -13.19
CA VAL C 202 31.44 -5.61 -12.24
C VAL C 202 31.25 -7.12 -12.36
N THR C 203 31.43 -7.82 -11.25
CA THR C 203 31.28 -9.27 -11.20
C THR C 203 30.10 -9.61 -10.30
N VAL C 204 29.16 -10.40 -10.83
CA VAL C 204 27.99 -10.83 -10.09
C VAL C 204 28.08 -12.34 -9.90
N THR C 205 28.06 -12.77 -8.64
CA THR C 205 28.03 -14.19 -8.29
C THR C 205 26.59 -14.59 -8.02
N LEU C 206 26.17 -15.71 -8.58
CA LEU C 206 24.77 -16.10 -8.60
C LEU C 206 24.49 -17.25 -7.64
N ASN C 207 23.31 -17.21 -7.04
CA ASN C 207 22.80 -18.34 -6.30
C ASN C 207 22.35 -19.44 -7.28
N PRO C 208 22.25 -20.68 -6.82
CA PRO C 208 21.69 -21.73 -7.68
C PRO C 208 20.27 -21.39 -8.09
N VAL C 209 19.93 -21.79 -9.32
CA VAL C 209 18.64 -21.42 -9.89
C VAL C 209 17.49 -21.98 -9.04
N ALA C 210 17.72 -23.10 -8.37
CA ALA C 210 16.70 -23.67 -7.50
C ALA C 210 16.32 -22.72 -6.37
N CYS C 211 17.23 -21.80 -6.00
CA CYS C 211 16.95 -20.87 -4.92
C CYS C 211 15.78 -19.94 -5.24
N VAL C 212 15.56 -19.64 -6.51
CA VAL C 212 14.49 -18.74 -6.92
C VAL C 212 13.25 -19.48 -7.38
N MET C 213 13.14 -20.77 -7.07
CA MET C 213 12.07 -21.62 -7.58
C MET C 213 11.40 -22.36 -6.44
N VAL C 214 10.08 -22.53 -6.55
CA VAL C 214 9.31 -23.39 -5.66
C VAL C 214 8.59 -24.41 -6.54
N TYR C 215 8.82 -25.69 -6.27
CA TYR C 215 8.37 -26.74 -7.17
C TYR C 215 8.06 -28.01 -6.39
N ASP C 216 7.30 -28.90 -7.01
CA ASP C 216 6.95 -30.18 -6.41
C ASP C 216 7.96 -31.25 -6.82
N GLU C 217 7.67 -32.50 -6.45
CA GLU C 217 8.61 -33.59 -6.74
C GLU C 217 8.61 -33.95 -8.22
N THR C 218 7.51 -33.68 -8.94
CA THR C 218 7.43 -34.06 -10.34
C THR C 218 8.26 -33.14 -11.23
N PHE C 219 8.34 -31.85 -10.88
CA PHE C 219 9.07 -30.90 -11.70
C PHE C 219 10.55 -31.25 -11.75
N ASP C 220 11.12 -31.23 -12.95
CA ASP C 220 12.53 -31.57 -13.15
C ASP C 220 13.36 -30.29 -13.02
N ALA C 221 13.63 -29.93 -11.77
CA ALA C 221 14.41 -28.73 -11.50
C ALA C 221 15.88 -28.91 -11.86
N ALA C 222 16.42 -30.12 -11.68
CA ALA C 222 17.83 -30.36 -11.99
C ALA C 222 18.11 -30.18 -13.47
N LYS C 223 17.23 -30.68 -14.33
CA LYS C 223 17.43 -30.55 -15.76
C LYS C 223 17.41 -29.09 -16.19
N LEU C 224 16.48 -28.31 -15.65
CA LEU C 224 16.40 -26.90 -16.02
C LEU C 224 17.58 -26.11 -15.46
N ALA C 225 18.07 -26.48 -14.27
CA ALA C 225 19.28 -25.85 -13.74
C ALA C 225 20.48 -26.17 -14.61
N LYS C 226 20.56 -27.40 -15.12
CA LYS C 226 21.67 -27.78 -15.98
C LYS C 226 21.66 -27.00 -17.29
N GLU C 227 20.47 -26.66 -17.81
CA GLU C 227 20.34 -26.01 -19.11
C GLU C 227 19.86 -24.56 -19.00
N PHE C 228 20.04 -23.93 -17.85
CA PHE C 228 19.64 -22.54 -17.69
C PHE C 228 20.61 -21.63 -18.43
N PRO C 229 20.15 -20.83 -19.39
CA PRO C 229 21.05 -19.85 -20.04
C PRO C 229 21.14 -18.59 -19.20
N TYR C 230 22.36 -18.27 -18.76
CA TYR C 230 22.57 -17.14 -17.86
C TYR C 230 22.74 -15.84 -18.61
N SER C 231 21.80 -15.52 -19.50
CA SER C 231 21.88 -14.31 -20.30
C SER C 231 21.48 -13.12 -19.46
N MET C 232 22.45 -12.23 -19.17
CA MET C 232 22.20 -11.05 -18.37
C MET C 232 22.90 -9.84 -18.98
N GLU C 233 22.36 -8.67 -18.66
CA GLU C 233 22.95 -7.39 -19.05
C GLU C 233 23.05 -6.50 -17.83
N LEU C 234 24.05 -5.64 -17.84
CA LEU C 234 24.21 -4.62 -16.81
C LEU C 234 24.03 -3.25 -17.43
N SER C 235 23.20 -2.42 -16.81
CA SER C 235 22.93 -1.07 -17.27
C SER C 235 23.30 -0.07 -16.19
N PHE C 236 23.75 1.10 -16.62
CA PHE C 236 24.11 2.16 -15.67
C PHE C 236 24.02 3.50 -16.40
N ILE C 237 24.01 4.56 -15.61
CA ILE C 237 23.97 5.92 -16.14
C ILE C 237 25.38 6.47 -16.09
N GLY C 238 25.99 6.64 -17.26
CA GLY C 238 27.28 7.31 -17.34
C GLY C 238 27.12 8.80 -17.55
N TYR C 239 28.16 9.55 -17.17
CA TYR C 239 28.12 11.00 -17.22
C TYR C 239 29.34 11.52 -17.96
N MET C 240 29.11 12.22 -19.07
CA MET C 240 30.16 12.95 -19.76
C MET C 240 30.29 14.31 -19.10
N VAL C 241 31.35 14.50 -18.31
CA VAL C 241 31.51 15.68 -17.49
C VAL C 241 32.69 16.49 -18.01
N LYS C 242 32.47 17.78 -18.21
CA LYS C 242 33.51 18.70 -18.66
C LYS C 242 34.23 19.28 -17.46
N ASN C 243 35.57 19.17 -17.47
CA ASN C 243 36.43 19.71 -16.42
C ASN C 243 36.05 19.14 -15.04
N LEU C 244 36.20 17.81 -14.93
CA LEU C 244 35.92 17.11 -13.69
C LEU C 244 37.22 16.85 -12.95
N CYS C 245 37.31 17.33 -11.71
CA CYS C 245 38.44 17.06 -10.83
C CYS C 245 37.96 16.18 -9.68
N PRO C 246 38.26 14.87 -9.71
CA PRO C 246 37.77 13.99 -8.64
C PRO C 246 38.35 14.37 -7.28
N ARG C 247 37.53 14.25 -6.25
CA ARG C 247 37.93 14.49 -4.88
C ARG C 247 37.72 13.22 -4.06
N PRO C 248 38.49 13.04 -2.98
CA PRO C 248 38.29 11.85 -2.14
C PRO C 248 36.89 11.79 -1.58
N ALA C 249 36.34 10.58 -1.51
CA ALA C 249 34.99 10.35 -1.01
C ALA C 249 34.99 9.18 -0.05
N PHE C 250 33.94 9.10 0.76
CA PHE C 250 33.76 8.03 1.73
C PHE C 250 32.55 7.20 1.34
N ILE C 251 32.72 5.88 1.37
CA ILE C 251 31.62 4.95 1.11
C ILE C 251 31.60 3.90 2.21
N GLU C 252 30.43 3.29 2.40
CA GLU C 252 30.23 2.26 3.39
C GLU C 252 30.11 0.91 2.69
N MET C 253 30.84 -0.08 3.19
CA MET C 253 30.85 -1.42 2.63
C MET C 253 30.36 -2.42 3.68
N PRO C 254 29.31 -3.18 3.42
CA PRO C 254 28.82 -4.13 4.43
C PRO C 254 29.70 -5.37 4.51
N ARG C 255 30.19 -5.66 5.70
CA ARG C 255 30.93 -6.88 5.97
C ARG C 255 30.04 -7.87 6.69
N ARG C 256 29.90 -9.06 6.14
CA ARG C 256 28.91 -10.04 6.58
C ARG C 256 29.62 -11.25 7.17
N ARG C 257 29.18 -11.65 8.36
CA ARG C 257 29.72 -12.82 9.05
C ARG C 257 28.58 -13.77 9.39
N VAL C 258 28.73 -15.03 8.97
CA VAL C 258 27.75 -16.07 9.25
C VAL C 258 28.41 -17.10 10.17
N GLU C 259 27.80 -17.31 11.33
CA GLU C 259 28.33 -18.25 12.30
C GLU C 259 27.90 -19.68 11.97
N GLN C 260 28.52 -20.64 12.65
CA GLN C 260 28.16 -22.04 12.47
C GLN C 260 26.74 -22.27 12.97
N ILE C 261 26.16 -23.41 12.54
CA ILE C 261 24.77 -23.71 12.82
C ILE C 261 24.55 -23.76 14.32
N ASN C 262 23.52 -23.04 14.79
CA ASN C 262 23.13 -23.01 16.20
C ASN C 262 24.24 -22.46 17.10
N HIS C 263 25.10 -21.62 16.54
CA HIS C 263 26.04 -20.86 17.35
C HIS C 263 25.42 -19.51 17.71
N THR C 264 25.66 -19.05 18.93
CA THR C 264 25.04 -17.83 19.43
C THR C 264 26.04 -16.72 19.72
N THR C 265 27.31 -16.90 19.36
CA THR C 265 28.33 -15.88 19.55
C THR C 265 29.07 -15.64 18.24
N ALA C 266 29.34 -14.37 17.95
CA ALA C 266 30.07 -13.98 16.76
C ALA C 266 31.08 -12.92 17.13
N VAL C 267 32.28 -13.03 16.56
CA VAL C 267 33.37 -12.08 16.78
C VAL C 267 33.77 -11.49 15.44
N ILE C 268 33.73 -10.17 15.34
CA ILE C 268 34.17 -9.44 14.15
C ILE C 268 35.48 -8.75 14.51
N THR C 269 36.54 -9.07 13.79
CA THR C 269 37.85 -8.50 14.04
C THR C 269 38.15 -7.39 13.04
N ASP C 270 39.17 -6.60 13.36
CA ASP C 270 39.62 -5.48 12.53
C ASP C 270 38.48 -4.49 12.26
N VAL C 271 37.83 -4.06 13.33
CA VAL C 271 36.76 -3.08 13.27
C VAL C 271 37.34 -1.74 13.69
N HIS C 272 37.39 -0.79 12.76
CA HIS C 272 37.97 0.53 13.03
C HIS C 272 37.02 1.68 12.75
N ALA C 273 36.09 1.53 11.82
CA ALA C 273 35.10 2.58 11.55
C ALA C 273 33.82 1.89 11.08
N CYS C 274 32.91 1.64 12.02
CA CYS C 274 31.66 0.95 11.74
C CYS C 274 30.51 1.94 11.88
N THR C 275 29.73 2.10 10.80
CA THR C 275 28.60 3.02 10.82
C THR C 275 27.33 2.38 11.37
N SER C 276 27.19 1.06 11.24
CA SER C 276 26.02 0.37 11.74
C SER C 276 26.34 -1.11 11.90
N LEU C 277 25.70 -1.73 12.88
CA LEU C 277 25.83 -3.15 13.16
C LEU C 277 24.45 -3.79 13.14
N SER C 278 24.31 -4.89 12.40
CA SER C 278 23.06 -5.59 12.27
C SER C 278 23.24 -7.05 12.67
N VAL C 279 22.27 -7.57 13.42
CA VAL C 279 22.29 -8.95 13.89
C VAL C 279 20.92 -9.57 13.60
N TYR C 280 20.92 -10.76 13.02
CA TYR C 280 19.68 -11.50 12.81
C TYR C 280 20.00 -12.97 12.62
N MET C 281 18.95 -13.79 12.65
CA MET C 281 19.04 -15.23 12.49
C MET C 281 18.46 -15.63 11.14
N LYS C 282 19.05 -16.66 10.53
CA LYS C 282 18.55 -17.19 9.28
C LYS C 282 18.32 -18.69 9.41
N PRO C 283 17.27 -19.21 8.78
CA PRO C 283 17.07 -20.66 8.77
C PRO C 283 18.08 -21.34 7.85
N VAL C 284 18.40 -22.58 8.19
CA VAL C 284 19.27 -23.42 7.37
C VAL C 284 18.37 -24.46 6.71
N LEU C 285 17.99 -24.22 5.47
CA LEU C 285 17.10 -25.11 4.73
C LEU C 285 17.94 -25.97 3.79
N SER C 286 18.52 -27.02 4.37
CA SER C 286 19.31 -27.98 3.60
C SER C 286 18.37 -29.02 3.01
N ASP C 287 18.93 -30.12 2.51
CA ASP C 287 18.12 -31.18 1.93
C ASP C 287 17.21 -31.80 2.98
N ALA C 288 15.95 -32.01 2.58
CA ALA C 288 14.87 -32.58 3.39
C ALA C 288 14.39 -31.59 4.45
N ASN C 289 15.08 -30.46 4.61
CA ASN C 289 14.58 -29.34 5.38
C ASN C 289 14.06 -28.23 4.49
N ASN C 290 14.14 -28.41 3.17
CA ASN C 290 13.57 -27.49 2.20
C ASN C 290 12.19 -27.92 1.72
N ARG C 291 11.69 -29.06 2.21
CA ARG C 291 10.40 -29.58 1.80
C ARG C 291 9.32 -29.02 2.71
N PHE C 292 8.30 -28.41 2.10
CA PHE C 292 7.25 -27.73 2.85
C PHE C 292 5.89 -28.21 2.38
N ILE C 293 4.92 -28.17 3.30
CA ILE C 293 3.58 -28.65 3.01
C ILE C 293 2.86 -27.71 2.04
N SER C 294 3.13 -26.41 2.12
CA SER C 294 2.41 -25.45 1.30
C SER C 294 3.27 -24.22 1.06
N TYR C 295 2.90 -23.45 0.03
CA TYR C 295 3.52 -22.18 -0.29
C TYR C 295 2.44 -21.33 -0.96
N PRO C 296 2.24 -20.09 -0.49
CA PRO C 296 1.09 -19.31 -0.98
C PRO C 296 1.28 -18.70 -2.35
N GLY C 297 2.51 -18.57 -2.84
CA GLY C 297 2.72 -18.04 -4.18
C GLY C 297 2.73 -16.53 -4.18
N PHE C 298 1.90 -15.93 -5.05
CA PHE C 298 1.92 -14.49 -5.24
C PHE C 298 1.43 -13.75 -4.00
N GLN C 299 0.46 -14.32 -3.29
CA GLN C 299 -0.07 -13.72 -2.07
C GLN C 299 0.90 -14.01 -0.93
N GLN C 300 1.55 -12.98 -0.41
CA GLN C 300 2.71 -13.16 0.46
C GLN C 300 2.48 -12.68 1.89
N SER C 301 1.26 -12.30 2.26
CA SER C 301 1.00 -11.90 3.63
C SER C 301 1.04 -13.12 4.56
N GLU C 302 1.21 -12.84 5.86
CA GLU C 302 1.21 -13.92 6.85
C GLU C 302 -0.10 -14.70 6.79
N GLY C 303 -1.22 -13.98 6.66
CA GLY C 303 -2.51 -14.64 6.52
C GLY C 303 -2.56 -15.55 5.31
N ASP C 304 -1.90 -15.15 4.22
CA ASP C 304 -1.88 -15.99 3.02
C ASP C 304 -1.11 -17.27 3.25
N PHE C 305 0.06 -17.19 3.89
CA PHE C 305 0.81 -18.39 4.25
C PHE C 305 -0.03 -19.32 5.11
N VAL C 306 -0.66 -18.76 6.15
CA VAL C 306 -1.47 -19.57 7.06
C VAL C 306 -2.64 -20.19 6.32
N MET C 307 -3.29 -19.42 5.44
CA MET C 307 -4.45 -19.93 4.71
C MET C 307 -4.07 -21.06 3.77
N ALA C 308 -2.95 -20.92 3.06
CA ALA C 308 -2.50 -22.02 2.19
C ALA C 308 -2.20 -23.27 3.00
N PHE C 309 -1.51 -23.11 4.13
CA PHE C 309 -1.19 -24.25 4.98
C PHE C 309 -2.46 -24.91 5.51
N VAL C 310 -3.44 -24.09 5.93
CA VAL C 310 -4.68 -24.62 6.47
C VAL C 310 -5.49 -25.34 5.40
N GLU C 311 -5.51 -24.80 4.18
CA GLU C 311 -6.20 -25.48 3.09
C GLU C 311 -5.57 -26.85 2.81
N ARG C 312 -4.23 -26.90 2.78
CA ARG C 312 -3.56 -28.18 2.57
C ARG C 312 -3.89 -29.16 3.69
N LEU C 313 -3.89 -28.68 4.93
CA LEU C 313 -4.20 -29.57 6.06
C LEU C 313 -5.65 -30.06 6.00
N LEU C 314 -6.59 -29.16 5.68
CA LEU C 314 -8.01 -29.52 5.64
C LEU C 314 -8.28 -30.54 4.54
N GLU C 315 -7.55 -30.44 3.42
CA GLU C 315 -7.75 -31.42 2.35
C GLU C 315 -7.51 -32.84 2.82
N ASP C 316 -6.69 -33.03 3.86
CA ASP C 316 -6.35 -34.36 4.35
C ASP C 316 -6.95 -34.67 5.72
N MET C 317 -7.48 -33.67 6.44
CA MET C 317 -7.97 -33.92 7.79
C MET C 317 -9.39 -34.50 7.78
N VAL C 318 -10.27 -33.97 6.93
CA VAL C 318 -11.66 -34.39 6.88
C VAL C 318 -11.86 -35.26 5.65
N ILE C 319 -12.41 -36.45 5.85
CA ILE C 319 -12.58 -37.43 4.78
C ILE C 319 -14.05 -37.87 4.75
N VAL C 320 -14.64 -37.86 3.56
CA VAL C 320 -15.96 -38.42 3.33
C VAL C 320 -15.77 -39.73 2.56
N SER C 321 -16.19 -40.84 3.17
CA SER C 321 -15.95 -42.15 2.59
C SER C 321 -17.04 -43.11 3.02
N ASN C 322 -17.24 -44.15 2.22
CA ASN C 322 -18.22 -45.19 2.57
C ASN C 322 -17.72 -46.03 3.73
N CYS C 323 -16.46 -46.45 3.68
CA CYS C 323 -15.84 -47.28 4.71
C CYS C 323 -14.75 -46.49 5.43
N TYR C 324 -14.06 -47.18 6.33
CA TYR C 324 -12.97 -46.55 7.07
C TYR C 324 -11.88 -46.10 6.10
N PRO C 325 -11.39 -44.88 6.19
CA PRO C 325 -10.42 -44.38 5.22
C PRO C 325 -9.16 -45.23 5.20
N GLU C 326 -8.64 -45.46 3.99
CA GLU C 326 -7.47 -46.29 3.79
C GLU C 326 -6.37 -45.49 3.10
N GLY C 327 -5.14 -45.99 3.21
CA GLY C 327 -3.98 -45.35 2.64
C GLY C 327 -3.14 -44.57 3.62
N PHE C 328 -3.71 -44.18 4.76
CA PHE C 328 -2.96 -43.46 5.77
C PHE C 328 -1.99 -44.40 6.48
N PRO C 329 -0.95 -43.86 7.12
CA PRO C 329 -0.04 -44.69 7.91
C PRO C 329 -0.77 -45.33 9.08
N GLU C 330 -0.24 -46.46 9.54
CA GLU C 330 -0.89 -47.19 10.62
C GLU C 330 -0.93 -46.41 11.93
N THR C 331 -0.10 -45.38 12.06
CA THR C 331 -0.13 -44.54 13.26
C THR C 331 -1.21 -43.47 13.21
N ALA C 332 -1.82 -43.24 12.05
CA ALA C 332 -2.88 -42.24 11.95
C ALA C 332 -4.10 -42.67 12.75
N GLU C 333 -4.73 -41.71 13.40
CA GLU C 333 -5.89 -41.93 14.27
C GLU C 333 -7.09 -41.23 13.65
N ILE C 334 -7.79 -41.95 12.76
CA ILE C 334 -8.97 -41.42 12.09
C ILE C 334 -10.21 -41.95 12.80
N VAL C 335 -11.10 -41.03 13.19
CA VAL C 335 -12.31 -41.39 13.92
C VAL C 335 -13.52 -40.83 13.19
N GLU C 336 -14.64 -41.52 13.33
CA GLU C 336 -15.88 -41.09 12.69
C GLU C 336 -16.50 -39.93 13.46
N VAL C 337 -17.05 -38.98 12.72
CA VAL C 337 -17.71 -37.83 13.34
C VAL C 337 -19.08 -38.27 13.86
N PRO C 338 -19.38 -38.04 15.14
CA PRO C 338 -20.68 -38.45 15.69
C PRO C 338 -21.80 -37.59 15.14
N PRO C 339 -23.06 -38.00 15.32
CA PRO C 339 -24.18 -37.17 14.85
C PRO C 339 -24.20 -35.77 15.46
N SER C 340 -23.68 -35.61 16.68
CA SER C 340 -23.61 -34.28 17.29
C SER C 340 -22.59 -33.39 16.59
N GLY C 341 -21.67 -33.97 15.81
CA GLY C 341 -20.68 -33.22 15.11
C GLY C 341 -19.42 -32.90 15.89
N VAL C 342 -19.37 -33.24 17.18
CA VAL C 342 -18.25 -32.93 18.04
C VAL C 342 -17.35 -34.15 18.14
N VAL C 343 -16.07 -33.97 17.82
CA VAL C 343 -15.05 -35.00 17.98
C VAL C 343 -14.11 -34.56 19.08
N SER C 344 -13.89 -35.42 20.06
CA SER C 344 -13.04 -35.12 21.21
C SER C 344 -11.67 -35.73 20.97
N ILE C 345 -10.64 -34.88 20.95
CA ILE C 345 -9.25 -35.29 20.87
C ILE C 345 -8.65 -35.00 22.24
N GLN C 346 -8.50 -36.04 23.05
CA GLN C 346 -8.11 -35.89 24.45
C GLN C 346 -9.07 -34.92 25.15
N ASP C 347 -8.57 -33.75 25.54
CA ASP C 347 -9.39 -32.72 26.16
C ASP C 347 -9.68 -31.57 25.22
N THR C 348 -9.62 -31.79 23.91
CA THR C 348 -9.92 -30.77 22.91
C THR C 348 -11.05 -31.27 22.02
N ASP C 349 -12.03 -30.41 21.77
CA ASP C 349 -13.20 -30.74 20.97
C ASP C 349 -13.14 -30.04 19.63
N VAL C 350 -13.45 -30.78 18.57
CA VAL C 350 -13.48 -30.26 17.21
C VAL C 350 -14.89 -30.42 16.66
N PHE C 351 -15.49 -29.31 16.24
CA PHE C 351 -16.87 -29.29 15.76
C PHE C 351 -16.86 -29.37 14.24
N VAL C 352 -17.25 -30.53 13.71
CA VAL C 352 -17.23 -30.79 12.27
C VAL C 352 -18.66 -30.91 11.79
N ARG C 353 -19.01 -30.11 10.78
CA ARG C 353 -20.35 -30.15 10.17
C ARG C 353 -20.19 -30.03 8.67
N ILE C 354 -20.45 -31.11 7.95
CA ILE C 354 -20.31 -31.16 6.49
C ILE C 354 -21.69 -31.35 5.89
N ASP C 355 -22.04 -30.47 4.94
CA ASP C 355 -23.33 -30.54 4.29
C ASP C 355 -23.28 -31.48 3.08
N ASP C 356 -24.47 -31.95 2.68
CA ASP C 356 -24.67 -32.69 1.43
C ASP C 356 -23.87 -34.00 1.39
N VAL C 357 -23.66 -34.62 2.53
CA VAL C 357 -23.03 -35.94 2.55
C VAL C 357 -24.00 -36.98 1.99
N PRO C 358 -23.58 -37.80 1.04
CA PRO C 358 -24.47 -38.84 0.51
C PRO C 358 -25.00 -39.75 1.62
N VAL C 359 -26.08 -40.46 1.31
CA VAL C 359 -26.80 -41.23 2.31
C VAL C 359 -25.91 -42.32 2.91
N GLY C 360 -25.18 -43.05 2.07
CA GLY C 360 -24.39 -44.17 2.55
C GLY C 360 -23.04 -43.82 3.13
N MET C 361 -22.57 -42.59 2.93
CA MET C 361 -21.22 -42.22 3.32
C MET C 361 -21.19 -41.59 4.71
N ARG C 362 -19.99 -41.55 5.27
CA ARG C 362 -19.76 -41.02 6.62
C ARG C 362 -18.59 -40.04 6.59
N VAL C 363 -18.58 -39.14 7.56
CA VAL C 363 -17.54 -38.13 7.70
C VAL C 363 -16.53 -38.60 8.72
N PHE C 364 -15.25 -38.50 8.38
CA PHE C 364 -14.15 -38.90 9.26
C PHE C 364 -13.23 -37.70 9.50
N LEU C 365 -12.59 -37.71 10.67
CA LEU C 365 -11.67 -36.65 11.07
C LEU C 365 -10.31 -37.26 11.44
N HIS C 366 -9.26 -36.73 10.83
CA HIS C 366 -7.89 -37.10 11.19
C HIS C 366 -7.49 -36.34 12.44
N THR C 367 -7.16 -37.07 13.52
CA THR C 367 -6.93 -36.44 14.80
C THR C 367 -5.46 -36.27 15.15
N ASN C 368 -4.54 -36.84 14.38
CA ASN C 368 -3.10 -36.69 14.62
C ASN C 368 -2.36 -36.49 13.30
N ILE C 369 -2.85 -35.60 12.44
CA ILE C 369 -2.31 -35.46 11.09
C ILE C 369 -0.82 -35.09 11.13
N LEU C 370 -0.44 -34.22 12.07
CA LEU C 370 0.97 -33.89 12.27
C LEU C 370 1.22 -33.77 13.77
N VAL C 371 2.15 -34.55 14.29
CA VAL C 371 2.45 -34.58 15.71
C VAL C 371 3.95 -34.46 15.93
N PHE C 372 4.32 -33.89 17.07
CA PHE C 372 5.73 -33.72 17.41
C PHE C 372 5.89 -33.72 18.93
N ALA C 373 6.92 -34.42 19.40
CA ALA C 373 7.30 -34.42 20.80
C ALA C 373 8.70 -35.01 20.92
N THR C 374 9.45 -34.53 21.90
CA THR C 374 10.78 -35.04 22.15
C THR C 374 10.82 -36.12 23.23
N ARG C 375 9.76 -36.23 24.04
CA ARG C 375 9.69 -37.23 25.09
C ARG C 375 8.34 -37.94 25.04
N LYS C 376 8.36 -39.21 25.41
CA LYS C 376 7.12 -39.97 25.53
C LYS C 376 6.35 -39.52 26.77
N ASN C 377 5.02 -39.68 26.72
CA ASN C 377 4.12 -39.39 27.82
C ASN C 377 4.07 -37.89 28.14
N SER C 378 4.82 -37.08 27.41
CA SER C 378 4.80 -35.64 27.58
C SER C 378 3.69 -35.04 26.72
N VAL C 379 3.57 -33.71 26.77
CA VAL C 379 2.59 -33.03 25.94
C VAL C 379 3.00 -33.13 24.48
N VAL C 380 2.01 -33.30 23.60
CA VAL C 380 2.25 -33.54 22.19
C VAL C 380 1.76 -32.34 21.40
N TYR C 381 2.59 -31.86 20.48
CA TYR C 381 2.18 -30.81 19.55
C TYR C 381 1.39 -31.45 18.42
N ASN C 382 0.10 -31.18 18.35
CA ASN C 382 -0.80 -31.85 17.41
C ASN C 382 -1.49 -30.79 16.57
N MET C 383 -1.24 -30.82 15.26
CA MET C 383 -1.85 -29.84 14.36
C MET C 383 -3.37 -30.00 14.28
N SER C 384 -3.87 -31.23 14.43
CA SER C 384 -5.31 -31.46 14.38
C SER C 384 -6.02 -30.75 15.53
N LYS C 385 -5.39 -30.69 16.71
CA LYS C 385 -5.99 -30.04 17.86
C LYS C 385 -5.98 -28.51 17.76
N LYS C 386 -5.32 -27.96 16.73
CA LYS C 386 -5.37 -26.53 16.49
C LYS C 386 -6.72 -26.07 15.94
N PHE C 387 -7.58 -27.00 15.56
CA PHE C 387 -8.87 -26.69 14.93
C PHE C 387 -9.98 -26.83 15.96
N SER C 388 -10.86 -25.82 16.01
CA SER C 388 -12.02 -25.86 16.89
C SER C 388 -13.32 -26.12 16.15
N ALA C 389 -13.50 -25.55 14.96
CA ALA C 389 -14.70 -25.76 14.18
C ALA C 389 -14.34 -25.86 12.69
N ILE C 390 -14.94 -26.83 12.01
CA ILE C 390 -14.76 -27.02 10.57
C ILE C 390 -16.13 -27.20 9.94
N THR C 391 -16.45 -26.39 8.93
CA THR C 391 -17.70 -26.49 8.21
C THR C 391 -17.44 -26.48 6.72
N GLY C 392 -18.29 -27.18 5.98
CA GLY C 392 -18.15 -27.25 4.53
C GLY C 392 -19.29 -28.02 3.92
N ALA C 393 -19.25 -28.11 2.59
CA ALA C 393 -20.24 -28.85 1.82
C ALA C 393 -19.52 -29.84 0.91
N TYR C 394 -20.01 -31.06 0.87
CA TYR C 394 -19.43 -32.09 0.02
C TYR C 394 -19.97 -31.96 -1.39
N SER C 395 -19.08 -32.09 -2.38
CA SER C 395 -19.42 -31.93 -3.78
C SER C 395 -19.39 -33.29 -4.47
N ARG C 396 -20.52 -33.69 -5.03
CA ARG C 396 -20.60 -34.96 -5.74
C ARG C 396 -19.83 -34.90 -7.05
N ALA C 397 -19.85 -33.75 -7.72
CA ALA C 397 -19.21 -33.63 -9.02
C ALA C 397 -17.70 -33.81 -8.92
N THR C 398 -17.08 -33.26 -7.89
CA THR C 398 -15.63 -33.32 -7.73
C THR C 398 -15.20 -34.33 -6.68
N SER C 399 -16.14 -34.95 -5.97
CA SER C 399 -15.85 -35.95 -4.94
C SER C 399 -14.88 -35.39 -3.88
N ARG C 400 -15.12 -34.15 -3.47
CA ARG C 400 -14.31 -33.51 -2.45
C ARG C 400 -15.19 -32.55 -1.66
N ILE C 401 -14.59 -31.93 -0.64
CA ILE C 401 -15.29 -31.02 0.26
C ILE C 401 -14.91 -29.59 -0.09
N ARG C 402 -15.92 -28.72 -0.23
CA ARG C 402 -15.70 -27.29 -0.35
C ARG C 402 -15.85 -26.69 1.05
N PHE C 403 -14.72 -26.44 1.71
CA PHE C 403 -14.74 -25.91 3.06
C PHE C 403 -15.16 -24.45 3.04
N THR C 404 -16.10 -24.08 3.92
CA THR C 404 -16.63 -22.73 3.98
C THR C 404 -16.09 -21.92 5.16
N THR C 405 -15.86 -22.57 6.30
CA THR C 405 -15.36 -21.88 7.48
C THR C 405 -14.56 -22.86 8.32
N ALA C 406 -13.37 -22.44 8.75
CA ALA C 406 -12.56 -23.22 9.68
C ALA C 406 -12.02 -22.28 10.74
N ILE C 407 -12.34 -22.57 12.00
CA ILE C 407 -11.85 -21.80 13.13
C ILE C 407 -10.68 -22.55 13.74
N HIS C 408 -9.51 -21.90 13.77
CA HIS C 408 -8.28 -22.60 14.11
C HIS C 408 -7.31 -21.64 14.77
N SER C 409 -6.29 -22.21 15.40
CA SER C 409 -5.21 -21.44 16.03
C SER C 409 -3.87 -21.65 15.31
N VAL C 410 -3.90 -22.07 14.05
CA VAL C 410 -2.68 -22.27 13.30
C VAL C 410 -2.04 -20.92 13.01
N ASN C 411 -0.74 -20.82 13.28
CA ASN C 411 0.02 -19.59 13.11
C ASN C 411 1.09 -19.76 12.04
N ILE C 412 1.83 -18.67 11.79
CA ILE C 412 2.86 -18.67 10.75
C ILE C 412 3.99 -19.64 11.09
N GLY C 413 4.31 -19.79 12.38
CA GLY C 413 5.34 -20.74 12.76
C GLY C 413 4.99 -22.16 12.39
N ASP C 414 3.73 -22.56 12.60
CA ASP C 414 3.29 -23.89 12.18
C ASP C 414 3.42 -24.07 10.68
N ALA C 415 3.01 -23.07 9.90
CA ALA C 415 3.12 -23.13 8.45
C ALA C 415 4.56 -23.10 7.98
N SER C 416 5.51 -22.71 8.82
CA SER C 416 6.91 -22.61 8.43
C SER C 416 7.75 -23.81 8.85
N VAL C 417 7.15 -24.81 9.47
CA VAL C 417 7.91 -25.99 9.92
C VAL C 417 8.15 -26.90 8.73
N PRO C 418 9.39 -27.21 8.38
CA PRO C 418 9.66 -28.12 7.27
C PRO C 418 9.23 -29.54 7.58
N VAL C 419 8.94 -30.30 6.51
CA VAL C 419 8.55 -31.69 6.68
C VAL C 419 9.65 -32.49 7.37
N GLY C 420 10.92 -32.17 7.07
CA GLY C 420 12.02 -32.86 7.70
C GLY C 420 12.06 -32.69 9.20
N VAL C 421 11.64 -31.53 9.70
CA VAL C 421 11.57 -31.32 11.14
C VAL C 421 10.44 -32.14 11.74
N TRP C 422 9.30 -32.23 11.05
CA TRP C 422 8.21 -33.07 11.51
C TRP C 422 8.65 -34.54 11.60
N THR C 423 9.48 -34.98 10.66
CA THR C 423 9.90 -36.37 10.57
C THR C 423 11.34 -36.59 11.04
N CYS C 424 11.89 -35.65 11.79
CA CYS C 424 13.27 -35.79 12.26
C CYS C 424 13.36 -36.85 13.35
N GLN C 425 14.60 -37.31 13.59
CA GLN C 425 14.85 -38.34 14.58
C GLN C 425 14.50 -37.87 16.00
N ARG C 426 14.50 -36.56 16.24
CA ARG C 426 14.13 -36.06 17.56
C ARG C 426 12.68 -36.38 17.89
N ASN C 427 11.81 -36.39 16.89
CA ASN C 427 10.42 -36.74 17.12
C ASN C 427 10.29 -38.18 17.60
N VAL C 428 9.60 -38.37 18.73
CA VAL C 428 9.38 -39.72 19.24
C VAL C 428 8.21 -40.39 18.55
N TYR C 429 7.33 -39.62 17.91
CA TYR C 429 6.22 -40.17 17.14
C TYR C 429 6.59 -40.26 15.67
N ASN C 430 5.67 -40.79 14.86
CA ASN C 430 5.92 -40.89 13.43
C ASN C 430 6.02 -39.52 12.77
N GLY C 431 5.26 -38.55 13.25
CA GLY C 431 5.37 -37.18 12.77
C GLY C 431 4.42 -36.82 11.65
N ASP C 432 4.56 -37.45 10.49
CA ASP C 432 3.74 -37.15 9.32
C ASP C 432 2.77 -38.31 9.11
N ASN C 433 1.49 -38.06 9.38
CA ASN C 433 0.44 -39.07 9.22
C ASN C 433 -0.44 -38.79 8.01
N ARG C 434 0.01 -37.94 7.10
CA ARG C 434 -0.77 -37.59 5.92
C ARG C 434 -0.79 -38.74 4.92
N SER C 435 -1.75 -38.68 4.00
CA SER C 435 -1.86 -39.68 2.94
C SER C 435 -0.75 -39.48 1.91
N PRO C 436 -0.46 -40.52 1.11
CA PRO C 436 0.58 -40.37 0.08
C PRO C 436 0.31 -39.26 -0.91
N GLU C 437 -0.95 -39.00 -1.27
CA GLU C 437 -1.25 -37.94 -2.23
C GLU C 437 -0.95 -36.57 -1.65
N ALA C 438 -1.44 -36.32 -0.43
CA ALA C 438 -1.16 -35.06 0.24
C ALA C 438 0.34 -34.83 0.39
N ARG C 439 1.08 -35.90 0.71
CA ARG C 439 2.54 -35.79 0.76
C ARG C 439 3.12 -35.49 -0.61
N ALA C 440 2.53 -36.06 -1.66
CA ALA C 440 2.98 -35.77 -3.02
C ALA C 440 2.71 -34.34 -3.42
N LYS C 441 1.81 -33.64 -2.73
CA LYS C 441 1.58 -32.23 -2.99
C LYS C 441 2.62 -31.30 -2.35
N ASP C 442 3.68 -31.84 -1.76
CA ASP C 442 4.65 -31.01 -1.05
C ASP C 442 5.50 -30.19 -2.03
N LEU C 443 6.03 -29.08 -1.53
CA LEU C 443 6.80 -28.14 -2.34
C LEU C 443 8.19 -27.93 -1.73
N PHE C 444 9.17 -27.69 -2.61
CA PHE C 444 10.54 -27.46 -2.20
C PHE C 444 10.86 -25.98 -2.32
N VAL C 445 11.34 -25.39 -1.22
CA VAL C 445 11.61 -23.96 -1.13
C VAL C 445 13.06 -23.79 -0.69
N ALA C 446 13.80 -22.93 -1.41
CA ALA C 446 15.17 -22.62 -1.07
C ALA C 446 15.43 -21.12 -1.19
N ASP C 447 14.47 -20.32 -0.71
CA ASP C 447 14.61 -18.87 -0.79
C ASP C 447 15.84 -18.44 -0.01
N PRO C 448 16.77 -17.68 -0.63
CA PRO C 448 18.04 -17.40 0.04
C PRO C 448 17.99 -16.30 1.07
N PHE C 449 16.96 -15.46 1.10
CA PHE C 449 16.95 -14.27 1.93
C PHE C 449 15.94 -14.36 3.08
N LEU C 450 15.64 -15.57 3.53
CA LEU C 450 14.74 -15.73 4.67
C LEU C 450 15.45 -15.35 5.96
N LYS C 451 14.69 -14.74 6.87
CA LYS C 451 15.20 -14.36 8.18
C LYS C 451 14.31 -14.95 9.27
N GLY C 452 14.88 -15.11 10.46
CA GLY C 452 14.15 -15.74 11.54
C GLY C 452 14.01 -17.23 11.32
N VAL C 453 12.92 -17.78 11.84
CA VAL C 453 12.60 -19.20 11.65
C VAL C 453 11.27 -19.41 10.95
N ASP C 454 10.53 -18.34 10.66
CA ASP C 454 9.29 -18.44 9.90
C ASP C 454 9.40 -17.58 8.65
N PHE C 455 8.51 -17.86 7.69
CA PHE C 455 8.62 -17.23 6.37
C PHE C 455 8.47 -15.72 6.44
N LYS C 456 7.75 -15.20 7.43
CA LYS C 456 7.48 -13.77 7.53
C LYS C 456 8.32 -13.07 8.58
N ASN C 457 9.21 -13.78 9.28
CA ASN C 457 10.12 -13.20 10.27
C ASN C 457 9.34 -12.45 11.37
N LYS C 458 8.24 -13.05 11.84
CA LYS C 458 7.46 -12.44 12.92
C LYS C 458 7.74 -13.03 14.28
N ILE C 459 8.21 -14.27 14.36
CA ILE C 459 8.55 -14.90 15.63
C ILE C 459 10.02 -14.61 15.89
N ASP C 460 10.29 -13.83 16.92
CA ASP C 460 11.66 -13.46 17.26
C ASP C 460 12.29 -14.57 18.11
N VAL C 461 13.36 -15.17 17.61
CA VAL C 461 14.07 -16.23 18.34
C VAL C 461 15.20 -15.70 19.19
N ILE C 462 15.47 -14.39 19.16
CA ILE C 462 16.49 -13.78 19.99
C ILE C 462 15.80 -13.09 21.16
N ALA C 463 16.21 -13.44 22.38
CA ALA C 463 15.71 -12.79 23.59
C ALA C 463 16.62 -11.66 24.04
N ARG C 464 17.88 -11.97 24.32
CA ARG C 464 18.86 -11.00 24.78
C ARG C 464 19.97 -10.86 23.74
N MET C 465 20.58 -9.68 23.69
CA MET C 465 21.72 -9.43 22.82
C MET C 465 22.69 -8.52 23.54
N ASP C 466 23.95 -8.95 23.62
CA ASP C 466 25.02 -8.16 24.22
C ASP C 466 26.11 -7.94 23.17
N VAL C 467 26.53 -6.69 23.02
CA VAL C 467 27.58 -6.32 22.08
C VAL C 467 28.76 -5.78 22.87
N ARG C 468 29.94 -6.33 22.61
CA ARG C 468 31.16 -5.94 23.30
C ARG C 468 32.15 -5.37 22.29
N PHE C 469 32.66 -4.18 22.58
CA PHE C 469 33.74 -3.58 21.82
C PHE C 469 35.01 -3.69 22.66
N GLY C 470 35.93 -4.55 22.24
CA GLY C 470 37.06 -4.87 23.10
C GLY C 470 36.57 -5.62 24.32
N ASN C 471 37.05 -5.20 25.50
CA ASN C 471 36.65 -5.85 26.74
C ASN C 471 35.33 -5.31 27.28
N GLU C 472 34.98 -4.07 26.98
CA GLU C 472 33.84 -3.41 27.61
C GLU C 472 32.54 -3.71 26.87
N VAL C 473 31.43 -3.50 27.59
CA VAL C 473 30.10 -3.69 27.02
C VAL C 473 29.73 -2.44 26.24
N LEU C 474 29.43 -2.61 24.95
CA LEU C 474 28.98 -1.50 24.12
C LEU C 474 27.47 -1.31 24.18
N TYR C 475 26.72 -2.40 24.19
CA TYR C 475 25.26 -2.34 24.24
C TYR C 475 24.73 -3.69 24.69
N SER C 476 23.72 -3.66 25.56
CA SER C 476 23.03 -4.86 26.01
C SER C 476 21.55 -4.57 26.13
N GLU C 477 20.72 -5.46 25.60
CA GLU C 477 19.28 -5.30 25.64
C GLU C 477 18.63 -6.63 26.00
N ASN C 478 17.50 -6.55 26.69
CA ASN C 478 16.71 -7.73 27.03
C ASN C 478 15.50 -7.92 26.14
N SER C 479 15.20 -6.96 25.27
CA SER C 479 14.08 -7.06 24.33
C SER C 479 14.56 -6.53 22.98
N ALA C 480 13.64 -6.43 22.02
CA ALA C 480 13.99 -6.01 20.67
C ALA C 480 13.94 -4.49 20.52
N VAL C 481 14.65 -3.78 21.39
CA VAL C 481 14.73 -2.32 21.30
C VAL C 481 15.41 -1.91 20.00
N SER C 482 16.52 -2.58 19.67
CA SER C 482 17.26 -2.24 18.46
C SER C 482 16.44 -2.51 17.20
N ARG C 483 15.58 -3.54 17.22
CA ARG C 483 14.71 -3.78 16.08
C ARG C 483 13.69 -2.66 15.90
N VAL C 484 13.12 -2.17 17.01
CA VAL C 484 12.20 -1.05 16.95
C VAL C 484 12.91 0.19 16.41
N PHE C 485 14.12 0.45 16.89
CA PHE C 485 14.87 1.60 16.41
C PHE C 485 15.23 1.46 14.94
N GLY C 486 15.54 0.24 14.50
CA GLY C 486 15.79 0.02 13.08
C GLY C 486 14.57 0.31 12.24
N GLU C 487 13.39 -0.10 12.72
CA GLU C 487 12.15 0.23 12.02
C GLU C 487 11.95 1.73 11.96
N ILE C 488 12.18 2.43 13.07
CA ILE C 488 11.92 3.87 13.13
C ILE C 488 12.89 4.64 12.24
N LEU C 489 14.15 4.24 12.24
CA LEU C 489 15.19 4.94 11.48
C LEU C 489 15.24 4.53 10.01
N GLY C 490 14.38 3.62 9.58
CA GLY C 490 14.36 3.23 8.18
C GLY C 490 15.48 2.30 7.77
N LYS C 491 15.98 1.48 8.68
CA LYS C 491 17.03 0.53 8.39
C LYS C 491 16.40 -0.78 7.90
N THR C 492 17.20 -1.84 7.84
CA THR C 492 16.72 -3.12 7.34
C THR C 492 15.53 -3.61 8.16
N PRO C 493 14.41 -3.93 7.53
CA PRO C 493 13.22 -4.34 8.29
C PRO C 493 13.44 -5.65 9.04
N GLY C 494 12.85 -5.74 10.22
CA GLY C 494 12.81 -6.98 10.98
C GLY C 494 14.14 -7.50 11.47
N VAL C 495 15.14 -6.65 11.64
CA VAL C 495 16.42 -7.06 12.20
C VAL C 495 16.82 -6.07 13.29
N ARG C 496 17.70 -6.52 14.17
CA ARG C 496 18.25 -5.65 15.21
C ARG C 496 19.43 -4.87 14.63
N THR C 497 19.36 -3.54 14.71
CA THR C 497 20.37 -2.68 14.11
C THR C 497 20.83 -1.65 15.13
N LEU C 498 22.14 -1.57 15.32
CA LEU C 498 22.77 -0.52 16.11
C LEU C 498 23.31 0.53 15.15
N GLN C 499 22.64 1.68 15.08
CA GLN C 499 23.04 2.76 14.18
C GLN C 499 24.02 3.68 14.89
N PHE C 500 25.18 3.90 14.27
CA PHE C 500 26.18 4.81 14.80
C PHE C 500 26.31 6.10 14.01
N ASN C 501 25.90 6.11 12.75
CA ASN C 501 26.02 7.28 11.89
C ASN C 501 24.67 7.96 11.75
N PHE C 502 24.60 9.22 12.20
CA PHE C 502 23.44 10.06 11.96
C PHE C 502 23.81 11.31 11.16
N THR C 503 25.00 11.34 10.59
CA THR C 503 25.51 12.50 9.87
C THR C 503 25.07 12.44 8.42
N PRO C 504 24.72 13.57 7.80
CA PRO C 504 24.34 13.55 6.38
C PRO C 504 25.48 13.08 5.49
N SER C 505 25.11 12.41 4.40
CA SER C 505 26.08 11.76 3.53
C SER C 505 26.59 12.71 2.44
N THR C 506 27.84 12.49 2.03
CA THR C 506 28.47 13.07 0.85
C THR C 506 28.80 14.54 1.03
N PHE C 507 28.31 15.14 2.12
CA PHE C 507 28.68 16.50 2.47
C PHE C 507 29.42 16.58 3.80
N PHE C 508 29.35 15.53 4.61
CA PHE C 508 30.21 15.35 5.78
C PHE C 508 30.85 13.98 5.68
N SER C 509 32.02 13.84 6.31
CA SER C 509 32.56 12.51 6.50
C SER C 509 31.67 11.75 7.49
N PRO C 510 31.51 10.45 7.30
CA PRO C 510 30.55 9.72 8.12
C PRO C 510 31.06 9.50 9.55
N THR C 511 30.12 9.57 10.50
CA THR C 511 30.41 9.24 11.88
C THR C 511 30.34 7.74 12.07
N ALA C 512 31.29 7.19 12.81
CA ALA C 512 31.36 5.75 12.97
C ALA C 512 31.90 5.40 14.35
N LEU C 513 31.58 4.19 14.79
CA LEU C 513 32.20 3.61 15.98
C LEU C 513 33.67 3.38 15.69
N ASN C 514 34.55 4.10 16.36
CA ASN C 514 35.96 4.12 16.04
C ASN C 514 36.76 3.29 17.04
N SER C 515 37.82 2.67 16.54
CA SER C 515 38.65 1.79 17.33
C SER C 515 39.61 2.58 18.22
N ASN C 516 40.04 1.93 19.30
CA ASN C 516 41.10 2.46 20.17
C ASN C 516 42.02 1.28 20.46
N VAL C 517 43.10 1.17 19.69
CA VAL C 517 43.99 0.02 19.78
C VAL C 517 44.66 -0.07 21.14
N SER C 518 44.94 1.08 21.77
CA SER C 518 45.61 1.08 23.06
C SER C 518 44.80 0.33 24.11
N ARG C 519 43.48 0.52 24.12
CA ARG C 519 42.61 -0.20 25.02
C ARG C 519 42.16 -1.55 24.48
N GLY C 520 42.61 -1.93 23.29
CA GLY C 520 42.17 -3.17 22.68
C GLY C 520 40.84 -3.11 21.99
N LYS C 521 40.25 -1.92 21.85
CA LYS C 521 38.95 -1.76 21.21
C LYS C 521 39.14 -1.83 19.70
N ASP C 522 39.20 -3.06 19.18
CA ASP C 522 39.26 -3.25 17.74
C ASP C 522 38.44 -4.43 17.25
N LYS C 523 37.67 -5.09 18.11
CA LYS C 523 36.88 -6.24 17.73
C LYS C 523 35.51 -6.15 18.36
N LEU C 524 34.49 -6.55 17.59
CA LEU C 524 33.12 -6.59 18.07
C LEU C 524 32.74 -8.04 18.36
N ALA C 525 32.20 -8.28 19.55
CA ALA C 525 31.71 -9.59 19.95
C ALA C 525 30.23 -9.48 20.27
N VAL C 526 29.42 -10.26 19.56
CA VAL C 526 27.97 -10.26 19.74
C VAL C 526 27.56 -11.61 20.31
N ARG C 527 26.80 -11.58 21.41
CA ARG C 527 26.26 -12.77 22.04
C ARG C 527 24.75 -12.62 22.13
N VAL C 528 24.03 -13.66 21.70
CA VAL C 528 22.58 -13.66 21.73
C VAL C 528 22.11 -14.88 22.51
N THR C 529 20.99 -14.72 23.21
CA THR C 529 20.32 -15.82 23.89
C THR C 529 19.02 -16.13 23.17
N THR C 530 18.76 -17.43 22.99
CA THR C 530 17.56 -17.86 22.29
C THR C 530 16.31 -17.57 23.13
N ALA C 531 15.27 -17.08 22.46
CA ALA C 531 14.01 -16.85 23.14
C ALA C 531 13.39 -18.18 23.57
N HIS C 532 12.74 -18.19 24.73
CA HIS C 532 12.17 -19.41 25.24
C HIS C 532 11.01 -19.88 24.36
N MET C 533 11.00 -21.17 24.08
CA MET C 533 9.94 -21.81 23.32
C MET C 533 9.53 -23.10 24.02
N GLU C 534 8.31 -23.55 23.75
CA GLU C 534 7.86 -24.82 24.28
C GLU C 534 8.70 -25.96 23.72
N ALA C 535 9.07 -26.89 24.59
CA ALA C 535 9.98 -27.96 24.20
C ALA C 535 9.34 -28.90 23.19
N HIS C 536 8.02 -28.97 23.15
CA HIS C 536 7.32 -29.80 22.17
C HIS C 536 7.03 -29.06 20.87
N ASN C 537 7.37 -27.79 20.78
CA ASN C 537 7.18 -27.03 19.56
C ASN C 537 8.22 -27.44 18.52
N PRO C 538 7.83 -27.97 17.36
CA PRO C 538 8.84 -28.32 16.35
C PRO C 538 9.65 -27.14 15.84
N LEU C 539 9.11 -25.92 15.93
CA LEU C 539 9.81 -24.74 15.43
C LEU C 539 11.10 -24.48 16.20
N MET C 540 11.22 -24.97 17.44
CA MET C 540 12.45 -24.79 18.20
C MET C 540 13.63 -25.51 17.53
N TYR C 541 13.37 -26.63 16.87
CA TYR C 541 14.42 -27.49 16.35
C TYR C 541 14.73 -27.22 14.89
N VAL C 542 14.17 -26.16 14.30
CA VAL C 542 14.54 -25.75 12.96
C VAL C 542 15.97 -25.18 13.02
N PRO C 543 16.90 -25.71 12.25
CA PRO C 543 18.28 -25.21 12.32
C PRO C 543 18.36 -23.74 11.91
N ARG C 544 19.26 -23.01 12.58
CA ARG C 544 19.38 -21.57 12.35
C ARG C 544 20.85 -21.17 12.41
N GLN C 545 21.15 -20.05 11.76
CA GLN C 545 22.50 -19.51 11.66
C GLN C 545 22.48 -18.03 12.01
N MET C 546 23.41 -17.63 12.87
CA MET C 546 23.49 -16.25 13.31
C MET C 546 24.28 -15.43 12.29
N VAL C 547 23.73 -14.27 11.90
CA VAL C 547 24.33 -13.40 10.92
C VAL C 547 24.61 -12.05 11.56
N VAL C 548 25.84 -11.55 11.39
CA VAL C 548 26.23 -10.24 11.87
C VAL C 548 26.75 -9.44 10.67
N VAL C 549 26.19 -8.25 10.48
CA VAL C 549 26.55 -7.38 9.37
C VAL C 549 27.15 -6.11 9.94
N CYS C 550 28.38 -5.80 9.54
CA CYS C 550 29.10 -4.62 10.00
C CYS C 550 29.38 -3.72 8.81
N ASN C 551 28.79 -2.53 8.80
CA ASN C 551 28.99 -1.57 7.73
C ASN C 551 30.20 -0.70 8.06
N GLU C 552 31.24 -0.78 7.23
CA GLU C 552 32.52 -0.16 7.53
C GLU C 552 32.83 0.94 6.53
N VAL C 553 33.54 1.96 7.00
CA VAL C 553 33.84 3.14 6.21
C VAL C 553 35.08 2.88 5.36
N TYR C 554 35.00 3.21 4.07
CA TYR C 554 36.12 3.13 3.16
C TYR C 554 36.34 4.50 2.53
N ARG C 555 37.61 4.83 2.27
CA ARG C 555 37.98 6.08 1.63
C ARG C 555 38.26 5.82 0.15
N LEU C 556 37.55 6.52 -0.72
CA LEU C 556 37.72 6.40 -2.16
C LEU C 556 38.61 7.53 -2.64
N SER C 557 39.77 7.18 -3.19
CA SER C 557 40.73 8.15 -3.71
C SER C 557 40.94 7.92 -5.20
N TYR C 558 41.06 9.01 -5.94
CA TYR C 558 41.22 8.95 -7.40
C TYR C 558 42.55 9.52 -7.87
N ASP C 559 43.52 9.71 -6.97
CA ASP C 559 44.81 10.27 -7.38
C ASP C 559 45.54 9.35 -8.34
N ALA C 560 45.57 8.04 -8.04
CA ALA C 560 46.24 7.05 -8.87
C ALA C 560 45.25 5.92 -9.15
N GLY C 561 44.50 6.05 -10.24
CA GLY C 561 43.45 5.10 -10.50
C GLY C 561 42.32 5.27 -9.48
N ILE C 562 41.59 4.18 -9.27
CA ILE C 562 40.54 4.13 -8.26
C ILE C 562 41.01 3.18 -7.16
N VAL C 563 41.14 3.70 -5.95
CA VAL C 563 41.62 2.94 -4.80
C VAL C 563 40.67 3.18 -3.64
N ALA C 564 40.09 2.12 -3.11
CA ALA C 564 39.28 2.17 -1.90
C ALA C 564 40.12 1.66 -0.74
N GLU C 565 40.35 2.52 0.25
CA GLU C 565 41.17 2.20 1.41
C GLU C 565 40.30 2.11 2.65
N LYS C 566 40.41 0.99 3.36
CA LYS C 566 39.68 0.82 4.60
C LYS C 566 40.14 1.85 5.62
N VAL C 567 39.19 2.57 6.20
CA VAL C 567 39.51 3.57 7.21
C VAL C 567 39.99 2.85 8.47
N THR C 568 41.23 3.11 8.87
CA THR C 568 41.82 2.48 10.04
C THR C 568 42.24 3.57 11.02
N ALA C 569 41.80 3.43 12.27
CA ALA C 569 42.17 4.33 13.37
C ALA C 569 41.84 5.79 13.05
N GLN C 570 40.75 6.01 12.32
CA GLN C 570 40.31 7.38 12.01
C GLN C 570 38.85 7.57 12.42
#